data_3IDE
#
_entry.id   3IDE
#
_cell.length_a   303.431
_cell.length_b   303.431
_cell.length_c   303.431
_cell.angle_alpha   90.000
_cell.angle_beta   90.000
_cell.angle_gamma   90.000
#
_symmetry.space_group_name_H-M   'I 2 3'
#
loop_
_entity.id
_entity.type
_entity.pdbx_description
1 polymer 'Capsid protein VP2'
2 non-polymer 'COBALT (II) ION'
3 non-polymer 'CHLORIDE ION'
4 water water
#
_entity_poly.entity_id   1
_entity_poly.type   'polypeptide(L)'
_entity_poly.pdbx_seq_one_letter_code
;MNTNKATATYLKSIMLPETGPASIPDDITERHILKQETSSYNLEVSESGSGVLVCFPGAPGSRIGAHYRWNANQTGLEFD
QWLETSQDLKKAFNYGRLISRKYDIQSSTLPAGLYALNGTLNAATFEGSLSEVESLTYNSLMSLTTNPQDKVNNQLVTKG
VTVLNLPTGFDKPYVRLEDETPQGLQSMNGAKMRCTAAIAPRRYEIDLPSQRLPPVPATGTLTTLYEGNADIVNSTTVTG
DINFSLAEQPADETKFDFQLDFMGLDNDVPVVTVVSSVLATNDNYRGVSAKMTQSIPTENITKPITRVKLSYKINQQTAI
GNVATLGTMGPASVSFSSGNGNVPGVLRPITLVAYEKMTPLSILTVAGVSNYELIPNPELLKNMVTRYGKYDPEGLNYAK
MILSHREELDIRTVWRTEEYKERTRVFNEITDFSSDLPTSKA
;
_entity_poly.pdbx_strand_id   A,B,C,D,E
#
loop_
_chem_comp.id
_chem_comp.type
_chem_comp.name
_chem_comp.formula
CL non-polymer 'CHLORIDE ION' 'Cl -1'
CO non-polymer 'COBALT (II) ION' 'Co 2'
#
# COMPACT_ATOMS: atom_id res chain seq x y z
N ALA A 6 30.29 -24.89 -7.37
CA ALA A 6 28.97 -25.09 -7.95
C ALA A 6 28.23 -26.26 -7.28
N THR A 7 28.11 -26.20 -5.96
CA THR A 7 27.49 -27.26 -5.18
C THR A 7 26.15 -26.84 -4.58
N ALA A 8 26.01 -25.53 -4.38
CA ALA A 8 24.79 -24.98 -3.78
C ALA A 8 23.57 -25.19 -4.67
N THR A 9 23.76 -25.87 -5.79
CA THR A 9 22.68 -26.06 -6.76
C THR A 9 21.49 -26.80 -6.15
N TYR A 10 21.76 -27.89 -5.45
CA TYR A 10 20.68 -28.67 -4.86
C TYR A 10 19.91 -27.82 -3.85
N LEU A 11 20.62 -27.24 -2.89
CA LEU A 11 19.98 -26.45 -1.85
C LEU A 11 19.17 -25.29 -2.43
N LYS A 12 19.70 -24.68 -3.49
CA LYS A 12 18.97 -23.57 -4.13
C LYS A 12 17.61 -24.04 -4.59
N SER A 13 17.55 -25.24 -5.18
CA SER A 13 16.30 -25.79 -5.66
C SER A 13 15.37 -26.07 -4.48
N ILE A 14 15.92 -26.55 -3.37
CA ILE A 14 15.12 -26.84 -2.18
C ILE A 14 14.46 -25.58 -1.63
N MET A 15 15.24 -24.51 -1.55
CA MET A 15 14.81 -23.25 -0.94
C MET A 15 14.03 -22.35 -1.89
N LEU A 16 14.43 -22.30 -3.15
CA LEU A 16 13.74 -21.50 -4.15
C LEU A 16 13.26 -22.39 -5.30
N PRO A 17 12.21 -23.18 -5.06
CA PRO A 17 11.69 -24.08 -6.10
C PRO A 17 11.28 -23.35 -7.39
N GLU A 18 10.87 -22.08 -7.27
CA GLU A 18 10.50 -21.29 -8.43
C GLU A 18 11.66 -21.27 -9.42
N THR A 19 12.88 -21.31 -8.88
CA THR A 19 14.10 -21.30 -9.66
C THR A 19 14.12 -22.34 -10.74
N GLY A 20 13.69 -23.55 -10.38
CA GLY A 20 13.75 -24.67 -11.28
C GLY A 20 14.44 -25.84 -10.62
N PRO A 21 14.48 -26.99 -11.30
CA PRO A 21 14.95 -28.29 -10.82
C PRO A 21 16.47 -28.41 -10.77
N ALA A 22 16.96 -29.22 -9.83
CA ALA A 22 18.34 -29.63 -9.79
C ALA A 22 18.38 -31.09 -9.41
N SER A 23 19.14 -31.89 -10.13
CA SER A 23 19.22 -33.31 -9.85
C SER A 23 19.59 -33.50 -8.37
N ILE A 24 19.02 -34.52 -7.74
CA ILE A 24 19.34 -34.81 -6.33
C ILE A 24 20.67 -35.56 -6.22
N PRO A 25 21.63 -34.95 -5.52
CA PRO A 25 23.04 -35.37 -5.44
C PRO A 25 23.28 -36.53 -4.48
N ASP A 26 22.41 -37.52 -4.50
CA ASP A 26 22.58 -38.67 -3.62
C ASP A 26 22.98 -39.96 -4.36
N ASP A 27 22.73 -41.10 -3.73
CA ASP A 27 23.21 -42.39 -4.19
C ASP A 27 22.29 -43.04 -5.22
N ILE A 28 21.14 -42.42 -5.47
CA ILE A 28 20.18 -42.97 -6.43
C ILE A 28 20.30 -42.32 -7.81
N THR A 29 21.49 -42.44 -8.40
CA THR A 29 21.75 -41.85 -9.69
C THR A 29 21.32 -42.74 -10.85
N GLU A 30 20.06 -42.57 -11.27
CA GLU A 30 19.56 -43.22 -12.47
C GLU A 30 19.52 -42.18 -13.58
N ARG A 31 19.53 -42.63 -14.83
CA ARG A 31 19.38 -41.72 -15.95
C ARG A 31 17.98 -41.11 -15.92
N HIS A 32 17.89 -39.78 -15.97
CA HIS A 32 16.59 -39.13 -15.83
C HIS A 32 16.39 -37.81 -16.59
N ILE A 33 15.26 -37.19 -16.30
CA ILE A 33 14.84 -35.92 -16.88
C ILE A 33 14.54 -34.95 -15.73
N LEU A 34 14.70 -33.66 -15.97
CA LEU A 34 14.33 -32.66 -14.99
C LEU A 34 13.15 -31.82 -15.50
N LYS A 35 12.08 -31.73 -14.73
CA LYS A 35 10.92 -30.97 -15.18
C LYS A 35 10.28 -30.18 -14.06
N GLN A 36 9.86 -28.95 -14.35
CA GLN A 36 9.15 -28.13 -13.38
C GLN A 36 7.66 -28.12 -13.69
N GLU A 37 6.85 -28.10 -12.65
CA GLU A 37 5.41 -28.16 -12.79
C GLU A 37 4.75 -27.01 -12.05
N THR A 38 3.84 -26.33 -12.74
CA THR A 38 3.12 -25.20 -12.15
C THR A 38 1.66 -25.55 -11.90
N SER A 39 1.21 -25.30 -10.69
CA SER A 39 -0.17 -25.57 -10.30
C SER A 39 -0.85 -24.26 -9.92
N SER A 40 -2.00 -23.99 -10.53
CA SER A 40 -2.72 -22.74 -10.27
C SER A 40 -4.14 -23.04 -9.76
N TYR A 41 -4.48 -22.47 -8.61
CA TYR A 41 -5.79 -22.72 -8.01
C TYR A 41 -6.45 -21.48 -7.41
N ASN A 42 -7.59 -21.12 -7.96
CA ASN A 42 -8.41 -20.03 -7.42
C ASN A 42 -9.64 -20.58 -6.71
N LEU A 43 -9.56 -20.68 -5.39
CA LEU A 43 -10.60 -21.32 -4.59
C LEU A 43 -11.63 -20.31 -4.09
N GLU A 44 -12.90 -20.72 -4.05
CA GLU A 44 -13.95 -19.85 -3.54
C GLU A 44 -14.26 -20.14 -2.09
N VAL A 45 -14.43 -19.09 -1.30
CA VAL A 45 -14.72 -19.23 0.12
C VAL A 45 -16.21 -19.32 0.36
N SER A 46 -16.63 -20.22 1.25
CA SER A 46 -18.04 -20.38 1.57
C SER A 46 -18.54 -19.26 2.49
N GLU A 47 -19.82 -19.30 2.84
CA GLU A 47 -20.41 -18.28 3.69
C GLU A 47 -19.66 -18.15 5.00
N SER A 48 -19.14 -19.27 5.49
CA SER A 48 -18.50 -19.31 6.81
C SER A 48 -17.15 -18.62 6.83
N GLY A 49 -16.59 -18.36 5.65
CA GLY A 49 -15.29 -17.73 5.54
C GLY A 49 -14.19 -18.57 6.16
N SER A 50 -14.49 -19.85 6.39
CA SER A 50 -13.53 -20.78 6.96
C SER A 50 -13.22 -21.92 6.00
N GLY A 51 -12.09 -22.59 6.24
CA GLY A 51 -11.66 -23.71 5.42
C GLY A 51 -10.31 -24.24 5.83
N VAL A 52 -9.98 -25.44 5.37
CA VAL A 52 -8.68 -26.02 5.64
C VAL A 52 -7.98 -26.43 4.35
N LEU A 53 -6.70 -26.11 4.27
CA LEU A 53 -5.90 -26.47 3.11
C LEU A 53 -4.91 -27.56 3.51
N VAL A 54 -4.97 -28.69 2.84
CA VAL A 54 -4.11 -29.83 3.18
C VAL A 54 -3.07 -30.05 2.09
N CYS A 55 -1.81 -29.82 2.43
CA CYS A 55 -0.72 -30.03 1.49
C CYS A 55 0.02 -31.34 1.77
N PHE A 56 0.50 -31.97 0.70
CA PHE A 56 1.35 -33.15 0.82
C PHE A 56 2.69 -32.77 0.23
N PRO A 57 3.40 -31.84 0.88
CA PRO A 57 4.58 -31.19 0.31
C PRO A 57 5.60 -32.16 -0.28
N GLY A 58 5.63 -33.40 0.19
CA GLY A 58 6.65 -34.35 -0.27
C GLY A 58 6.20 -35.36 -1.32
N ALA A 59 4.94 -35.23 -1.76
CA ALA A 59 4.33 -36.22 -2.65
C ALA A 59 4.93 -36.20 -4.06
N PRO A 60 5.35 -37.38 -4.54
CA PRO A 60 5.89 -37.58 -5.89
C PRO A 60 4.78 -37.54 -6.92
N GLY A 61 3.57 -37.89 -6.52
CA GLY A 61 2.45 -37.91 -7.45
C GLY A 61 2.13 -36.55 -8.03
N SER A 62 0.99 -36.46 -8.70
CA SER A 62 0.51 -35.18 -9.19
C SER A 62 -0.69 -34.70 -8.39
N ARG A 63 -0.99 -35.43 -7.31
CA ARG A 63 -1.94 -34.97 -6.29
C ARG A 63 -1.18 -34.37 -5.12
N ILE A 64 -1.13 -33.05 -5.03
CA ILE A 64 -0.26 -32.40 -4.06
C ILE A 64 -1.02 -31.72 -2.92
N GLY A 65 -2.34 -31.73 -2.98
CA GLY A 65 -3.13 -31.11 -1.93
C GLY A 65 -4.60 -31.50 -1.89
N ALA A 66 -5.36 -30.80 -1.06
CA ALA A 66 -6.78 -31.05 -0.93
C ALA A 66 -7.40 -29.87 -0.20
N HIS A 67 -8.55 -29.40 -0.69
CA HIS A 67 -9.20 -28.25 -0.08
C HIS A 67 -10.50 -28.65 0.59
N TYR A 68 -10.66 -28.24 1.84
CA TYR A 68 -11.89 -28.48 2.59
C TYR A 68 -12.53 -27.15 2.97
N ARG A 69 -13.86 -27.14 3.12
CA ARG A 69 -14.57 -25.94 3.55
C ARG A 69 -15.37 -26.24 4.82
N TRP A 70 -15.56 -25.21 5.64
CA TRP A 70 -16.46 -25.33 6.77
C TRP A 70 -17.87 -24.93 6.34
N ASN A 71 -18.85 -25.76 6.67
CA ASN A 71 -20.24 -25.37 6.42
C ASN A 71 -20.59 -24.18 7.32
N ALA A 72 -21.51 -23.33 6.86
CA ALA A 72 -21.82 -22.08 7.54
C ALA A 72 -21.96 -22.23 9.07
N ASN A 73 -22.24 -23.46 9.50
CA ASN A 73 -22.51 -23.71 10.92
C ASN A 73 -21.27 -24.10 11.71
N GLN A 74 -20.12 -24.19 11.04
CA GLN A 74 -18.88 -24.62 11.69
C GLN A 74 -19.06 -26.00 12.34
N THR A 75 -19.95 -26.80 11.76
CA THR A 75 -20.27 -28.11 12.29
C THR A 75 -19.28 -29.17 11.80
N GLY A 76 -19.02 -29.17 10.50
CA GLY A 76 -18.10 -30.11 9.90
C GLY A 76 -17.49 -29.56 8.63
N LEU A 77 -16.72 -30.39 7.93
CA LEU A 77 -16.07 -29.96 6.70
C LEU A 77 -16.78 -30.50 5.46
N GLU A 78 -16.61 -29.80 4.35
CA GLU A 78 -17.15 -30.24 3.08
C GLU A 78 -16.01 -30.27 2.06
N PHE A 79 -15.68 -31.46 1.59
CA PHE A 79 -14.61 -31.62 0.63
C PHE A 79 -14.90 -30.85 -0.65
N ASP A 80 -13.92 -30.11 -1.14
CA ASP A 80 -14.07 -29.34 -2.36
C ASP A 80 -13.47 -30.07 -3.56
N GLN A 81 -12.15 -30.22 -3.55
CA GLN A 81 -11.45 -30.81 -4.67
C GLN A 81 -10.01 -31.18 -4.31
N TRP A 82 -9.41 -32.03 -5.13
CA TRP A 82 -7.98 -32.29 -4.99
C TRP A 82 -7.20 -31.09 -5.51
N LEU A 83 -6.00 -30.89 -4.99
CA LEU A 83 -5.07 -29.95 -5.59
C LEU A 83 -4.05 -30.72 -6.41
N GLU A 84 -4.18 -30.67 -7.73
CA GLU A 84 -3.32 -31.44 -8.60
C GLU A 84 -2.40 -30.56 -9.42
N THR A 85 -1.62 -31.17 -10.30
CA THR A 85 -0.72 -30.45 -11.17
C THR A 85 -1.42 -30.15 -12.48
N SER A 86 -1.13 -29.00 -13.06
CA SER A 86 -1.70 -28.64 -14.35
C SER A 86 -1.61 -29.83 -15.29
N GLN A 87 -0.47 -30.51 -15.23
CA GLN A 87 -0.16 -31.59 -16.14
C GLN A 87 -0.30 -32.93 -15.42
N ASP A 88 -0.94 -33.90 -16.08
CA ASP A 88 -1.02 -35.27 -15.56
C ASP A 88 0.27 -35.99 -15.92
N LEU A 89 1.16 -36.15 -14.94
CA LEU A 89 2.51 -36.65 -15.21
C LEU A 89 2.54 -38.08 -15.72
N LYS A 90 1.56 -38.88 -15.30
CA LYS A 90 1.54 -40.31 -15.64
C LYS A 90 1.25 -40.58 -17.11
N LYS A 91 0.95 -39.54 -17.86
CA LYS A 91 0.69 -39.69 -19.29
C LYS A 91 1.99 -39.56 -20.08
N ALA A 92 3.03 -39.06 -19.43
CA ALA A 92 4.29 -38.82 -20.10
C ALA A 92 5.48 -39.50 -19.41
N PHE A 93 5.32 -39.85 -18.14
CA PHE A 93 6.43 -40.45 -17.40
C PHE A 93 5.97 -41.64 -16.57
N ASN A 94 6.86 -42.61 -16.38
CA ASN A 94 6.54 -43.81 -15.62
C ASN A 94 7.09 -43.79 -14.19
N TYR A 95 8.17 -43.04 -13.99
CA TYR A 95 8.83 -43.00 -12.68
C TYR A 95 9.18 -41.58 -12.25
N GLY A 96 9.14 -41.29 -10.94
CA GLY A 96 9.53 -39.97 -10.46
C GLY A 96 9.89 -39.84 -8.98
N ARG A 97 10.81 -38.92 -8.67
CA ARG A 97 11.09 -38.52 -7.30
C ARG A 97 10.79 -37.03 -7.22
N LEU A 98 10.49 -36.53 -6.03
CA LEU A 98 10.26 -35.10 -5.88
C LEU A 98 11.51 -34.40 -5.38
N ILE A 99 11.99 -33.44 -6.16
CA ILE A 99 13.18 -32.69 -5.79
C ILE A 99 12.86 -31.60 -4.77
N SER A 100 11.90 -30.74 -5.09
CA SER A 100 11.52 -29.65 -4.20
C SER A 100 10.18 -29.05 -4.60
N ARG A 101 9.46 -28.47 -3.64
CA ARG A 101 8.13 -27.94 -3.90
C ARG A 101 7.84 -26.73 -3.03
N LYS A 102 6.90 -25.89 -3.46
CA LYS A 102 6.53 -24.70 -2.72
C LYS A 102 5.12 -24.23 -3.06
N TYR A 103 4.29 -24.04 -2.04
CA TYR A 103 2.96 -23.46 -2.19
C TYR A 103 2.97 -21.99 -1.79
N ASP A 104 2.32 -21.15 -2.58
CA ASP A 104 2.16 -19.74 -2.22
C ASP A 104 0.68 -19.46 -2.04
N ILE A 105 0.29 -19.16 -0.80
CA ILE A 105 -1.12 -18.98 -0.47
C ILE A 105 -1.45 -17.58 0.01
N GLN A 106 -2.34 -16.91 -0.70
CA GLN A 106 -2.83 -15.59 -0.32
C GLN A 106 -4.17 -15.29 -0.98
N SER A 107 -4.70 -14.10 -0.73
CA SER A 107 -5.96 -13.68 -1.34
C SER A 107 -5.68 -12.76 -2.53
N SER A 108 -6.34 -13.05 -3.65
CA SER A 108 -6.22 -12.21 -4.84
C SER A 108 -7.44 -11.30 -4.99
N THR A 109 -7.99 -10.88 -3.86
CA THR A 109 -9.07 -9.90 -3.85
C THR A 109 -8.61 -8.67 -3.09
N ASN A 118 -9.73 -8.77 4.52
CA ASN A 118 -10.23 -9.27 5.80
C ASN A 118 -10.11 -10.80 5.93
N GLY A 119 -9.23 -11.27 6.82
CA GLY A 119 -9.04 -12.69 7.05
C GLY A 119 -7.64 -13.06 7.52
N THR A 120 -7.53 -14.18 8.24
CA THR A 120 -6.24 -14.66 8.75
C THR A 120 -5.91 -16.11 8.38
N LEU A 121 -4.67 -16.52 8.65
CA LEU A 121 -4.20 -17.86 8.31
C LEU A 121 -3.39 -18.52 9.44
N ASN A 122 -3.72 -19.78 9.74
CA ASN A 122 -2.89 -20.61 10.62
C ASN A 122 -2.28 -21.75 9.83
N ALA A 123 -1.00 -22.01 10.05
CA ALA A 123 -0.31 -23.04 9.28
C ALA A 123 0.70 -23.83 10.12
N ALA A 124 0.65 -25.15 10.02
CA ALA A 124 1.56 -26.01 10.75
C ALA A 124 1.87 -27.30 9.98
N THR A 125 3.13 -27.73 10.06
CA THR A 125 3.57 -28.95 9.41
C THR A 125 3.53 -30.11 10.40
N PHE A 126 2.57 -30.99 10.20
CA PHE A 126 2.38 -32.16 11.05
C PHE A 126 3.23 -33.32 10.52
N GLU A 127 3.96 -33.99 11.41
CA GLU A 127 4.89 -35.01 10.97
C GLU A 127 4.28 -36.40 10.96
N GLY A 128 3.04 -36.49 10.50
CA GLY A 128 2.33 -37.76 10.37
C GLY A 128 1.29 -37.69 9.26
N SER A 129 0.42 -38.69 9.18
CA SER A 129 -0.59 -38.76 8.13
C SER A 129 -1.78 -37.88 8.46
N LEU A 130 -2.63 -37.63 7.46
CA LEU A 130 -3.81 -36.78 7.64
C LEU A 130 -4.79 -37.31 8.69
N SER A 131 -4.97 -38.62 8.73
CA SER A 131 -5.91 -39.23 9.65
C SER A 131 -5.39 -39.23 11.08
N GLU A 132 -4.09 -39.03 11.23
CA GLU A 132 -3.47 -39.07 12.55
C GLU A 132 -3.61 -37.75 13.29
N VAL A 133 -4.27 -36.79 12.64
CA VAL A 133 -4.55 -35.48 13.24
C VAL A 133 -5.76 -35.55 14.18
N GLU A 134 -5.60 -35.08 15.41
CA GLU A 134 -6.68 -35.14 16.40
C GLU A 134 -7.83 -34.21 16.05
N SER A 135 -7.50 -32.94 15.79
CA SER A 135 -8.52 -31.95 15.49
C SER A 135 -8.07 -31.02 14.36
N LEU A 136 -9.03 -30.49 13.60
CA LEU A 136 -8.73 -29.57 12.51
C LEU A 136 -9.25 -28.15 12.78
N THR A 137 -9.51 -27.84 14.04
CA THR A 137 -9.88 -26.49 14.43
C THR A 137 -8.81 -25.53 13.93
N TYR A 138 -9.22 -24.34 13.54
CA TYR A 138 -8.26 -23.31 13.14
C TYR A 138 -7.20 -23.13 14.21
N ASN A 139 -7.63 -23.17 15.47
CA ASN A 139 -6.73 -22.92 16.60
C ASN A 139 -5.92 -24.12 16.99
N SER A 140 -6.42 -25.32 16.67
CA SER A 140 -5.78 -26.56 17.11
C SER A 140 -4.60 -26.97 16.23
N LEU A 141 -4.43 -26.29 15.10
CA LEU A 141 -3.29 -26.54 14.23
C LEU A 141 -1.98 -26.25 14.95
N MET A 142 -2.01 -25.25 15.83
CA MET A 142 -0.80 -24.78 16.51
C MET A 142 -0.17 -25.79 17.47
N SER A 143 -0.89 -26.88 17.74
CA SER A 143 -0.38 -27.91 18.63
C SER A 143 -0.16 -29.22 17.89
N LEU A 144 0.06 -29.13 16.58
CA LEU A 144 0.39 -30.29 15.76
C LEU A 144 1.89 -30.52 15.78
N THR A 145 2.64 -29.48 16.16
CA THR A 145 4.09 -29.58 16.24
C THR A 145 4.61 -28.53 17.21
N THR A 146 5.78 -28.78 17.80
CA THR A 146 6.36 -27.80 18.72
C THR A 146 7.47 -27.01 18.05
N ASN A 147 8.12 -27.61 17.05
CA ASN A 147 9.18 -26.92 16.30
C ASN A 147 8.70 -25.55 15.88
N PRO A 148 9.30 -24.49 16.43
CA PRO A 148 8.86 -23.14 16.11
C PRO A 148 8.80 -22.88 14.60
N GLN A 149 9.79 -23.37 13.86
CA GLN A 149 9.85 -23.11 12.42
C GLN A 149 9.03 -24.08 11.58
N ASP A 150 8.05 -24.74 12.21
CA ASP A 150 7.15 -25.63 11.48
C ASP A 150 5.72 -25.14 11.61
N LYS A 151 5.55 -23.94 12.14
CA LYS A 151 4.22 -23.34 12.25
C LYS A 151 4.25 -21.82 12.15
N VAL A 152 3.09 -21.25 11.82
CA VAL A 152 2.91 -19.80 11.70
C VAL A 152 1.48 -19.47 12.11
N ASN A 153 1.33 -18.52 13.03
CA ASN A 153 -0.01 -18.19 13.54
C ASN A 153 -0.49 -16.78 13.21
N ASN A 154 -1.79 -16.66 12.97
CA ASN A 154 -2.43 -15.39 12.65
C ASN A 154 -1.65 -14.52 11.67
N GLN A 155 -1.42 -15.06 10.48
CA GLN A 155 -0.84 -14.30 9.38
C GLN A 155 -1.96 -13.77 8.50
N LEU A 156 -1.93 -12.48 8.21
CA LEU A 156 -2.97 -11.87 7.38
C LEU A 156 -3.04 -12.53 6.01
N VAL A 157 -4.24 -12.85 5.55
CA VAL A 157 -4.42 -13.50 4.26
C VAL A 157 -3.87 -12.62 3.14
N THR A 158 -3.85 -11.31 3.38
CA THR A 158 -3.32 -10.37 2.41
C THR A 158 -1.83 -10.56 2.23
N LYS A 159 -1.11 -10.70 3.34
CA LYS A 159 0.35 -10.87 3.32
C LYS A 159 0.76 -12.24 2.81
N GLY A 160 -0.01 -13.27 3.18
CA GLY A 160 0.19 -14.59 2.63
C GLY A 160 1.09 -15.52 3.42
N VAL A 161 0.90 -16.81 3.22
CA VAL A 161 1.73 -17.83 3.85
C VAL A 161 2.40 -18.66 2.77
N THR A 162 3.68 -18.97 2.94
CA THR A 162 4.40 -19.80 2.00
C THR A 162 4.71 -21.17 2.60
N VAL A 163 4.42 -22.23 1.84
CA VAL A 163 4.70 -23.60 2.30
C VAL A 163 5.87 -24.18 1.52
N LEU A 164 6.99 -24.40 2.20
CA LEU A 164 8.19 -24.95 1.58
C LEU A 164 8.37 -26.40 2.00
N ASN A 165 8.76 -27.25 1.07
CA ASN A 165 9.04 -28.64 1.45
C ASN A 165 10.50 -28.80 1.79
N LEU A 166 10.77 -29.07 3.05
CA LEU A 166 12.12 -29.43 3.49
C LEU A 166 12.26 -30.93 3.44
N PRO A 167 13.26 -31.43 2.69
CA PRO A 167 13.43 -32.86 2.43
C PRO A 167 13.17 -33.67 3.67
N THR A 168 12.31 -34.68 3.54
CA THR A 168 12.09 -35.59 4.64
C THR A 168 12.88 -36.86 4.37
N GLY A 169 14.20 -36.71 4.31
CA GLY A 169 15.09 -37.80 4.02
C GLY A 169 15.54 -37.78 2.57
N PHE A 170 16.76 -38.26 2.34
CA PHE A 170 17.27 -38.37 0.97
C PHE A 170 17.33 -39.85 0.57
N ASP A 171 17.96 -40.13 -0.57
CA ASP A 171 18.08 -41.50 -1.05
C ASP A 171 16.74 -42.20 -1.19
N LYS A 172 15.69 -41.44 -1.48
CA LYS A 172 14.36 -42.02 -1.68
C LYS A 172 14.22 -42.52 -3.11
N PRO A 173 13.50 -43.64 -3.28
CA PRO A 173 13.49 -44.35 -4.55
C PRO A 173 12.52 -43.74 -5.56
N TYR A 174 12.81 -43.97 -6.85
CA TYR A 174 11.88 -43.60 -7.89
C TYR A 174 10.61 -44.42 -7.69
N VAL A 175 9.52 -43.71 -7.41
CA VAL A 175 8.21 -44.32 -7.32
C VAL A 175 7.65 -44.49 -8.73
N ARG A 176 6.82 -45.51 -8.93
CA ARG A 176 6.13 -45.66 -10.20
C ARG A 176 4.87 -44.79 -10.19
N LEU A 177 4.80 -43.81 -11.09
CA LEU A 177 3.57 -43.07 -11.29
C LEU A 177 2.62 -44.08 -11.88
N GLU A 178 1.32 -43.83 -11.89
CA GLU A 178 0.41 -44.89 -12.28
C GLU A 178 -0.05 -44.81 -13.74
N ASP A 179 0.86 -45.14 -14.65
CA ASP A 179 0.58 -45.05 -16.08
C ASP A 179 -0.30 -46.18 -16.58
N GLU A 180 -0.99 -45.94 -17.69
CA GLU A 180 -1.84 -46.94 -18.33
C GLU A 180 -1.01 -47.74 -19.33
N THR A 181 -1.27 -49.03 -19.44
CA THR A 181 -0.49 -49.90 -20.31
C THR A 181 -1.13 -50.05 -21.68
N PRO A 182 -0.31 -50.31 -22.71
CA PRO A 182 -0.80 -50.68 -24.03
C PRO A 182 -1.84 -51.79 -23.94
N GLN A 183 -2.92 -51.68 -24.71
CA GLN A 183 -3.98 -52.67 -24.66
C GLN A 183 -4.12 -53.44 -25.96
N GLY A 184 -4.96 -54.46 -25.94
CA GLY A 184 -5.44 -55.11 -27.15
C GLY A 184 -6.79 -54.49 -27.47
N LEU A 185 -7.25 -54.68 -28.71
CA LEU A 185 -8.50 -54.05 -29.12
C LEU A 185 -9.74 -54.80 -28.62
N GLN A 186 -9.59 -56.11 -28.40
CA GLN A 186 -10.70 -56.94 -28.00
C GLN A 186 -11.05 -56.75 -26.53
N SER A 187 -10.62 -55.63 -25.97
CA SER A 187 -10.85 -55.35 -24.55
C SER A 187 -12.20 -54.70 -24.32
N MET A 188 -12.75 -54.90 -23.12
CA MET A 188 -13.96 -54.21 -22.71
C MET A 188 -13.84 -52.73 -23.00
N ASN A 189 -14.97 -52.06 -23.20
CA ASN A 189 -14.97 -50.61 -23.31
C ASN A 189 -14.90 -49.99 -21.93
N GLY A 190 -13.80 -49.31 -21.65
CA GLY A 190 -13.64 -48.65 -20.37
C GLY A 190 -12.66 -49.37 -19.47
N ALA A 191 -12.32 -50.60 -19.84
CA ALA A 191 -11.37 -51.37 -19.05
C ALA A 191 -9.94 -51.05 -19.48
N LYS A 192 -9.06 -50.93 -18.48
CA LYS A 192 -7.66 -50.64 -18.72
C LYS A 192 -6.83 -51.25 -17.61
N MET A 193 -5.56 -51.50 -17.87
CA MET A 193 -4.67 -52.00 -16.84
C MET A 193 -3.54 -51.00 -16.65
N ARG A 194 -3.19 -50.73 -15.40
CA ARG A 194 -2.10 -49.80 -15.11
C ARG A 194 -1.02 -50.39 -14.19
N CYS A 195 0.20 -49.89 -14.35
CA CYS A 195 1.32 -50.31 -13.52
C CYS A 195 1.36 -49.40 -12.30
N THR A 196 0.83 -49.87 -11.18
CA THR A 196 0.53 -48.98 -10.06
C THR A 196 1.64 -48.85 -9.04
N ALA A 197 1.40 -47.97 -8.07
CA ALA A 197 2.31 -47.78 -6.95
C ALA A 197 2.44 -49.09 -6.19
N ALA A 198 3.67 -49.54 -6.00
CA ALA A 198 3.89 -50.86 -5.42
C ALA A 198 4.88 -50.84 -4.29
N ILE A 199 5.94 -50.05 -4.46
CA ILE A 199 7.08 -50.00 -3.54
C ILE A 199 6.75 -49.56 -2.10
N ALA A 200 7.34 -50.23 -1.12
CA ALA A 200 7.25 -49.81 0.29
C ALA A 200 5.86 -49.32 0.68
N PRO A 201 4.90 -50.25 0.77
CA PRO A 201 3.50 -49.98 1.06
C PRO A 201 3.25 -49.68 2.54
N ARG A 202 2.14 -49.00 2.83
CA ARG A 202 1.66 -48.83 4.20
C ARG A 202 0.52 -49.82 4.41
N ARG A 203 0.60 -50.59 5.49
CA ARG A 203 -0.37 -51.66 5.70
C ARG A 203 -1.06 -51.56 7.05
N TYR A 204 -2.37 -51.36 7.00
CA TYR A 204 -3.22 -51.34 8.20
C TYR A 204 -3.90 -52.71 8.35
N GLU A 205 -4.13 -53.15 9.57
CA GLU A 205 -4.87 -54.39 9.78
C GLU A 205 -5.91 -54.24 10.89
N ILE A 206 -7.06 -54.87 10.68
CA ILE A 206 -8.17 -54.84 11.62
C ILE A 206 -8.27 -56.17 12.37
N ASP A 207 -8.04 -56.15 13.68
CA ASP A 207 -7.96 -57.38 14.46
C ASP A 207 -9.18 -57.61 15.32
N LEU A 208 -10.01 -58.55 14.90
CA LEU A 208 -11.21 -58.92 15.63
C LEU A 208 -10.92 -60.04 16.61
N PRO A 209 -11.40 -59.88 17.86
CA PRO A 209 -11.16 -60.83 18.96
C PRO A 209 -11.76 -62.17 18.62
N SER A 210 -11.23 -63.24 19.21
CA SER A 210 -11.79 -64.57 18.98
C SER A 210 -13.05 -64.81 19.81
N GLN A 211 -13.99 -63.87 19.73
CA GLN A 211 -15.27 -63.98 20.44
C GLN A 211 -16.44 -63.70 19.51
N ARG A 212 -17.62 -63.51 20.09
CA ARG A 212 -18.85 -63.47 19.29
C ARG A 212 -19.14 -62.12 18.66
N LEU A 213 -19.68 -62.14 17.45
CA LEU A 213 -20.11 -60.93 16.76
C LEU A 213 -21.27 -60.30 17.53
N PRO A 214 -21.23 -58.97 17.71
CA PRO A 214 -22.38 -58.29 18.30
C PRO A 214 -23.63 -58.58 17.49
N PRO A 215 -24.78 -58.72 18.17
CA PRO A 215 -26.02 -59.17 17.54
C PRO A 215 -26.71 -58.07 16.76
N VAL A 216 -27.22 -58.40 15.58
CA VAL A 216 -27.97 -57.45 14.78
C VAL A 216 -29.27 -57.06 15.45
N PRO A 217 -29.59 -55.76 15.45
CA PRO A 217 -30.89 -55.27 15.97
C PRO A 217 -32.05 -55.78 15.12
N ALA A 218 -31.80 -56.00 13.83
CA ALA A 218 -32.83 -56.44 12.90
C ALA A 218 -32.26 -57.01 11.61
N THR A 219 -33.10 -57.67 10.82
CA THR A 219 -32.69 -58.24 9.55
C THR A 219 -32.38 -57.16 8.51
N GLY A 220 -31.30 -57.34 7.78
CA GLY A 220 -30.93 -56.41 6.72
C GLY A 220 -30.40 -55.08 7.23
N THR A 221 -30.13 -55.03 8.54
CA THR A 221 -29.57 -53.84 9.16
C THR A 221 -28.08 -54.01 9.43
N LEU A 222 -27.30 -52.96 9.16
CA LEU A 222 -25.85 -53.01 9.32
C LEU A 222 -25.41 -52.75 10.76
N THR A 223 -24.70 -53.72 11.33
CA THR A 223 -24.13 -53.58 12.66
C THR A 223 -22.61 -53.45 12.58
N THR A 224 -22.07 -52.36 13.09
CA THR A 224 -20.63 -52.09 12.97
C THR A 224 -19.81 -52.95 13.93
N LEU A 225 -18.64 -53.39 13.46
CA LEU A 225 -17.73 -54.21 14.24
C LEU A 225 -16.49 -53.40 14.64
N TYR A 226 -15.97 -52.62 13.69
CA TYR A 226 -14.85 -51.73 13.97
C TYR A 226 -14.93 -50.44 13.16
N GLU A 227 -14.59 -49.33 13.82
CA GLU A 227 -14.41 -48.06 13.15
C GLU A 227 -13.16 -47.41 13.70
N GLY A 228 -12.34 -46.82 12.83
CA GLY A 228 -11.08 -46.25 13.25
C GLY A 228 -10.43 -45.43 12.15
N ASN A 229 -9.27 -44.85 12.47
CA ASN A 229 -8.56 -43.99 11.53
C ASN A 229 -7.53 -44.74 10.69
N ALA A 230 -7.44 -44.38 9.42
CA ALA A 230 -6.47 -44.97 8.50
C ALA A 230 -6.36 -44.14 7.24
N ASP A 231 -5.18 -44.13 6.63
CA ASP A 231 -4.92 -43.28 5.47
C ASP A 231 -4.70 -44.05 4.19
N ILE A 232 -5.64 -43.91 3.26
CA ILE A 232 -5.46 -44.42 1.91
C ILE A 232 -5.54 -43.27 0.96
N VAL A 233 -4.66 -43.25 -0.04
CA VAL A 233 -4.60 -42.13 -0.95
C VAL A 233 -4.40 -42.59 -2.40
N ASN A 234 -3.98 -43.84 -2.57
CA ASN A 234 -3.91 -44.45 -3.89
C ASN A 234 -4.27 -45.93 -3.85
N SER A 235 -3.98 -46.64 -4.94
CA SER A 235 -4.43 -48.03 -5.10
C SER A 235 -4.16 -48.88 -3.86
N THR A 236 -5.16 -49.65 -3.46
CA THR A 236 -5.08 -50.49 -2.26
C THR A 236 -5.44 -51.95 -2.53
N THR A 237 -4.85 -52.86 -1.76
CA THR A 237 -5.17 -54.28 -1.87
C THR A 237 -5.63 -54.81 -0.53
N VAL A 238 -6.82 -55.40 -0.51
CA VAL A 238 -7.37 -55.97 0.72
C VAL A 238 -7.23 -57.49 0.76
N THR A 239 -6.65 -58.00 1.84
CA THR A 239 -6.55 -59.43 2.06
C THR A 239 -7.01 -59.75 3.47
N GLY A 240 -7.86 -60.75 3.60
CA GLY A 240 -8.38 -61.10 4.91
C GLY A 240 -9.25 -62.32 4.92
N ASP A 241 -9.62 -62.77 6.12
CA ASP A 241 -10.49 -63.93 6.29
C ASP A 241 -11.31 -63.75 7.56
N ILE A 242 -12.42 -63.02 7.44
CA ILE A 242 -13.35 -62.90 8.55
C ILE A 242 -14.16 -64.19 8.66
N ASN A 243 -13.71 -65.09 9.54
CA ASN A 243 -14.34 -66.38 9.72
C ASN A 243 -15.06 -66.44 11.04
N PHE A 244 -15.97 -67.41 11.17
CA PHE A 244 -16.75 -67.59 12.39
C PHE A 244 -17.48 -68.93 12.36
N SER A 245 -18.05 -69.30 13.51
CA SER A 245 -18.87 -70.49 13.61
C SER A 245 -20.15 -70.17 14.38
N LEU A 246 -21.27 -70.72 13.90
CA LEU A 246 -22.54 -70.54 14.59
C LEU A 246 -22.72 -71.63 15.63
N ALA A 247 -23.48 -71.34 16.68
CA ALA A 247 -23.67 -72.28 17.77
C ALA A 247 -24.61 -73.41 17.39
N GLU A 248 -25.60 -73.10 16.56
CA GLU A 248 -26.59 -74.08 16.15
C GLU A 248 -26.68 -74.15 14.64
N GLN A 249 -27.07 -75.30 14.11
CA GLN A 249 -27.39 -75.41 12.69
C GLN A 249 -28.41 -74.35 12.33
N PRO A 250 -28.10 -73.52 11.33
CA PRO A 250 -29.01 -72.45 10.90
C PRO A 250 -30.38 -73.02 10.52
N ALA A 251 -31.44 -72.52 11.15
CA ALA A 251 -32.78 -72.97 10.84
C ALA A 251 -33.02 -72.81 9.34
N ASP A 252 -32.63 -71.66 8.81
CA ASP A 252 -32.69 -71.40 7.38
C ASP A 252 -31.31 -70.91 6.94
N GLU A 253 -30.92 -71.27 5.72
CA GLU A 253 -29.67 -70.79 5.17
C GLU A 253 -29.68 -69.27 5.15
N THR A 254 -28.82 -68.65 5.96
CA THR A 254 -28.77 -67.19 6.03
C THR A 254 -27.54 -66.60 5.35
N LYS A 255 -27.71 -65.38 4.85
CA LYS A 255 -26.66 -64.70 4.08
C LYS A 255 -25.97 -63.65 4.95
N PHE A 256 -24.71 -63.90 5.29
CA PHE A 256 -23.89 -62.93 6.01
C PHE A 256 -23.19 -61.99 5.05
N ASP A 257 -23.39 -60.70 5.22
CA ASP A 257 -22.73 -59.68 4.39
C ASP A 257 -21.74 -58.89 5.23
N PHE A 258 -20.51 -58.72 4.72
CA PHE A 258 -19.53 -57.91 5.40
C PHE A 258 -19.12 -56.71 4.55
N GLN A 259 -19.39 -55.51 5.06
CA GLN A 259 -19.08 -54.26 4.37
C GLN A 259 -17.85 -53.57 4.95
N LEU A 260 -16.88 -53.29 4.09
CA LEU A 260 -15.74 -52.48 4.47
C LEU A 260 -15.94 -51.10 3.87
N ASP A 261 -16.09 -50.10 4.73
CA ASP A 261 -16.36 -48.74 4.27
C ASP A 261 -15.15 -47.82 4.45
N PHE A 262 -14.85 -47.04 3.43
CA PHE A 262 -13.77 -46.06 3.50
C PHE A 262 -14.33 -44.65 3.38
N MET A 263 -14.30 -43.90 4.48
CA MET A 263 -14.85 -42.54 4.45
C MET A 263 -13.76 -41.50 4.59
N GLY A 264 -14.10 -40.26 4.24
CA GLY A 264 -13.16 -39.15 4.37
C GLY A 264 -13.33 -38.41 5.68
N LEU A 265 -12.79 -37.19 5.75
CA LEU A 265 -12.89 -36.35 6.94
C LEU A 265 -14.33 -36.01 7.25
N ASP A 266 -15.17 -36.06 6.23
CA ASP A 266 -16.50 -35.49 6.29
C ASP A 266 -17.65 -36.47 6.03
N ASN A 267 -18.80 -36.15 6.59
CA ASN A 267 -20.10 -36.69 6.18
C ASN A 267 -20.30 -38.21 6.11
N ASP A 268 -19.37 -39.00 6.64
CA ASP A 268 -19.58 -40.45 6.74
C ASP A 268 -19.98 -41.15 5.43
N VAL A 269 -19.99 -40.42 4.32
CA VAL A 269 -20.40 -41.00 3.04
C VAL A 269 -19.24 -41.73 2.38
N PRO A 270 -19.35 -43.07 2.28
CA PRO A 270 -18.29 -43.93 1.76
C PRO A 270 -17.67 -43.41 0.47
N VAL A 271 -16.35 -43.28 0.47
CA VAL A 271 -15.60 -42.91 -0.72
C VAL A 271 -15.56 -44.13 -1.62
N VAL A 272 -15.42 -45.29 -0.98
CA VAL A 272 -15.38 -46.57 -1.65
C VAL A 272 -15.88 -47.60 -0.67
N THR A 273 -16.83 -48.42 -1.10
CA THR A 273 -17.32 -49.52 -0.29
C THR A 273 -16.97 -50.83 -0.97
N VAL A 274 -16.71 -51.86 -0.17
CA VAL A 274 -16.43 -53.17 -0.73
C VAL A 274 -17.08 -54.24 0.14
N VAL A 275 -17.64 -55.27 -0.50
CA VAL A 275 -18.43 -56.28 0.23
C VAL A 275 -18.03 -57.72 -0.08
N SER A 276 -18.17 -58.58 0.94
CA SER A 276 -17.94 -60.00 0.78
C SER A 276 -18.98 -60.75 1.60
N SER A 277 -19.62 -61.74 0.99
CA SER A 277 -20.70 -62.48 1.66
C SER A 277 -20.60 -64.00 1.53
N VAL A 278 -21.03 -64.70 2.56
CA VAL A 278 -21.08 -66.16 2.55
C VAL A 278 -22.47 -66.65 2.96
N LEU A 279 -22.82 -67.84 2.52
CA LEU A 279 -24.04 -68.51 2.95
C LEU A 279 -23.74 -69.51 4.06
N ALA A 280 -24.45 -69.37 5.18
CA ALA A 280 -24.29 -70.29 6.30
C ALA A 280 -25.22 -71.49 6.11
N THR A 281 -24.65 -72.62 5.73
CA THR A 281 -25.41 -73.84 5.47
C THR A 281 -25.18 -74.83 6.58
N ASN A 282 -25.92 -75.94 6.56
CA ASN A 282 -25.63 -77.06 7.45
C ASN A 282 -24.21 -77.52 7.19
N ASP A 283 -23.81 -77.41 5.93
CA ASP A 283 -22.54 -77.93 5.45
C ASP A 283 -21.33 -77.27 6.11
N ASN A 284 -21.43 -75.99 6.42
CA ASN A 284 -20.26 -75.22 6.84
C ASN A 284 -20.39 -74.44 8.14
N TYR A 285 -21.54 -74.54 8.80
CA TYR A 285 -21.81 -73.68 9.95
C TYR A 285 -20.76 -73.79 11.06
N ARG A 286 -19.92 -74.82 11.00
CA ARG A 286 -18.84 -74.98 11.98
C ARG A 286 -17.64 -74.08 11.68
N GLY A 287 -17.54 -73.62 10.44
CA GLY A 287 -16.42 -72.78 10.04
C GLY A 287 -16.67 -71.95 8.79
N VAL A 288 -17.66 -71.06 8.87
CA VAL A 288 -17.95 -70.14 7.78
C VAL A 288 -16.80 -69.14 7.59
N SER A 289 -16.38 -68.92 6.36
CA SER A 289 -15.34 -67.91 6.11
C SER A 289 -15.72 -66.94 5.00
N ALA A 290 -15.85 -65.66 5.37
CA ALA A 290 -16.04 -64.60 4.39
C ALA A 290 -14.67 -64.01 4.07
N LYS A 291 -14.25 -64.14 2.82
CA LYS A 291 -12.91 -63.75 2.42
C LYS A 291 -12.84 -62.40 1.71
N MET A 292 -11.92 -61.56 2.16
CA MET A 292 -11.67 -60.27 1.53
C MET A 292 -10.49 -60.37 0.55
N THR A 293 -10.68 -59.89 -0.67
CA THR A 293 -9.71 -60.11 -1.74
C THR A 293 -9.70 -58.98 -2.77
N GLN A 294 -10.42 -57.91 -2.48
CA GLN A 294 -10.61 -56.84 -3.46
C GLN A 294 -9.36 -56.01 -3.68
N SER A 295 -9.24 -55.48 -4.90
CA SER A 295 -8.19 -54.54 -5.25
C SER A 295 -8.84 -53.23 -5.69
N ILE A 296 -8.79 -52.24 -4.81
CA ILE A 296 -9.38 -50.94 -5.06
C ILE A 296 -8.47 -50.02 -5.87
N PRO A 297 -8.82 -49.75 -7.13
CA PRO A 297 -8.00 -48.87 -7.98
C PRO A 297 -8.01 -47.43 -7.47
N THR A 298 -7.14 -46.60 -8.01
CA THR A 298 -6.98 -45.23 -7.54
C THR A 298 -8.11 -44.31 -7.98
N GLU A 299 -8.55 -44.46 -9.23
CA GLU A 299 -9.61 -43.61 -9.75
C GLU A 299 -10.85 -43.69 -8.88
N ASN A 300 -10.87 -44.67 -7.98
CA ASN A 300 -11.97 -44.84 -7.04
C ASN A 300 -11.84 -43.97 -5.78
N ILE A 301 -10.63 -43.52 -5.49
CA ILE A 301 -10.38 -42.65 -4.34
C ILE A 301 -10.68 -41.20 -4.72
N THR A 302 -11.95 -40.84 -4.70
CA THR A 302 -12.40 -39.54 -5.17
C THR A 302 -12.12 -38.39 -4.19
N LYS A 303 -11.72 -38.74 -2.98
CA LYS A 303 -11.33 -37.76 -1.97
C LYS A 303 -10.50 -38.45 -0.88
N PRO A 304 -9.70 -37.67 -0.14
CA PRO A 304 -8.83 -38.27 0.89
C PRO A 304 -9.60 -39.16 1.85
N ILE A 305 -9.14 -40.39 2.01
CA ILE A 305 -9.73 -41.35 2.94
C ILE A 305 -9.01 -41.27 4.28
N THR A 306 -9.75 -41.11 5.38
CA THR A 306 -9.13 -40.99 6.69
C THR A 306 -9.66 -41.96 7.72
N ARG A 307 -10.64 -42.77 7.34
CA ARG A 307 -11.17 -43.76 8.28
C ARG A 307 -11.86 -44.95 7.64
N VAL A 308 -11.83 -46.07 8.36
CA VAL A 308 -12.40 -47.33 7.90
C VAL A 308 -13.56 -47.71 8.80
N LYS A 309 -14.45 -48.55 8.27
CA LYS A 309 -15.61 -49.01 9.03
C LYS A 309 -15.99 -50.41 8.57
N LEU A 310 -15.77 -51.39 9.44
CA LEU A 310 -16.14 -52.78 9.14
C LEU A 310 -17.44 -53.13 9.83
N SER A 311 -18.46 -53.43 9.03
CA SER A 311 -19.76 -53.78 9.57
C SER A 311 -20.30 -55.04 8.91
N TYR A 312 -21.32 -55.65 9.51
CA TYR A 312 -21.97 -56.82 8.93
C TYR A 312 -23.48 -56.78 9.14
N LYS A 313 -24.19 -57.50 8.28
CA LYS A 313 -25.65 -57.58 8.35
C LYS A 313 -26.07 -58.98 7.94
N ILE A 314 -27.20 -59.45 8.47
CA ILE A 314 -27.69 -60.78 8.08
C ILE A 314 -28.98 -60.77 7.28
N ASN A 315 -29.65 -61.92 7.27
CA ASN A 315 -30.65 -62.21 6.26
C ASN A 315 -31.91 -62.87 6.80
N GLN A 316 -31.82 -63.42 8.02
CA GLN A 316 -32.91 -64.23 8.56
C GLN A 316 -33.21 -63.96 10.03
N GLN A 317 -34.47 -64.04 10.40
CA GLN A 317 -34.88 -63.93 11.79
C GLN A 317 -34.33 -65.12 12.57
N THR A 318 -34.30 -66.26 11.89
CA THR A 318 -33.86 -67.52 12.50
C THR A 318 -32.34 -67.56 12.67
N ALA A 319 -31.72 -66.38 12.73
CA ALA A 319 -30.28 -66.29 12.82
C ALA A 319 -29.83 -65.28 13.88
N ILE A 320 -30.74 -64.36 14.23
CA ILE A 320 -30.41 -63.27 15.14
C ILE A 320 -30.03 -63.75 16.54
N GLY A 321 -30.53 -64.91 16.93
CA GLY A 321 -30.22 -65.47 18.24
C GLY A 321 -29.14 -66.52 18.15
N ASN A 322 -28.64 -66.73 16.95
CA ASN A 322 -27.61 -67.74 16.69
C ASN A 322 -26.20 -67.18 16.90
N VAL A 323 -25.68 -67.34 18.11
CA VAL A 323 -24.38 -66.77 18.47
C VAL A 323 -23.23 -67.23 17.59
N ALA A 324 -22.63 -66.29 16.87
CA ALA A 324 -21.50 -66.59 16.00
C ALA A 324 -20.17 -66.19 16.66
N THR A 325 -19.34 -67.19 16.94
CA THR A 325 -18.02 -66.96 17.52
C THR A 325 -16.96 -66.81 16.42
N LEU A 326 -15.96 -65.96 16.65
CA LEU A 326 -15.08 -65.52 15.56
C LEU A 326 -13.78 -66.30 15.36
N GLY A 327 -13.16 -66.78 16.41
CA GLY A 327 -11.83 -67.37 16.29
C GLY A 327 -11.70 -68.67 15.50
N THR A 328 -12.83 -69.25 15.10
CA THR A 328 -12.86 -70.64 14.64
C THR A 328 -11.84 -71.09 13.58
N MET A 329 -11.70 -70.33 12.49
CA MET A 329 -10.90 -70.77 11.35
C MET A 329 -9.46 -70.26 11.33
N GLY A 330 -9.09 -69.51 12.36
CA GLY A 330 -7.84 -68.77 12.36
C GLY A 330 -8.22 -67.33 12.66
N PRO A 331 -7.24 -66.48 12.96
CA PRO A 331 -7.57 -65.14 13.46
C PRO A 331 -8.55 -64.44 12.53
N ALA A 332 -9.53 -63.75 13.10
CA ALA A 332 -10.48 -62.99 12.30
C ALA A 332 -9.88 -61.61 12.08
N SER A 333 -9.33 -61.40 10.88
CA SER A 333 -8.56 -60.20 10.60
C SER A 333 -8.61 -59.81 9.13
N VAL A 334 -8.80 -58.51 8.88
CA VAL A 334 -8.77 -57.98 7.52
C VAL A 334 -7.69 -56.92 7.43
N SER A 335 -6.78 -57.08 6.47
CA SER A 335 -5.71 -56.11 6.28
C SER A 335 -5.80 -55.46 4.90
N PHE A 336 -5.25 -54.25 4.77
CA PHE A 336 -5.13 -53.62 3.46
C PHE A 336 -3.79 -52.91 3.29
N SER A 337 -3.20 -53.03 2.10
CA SER A 337 -1.89 -52.49 1.82
C SER A 337 -1.93 -51.57 0.63
N SER A 338 -1.50 -50.33 0.82
CA SER A 338 -1.46 -49.33 -0.24
C SER A 338 -0.02 -49.10 -0.70
N GLY A 339 0.21 -49.08 -2.00
CA GLY A 339 1.54 -48.84 -2.52
C GLY A 339 2.08 -47.47 -2.13
N ASN A 340 3.41 -47.38 -1.99
CA ASN A 340 4.09 -46.12 -1.70
C ASN A 340 3.73 -45.47 -0.36
N GLY A 341 2.81 -46.07 0.37
CA GLY A 341 2.32 -45.50 1.61
C GLY A 341 3.42 -45.07 2.56
N ASN A 342 4.44 -45.90 2.71
CA ASN A 342 5.51 -45.64 3.65
C ASN A 342 6.75 -45.00 3.05
N VAL A 343 6.65 -44.61 1.79
CA VAL A 343 7.65 -43.75 1.18
C VAL A 343 7.50 -42.35 1.78
N PRO A 344 8.57 -41.82 2.39
CA PRO A 344 8.48 -40.51 3.02
C PRO A 344 8.06 -39.43 2.03
N GLY A 345 7.01 -38.69 2.37
CA GLY A 345 6.51 -37.65 1.50
C GLY A 345 5.13 -37.96 0.97
N VAL A 346 4.82 -39.24 0.82
CA VAL A 346 3.56 -39.67 0.21
C VAL A 346 2.34 -39.47 1.12
N LEU A 347 2.46 -39.89 2.37
CA LEU A 347 1.39 -39.69 3.34
C LEU A 347 1.87 -38.86 4.51
N ARG A 348 3.19 -38.83 4.69
CA ARG A 348 3.81 -38.14 5.79
C ARG A 348 5.05 -37.43 5.26
N PRO A 349 5.27 -36.17 5.65
CA PRO A 349 4.39 -35.40 6.53
C PRO A 349 3.46 -34.53 5.70
N ILE A 350 2.51 -33.90 6.38
CA ILE A 350 1.57 -33.01 5.74
C ILE A 350 1.70 -31.60 6.30
N THR A 351 1.19 -30.62 5.56
CA THR A 351 1.17 -29.25 6.05
C THR A 351 -0.25 -28.75 5.98
N LEU A 352 -0.78 -28.34 7.13
CA LEU A 352 -2.13 -27.83 7.20
C LEU A 352 -2.13 -26.32 7.21
N VAL A 353 -2.97 -25.72 6.37
CA VAL A 353 -3.16 -24.28 6.37
C VAL A 353 -4.65 -23.99 6.51
N ALA A 354 -5.04 -23.46 7.67
CA ALA A 354 -6.44 -23.13 7.92
C ALA A 354 -6.67 -21.63 7.71
N TYR A 355 -7.77 -21.30 7.06
CA TYR A 355 -8.16 -19.91 6.86
C TYR A 355 -9.51 -19.66 7.50
N GLU A 356 -9.65 -18.50 8.14
CA GLU A 356 -10.93 -18.14 8.75
C GLU A 356 -11.20 -16.64 8.68
N LYS A 357 -12.45 -16.28 8.87
CA LYS A 357 -12.89 -14.89 8.81
C LYS A 357 -12.49 -14.23 7.49
N MET A 358 -12.70 -14.95 6.40
CA MET A 358 -12.53 -14.40 5.07
C MET A 358 -13.89 -13.97 4.51
N THR A 359 -13.89 -12.91 3.72
CA THR A 359 -15.11 -12.43 3.09
C THR A 359 -15.68 -13.49 2.15
N PRO A 360 -16.92 -13.92 2.39
CA PRO A 360 -17.55 -14.95 1.57
C PRO A 360 -17.54 -14.58 0.08
N LEU A 361 -17.51 -15.59 -0.78
CA LEU A 361 -17.51 -15.39 -2.23
C LEU A 361 -16.21 -14.75 -2.75
N SER A 362 -15.21 -14.63 -1.88
CA SER A 362 -13.91 -14.12 -2.29
C SER A 362 -13.04 -15.30 -2.73
N ILE A 363 -11.87 -14.99 -3.29
CA ILE A 363 -10.99 -16.04 -3.80
C ILE A 363 -9.67 -16.14 -3.03
N LEU A 364 -9.39 -17.36 -2.56
CA LEU A 364 -8.11 -17.68 -1.92
C LEU A 364 -7.20 -18.33 -2.95
N THR A 365 -6.22 -17.58 -3.44
CA THR A 365 -5.37 -18.07 -4.53
C THR A 365 -4.17 -18.88 -4.05
N VAL A 366 -4.02 -20.07 -4.61
CA VAL A 366 -2.90 -20.95 -4.30
C VAL A 366 -2.07 -21.23 -5.55
N ALA A 367 -0.79 -20.86 -5.51
CA ALA A 367 0.12 -21.11 -6.62
C ALA A 367 1.18 -22.11 -6.21
N GLY A 368 1.32 -23.19 -6.98
CA GLY A 368 2.25 -24.24 -6.63
C GLY A 368 3.37 -24.40 -7.64
N VAL A 369 4.53 -24.85 -7.16
CA VAL A 369 5.66 -25.14 -8.02
C VAL A 369 6.30 -26.43 -7.54
N SER A 370 6.50 -27.38 -8.45
CA SER A 370 7.09 -28.67 -8.10
C SER A 370 8.24 -28.99 -9.05
N ASN A 371 9.32 -29.54 -8.53
CA ASN A 371 10.43 -29.96 -9.38
C ASN A 371 10.65 -31.44 -9.22
N TYR A 372 10.67 -32.17 -10.33
CA TYR A 372 10.79 -33.63 -10.29
C TYR A 372 12.05 -34.14 -10.96
N GLU A 373 12.41 -35.38 -10.65
CA GLU A 373 13.30 -36.17 -11.48
C GLU A 373 12.41 -37.23 -12.07
N LEU A 374 12.33 -37.26 -13.40
CA LEU A 374 11.38 -38.15 -14.06
C LEU A 374 12.05 -39.10 -15.07
N ILE A 375 11.38 -40.21 -15.36
CA ILE A 375 11.82 -41.13 -16.39
C ILE A 375 10.77 -41.22 -17.49
N PRO A 376 11.07 -40.66 -18.66
CA PRO A 376 10.10 -40.57 -19.75
C PRO A 376 9.52 -41.94 -20.14
N ASN A 377 8.24 -41.96 -20.51
CA ASN A 377 7.61 -43.19 -20.98
C ASN A 377 8.12 -43.53 -22.38
N PRO A 378 8.08 -44.82 -22.75
CA PRO A 378 8.76 -45.32 -23.95
C PRO A 378 8.49 -44.47 -25.20
N GLU A 379 7.34 -43.80 -25.26
CA GLU A 379 7.02 -42.91 -26.39
C GLU A 379 7.88 -41.65 -26.38
N LEU A 380 7.99 -41.03 -25.22
CA LEU A 380 8.84 -39.86 -25.05
C LEU A 380 10.32 -40.21 -25.13
N LEU A 381 10.65 -41.47 -24.88
CA LEU A 381 12.04 -41.92 -24.92
C LEU A 381 12.62 -41.81 -26.32
N LYS A 382 11.75 -41.90 -27.32
CA LYS A 382 12.16 -41.84 -28.72
C LYS A 382 12.86 -40.53 -29.03
N ASN A 383 12.51 -39.48 -28.30
CA ASN A 383 13.01 -38.15 -28.62
C ASN A 383 13.70 -37.44 -27.47
N MET A 384 13.47 -37.92 -26.25
CA MET A 384 14.01 -37.24 -25.09
C MET A 384 15.28 -37.92 -24.56
N VAL A 385 16.35 -37.14 -24.42
CA VAL A 385 17.62 -37.63 -23.91
C VAL A 385 17.52 -37.82 -22.40
N THR A 386 18.10 -38.91 -21.89
CA THR A 386 18.18 -39.14 -20.44
C THR A 386 19.64 -39.03 -19.99
N ARG A 387 19.86 -38.42 -18.82
CA ARG A 387 21.21 -38.15 -18.35
C ARG A 387 21.38 -38.54 -16.90
N TYR A 388 22.59 -38.98 -16.55
CA TYR A 388 22.93 -39.12 -15.14
C TYR A 388 23.00 -37.72 -14.55
N GLY A 389 22.74 -37.59 -13.26
CA GLY A 389 22.77 -36.28 -12.62
C GLY A 389 24.11 -35.57 -12.75
N LYS A 390 24.09 -34.24 -12.72
CA LYS A 390 25.32 -33.47 -12.67
C LYS A 390 26.21 -33.97 -11.54
N TYR A 391 27.52 -33.86 -11.70
CA TYR A 391 28.43 -34.32 -10.66
C TYR A 391 28.48 -33.34 -9.49
N ASP A 392 27.93 -33.74 -8.36
CA ASP A 392 27.80 -32.84 -7.23
C ASP A 392 28.21 -33.52 -5.93
N PRO A 393 29.52 -33.59 -5.67
CA PRO A 393 30.08 -34.29 -4.51
C PRO A 393 29.70 -33.68 -3.17
N GLU A 394 29.68 -32.34 -3.09
CA GLU A 394 29.39 -31.69 -1.83
C GLU A 394 27.94 -31.22 -1.74
N GLY A 395 27.21 -31.37 -2.83
CA GLY A 395 25.83 -30.91 -2.90
C GLY A 395 24.98 -31.40 -1.74
N LEU A 396 24.98 -32.71 -1.51
CA LEU A 396 24.12 -33.29 -0.49
C LEU A 396 24.56 -32.91 0.92
N ASN A 397 25.87 -32.90 1.17
CA ASN A 397 26.39 -32.51 2.47
C ASN A 397 25.98 -31.11 2.83
N TYR A 398 26.03 -30.21 1.85
CA TYR A 398 25.65 -28.83 2.09
C TYR A 398 24.21 -28.76 2.60
N ALA A 399 23.32 -29.50 1.94
CA ALA A 399 21.92 -29.54 2.37
C ALA A 399 21.77 -30.16 3.76
N LYS A 400 22.46 -31.27 4.00
CA LYS A 400 22.42 -31.93 5.30
C LYS A 400 22.82 -30.95 6.39
N MET A 401 23.76 -30.08 6.08
CA MET A 401 24.30 -29.15 7.07
C MET A 401 23.37 -27.97 7.36
N ILE A 402 22.71 -27.46 6.33
CA ILE A 402 21.79 -26.35 6.52
C ILE A 402 20.55 -26.83 7.27
N LEU A 403 20.01 -27.98 6.87
CA LEU A 403 18.92 -28.61 7.60
C LEU A 403 19.36 -28.96 9.01
N SER A 404 20.66 -29.17 9.18
CA SER A 404 21.24 -29.45 10.49
C SER A 404 21.05 -28.28 11.44
N HIS A 405 21.52 -27.11 11.02
CA HIS A 405 21.36 -25.89 11.81
C HIS A 405 20.08 -25.17 11.42
N ARG A 406 19.06 -25.95 11.12
CA ARG A 406 17.79 -25.41 10.65
C ARG A 406 17.11 -24.51 11.67
N GLU A 407 17.42 -24.74 12.95
CA GLU A 407 16.77 -23.99 14.03
C GLU A 407 17.54 -22.73 14.38
N GLU A 408 18.87 -22.83 14.34
CA GLU A 408 19.73 -21.67 14.58
C GLU A 408 19.42 -20.61 13.53
N LEU A 409 19.64 -20.97 12.26
CA LEU A 409 19.12 -20.19 11.15
C LEU A 409 17.61 -20.27 11.24
N ASP A 410 16.87 -19.77 10.26
CA ASP A 410 15.43 -19.88 10.34
C ASP A 410 14.86 -20.48 9.08
N ILE A 411 15.27 -21.72 8.80
CA ILE A 411 14.74 -22.44 7.65
C ILE A 411 13.40 -23.06 8.04
N ARG A 412 12.36 -22.78 7.26
CA ARG A 412 11.01 -23.15 7.64
C ARG A 412 10.30 -24.00 6.61
N THR A 413 9.34 -24.79 7.07
CA THR A 413 8.42 -25.48 6.16
C THR A 413 7.20 -24.59 5.98
N VAL A 414 6.98 -23.70 6.95
CA VAL A 414 5.87 -22.78 6.90
C VAL A 414 6.36 -21.34 7.16
N TRP A 415 6.18 -20.48 6.16
CA TRP A 415 6.71 -19.12 6.23
C TRP A 415 5.60 -18.07 6.22
N ARG A 416 5.91 -16.90 6.75
CA ARG A 416 5.14 -15.71 6.45
C ARG A 416 5.65 -15.24 5.09
N THR A 417 4.79 -15.27 4.08
CA THR A 417 5.22 -15.03 2.69
C THR A 417 6.17 -13.85 2.53
N GLU A 418 5.89 -12.73 3.18
CA GLU A 418 6.73 -11.54 3.03
C GLU A 418 8.15 -11.79 3.52
N GLU A 419 8.30 -12.72 4.45
CA GLU A 419 9.62 -13.07 4.99
C GLU A 419 10.35 -14.03 4.08
N TYR A 420 9.66 -15.09 3.66
CA TYR A 420 10.23 -16.03 2.70
C TYR A 420 10.80 -15.29 1.50
N LYS A 421 10.10 -14.25 1.07
CA LYS A 421 10.54 -13.45 -0.07
C LYS A 421 11.92 -12.84 0.15
N GLU A 422 12.09 -12.12 1.26
CA GLU A 422 13.35 -11.42 1.52
C GLU A 422 14.48 -12.37 1.91
N ARG A 423 14.27 -13.13 2.97
CA ARG A 423 15.31 -13.96 3.58
C ARG A 423 15.75 -15.11 2.68
N THR A 424 15.23 -15.12 1.45
CA THR A 424 15.48 -16.22 0.52
C THR A 424 16.58 -15.92 -0.49
N ARG A 425 16.65 -14.67 -0.95
CA ARG A 425 17.58 -14.31 -2.02
C ARG A 425 19.04 -14.41 -1.60
N VAL A 426 19.27 -14.91 -0.38
CA VAL A 426 20.60 -15.24 0.11
C VAL A 426 21.12 -16.50 -0.59
N PHE A 427 20.20 -17.28 -1.14
CA PHE A 427 20.54 -18.42 -1.97
C PHE A 427 20.40 -18.01 -3.44
N ASN A 428 20.65 -16.73 -3.70
CA ASN A 428 20.62 -16.17 -5.05
C ASN A 428 19.19 -15.89 -5.56
N ALA B 6 32.72 -0.73 -23.04
CA ALA B 6 31.42 -0.24 -23.53
C ALA B 6 30.79 -1.25 -24.50
N THR B 7 30.63 -2.48 -24.03
CA THR B 7 30.10 -3.57 -24.84
C THR B 7 28.71 -4.00 -24.39
N ALA B 8 28.42 -3.78 -23.11
CA ALA B 8 27.15 -4.16 -22.51
C ALA B 8 25.97 -3.39 -23.10
N THR B 9 26.26 -2.55 -24.08
CA THR B 9 25.23 -1.70 -24.69
C THR B 9 24.11 -2.52 -25.30
N TYR B 10 24.46 -3.52 -26.10
CA TYR B 10 23.44 -4.34 -26.74
C TYR B 10 22.57 -5.03 -25.70
N LEU B 11 23.19 -5.76 -24.79
CA LEU B 11 22.45 -6.50 -23.78
C LEU B 11 21.56 -5.57 -22.94
N LYS B 12 22.05 -4.37 -22.65
CA LYS B 12 21.24 -3.41 -21.89
C LYS B 12 19.94 -3.14 -22.61
N SER B 13 20.02 -2.96 -23.93
CA SER B 13 18.82 -2.69 -24.72
C SER B 13 17.89 -3.90 -24.72
N ILE B 14 18.46 -5.09 -24.75
CA ILE B 14 17.67 -6.31 -24.74
C ILE B 14 16.88 -6.43 -23.43
N MET B 15 17.56 -6.16 -22.32
CA MET B 15 16.99 -6.35 -20.99
C MET B 15 16.14 -5.17 -20.51
N LEU B 16 16.57 -3.95 -20.82
CA LEU B 16 15.83 -2.75 -20.46
C LEU B 16 15.47 -1.94 -21.69
N PRO B 17 14.48 -2.43 -22.47
CA PRO B 17 14.10 -1.73 -23.71
C PRO B 17 13.67 -0.30 -23.46
N GLU B 18 13.14 -0.01 -22.28
CA GLU B 18 12.71 1.35 -21.94
C GLU B 18 13.89 2.31 -22.11
N THR B 19 15.09 1.79 -21.86
CA THR B 19 16.34 2.53 -21.96
C THR B 19 16.50 3.23 -23.30
N GLY B 20 16.16 2.51 -24.37
CA GLY B 20 16.36 3.00 -25.72
C GLY B 20 17.14 1.99 -26.54
N PRO B 21 17.30 2.29 -27.83
CA PRO B 21 17.89 1.42 -28.84
C PRO B 21 19.42 1.34 -28.80
N ALA B 22 19.95 0.19 -29.20
CA ALA B 22 21.38 0.02 -29.43
C ALA B 22 21.52 -0.81 -30.70
N SER B 23 22.40 -0.38 -31.59
CA SER B 23 22.59 -1.10 -32.85
C SER B 23 22.94 -2.55 -32.53
N ILE B 24 22.45 -3.48 -33.36
CA ILE B 24 22.75 -4.90 -33.16
C ILE B 24 24.14 -5.24 -33.69
N PRO B 25 25.02 -5.71 -32.79
CA PRO B 25 26.45 -5.92 -33.02
C PRO B 25 26.77 -7.18 -33.79
N ASP B 26 26.00 -7.48 -34.83
CA ASP B 26 26.25 -8.68 -35.61
C ASP B 26 26.78 -8.38 -37.02
N ASP B 27 26.64 -9.36 -37.91
CA ASP B 27 27.26 -9.31 -39.23
C ASP B 27 26.44 -8.55 -40.28
N ILE B 28 25.24 -8.12 -39.89
CA ILE B 28 24.37 -7.40 -40.81
C ILE B 28 24.47 -5.89 -40.60
N THR B 29 25.67 -5.37 -40.79
CA THR B 29 25.92 -3.95 -40.60
C THR B 29 25.59 -3.14 -41.85
N GLU B 30 24.34 -2.69 -41.95
CA GLU B 30 23.95 -1.76 -43.00
C GLU B 30 23.85 -0.38 -42.38
N ARG B 31 23.91 0.66 -43.21
CA ARG B 31 23.71 2.02 -42.71
C ARG B 31 22.26 2.19 -42.27
N HIS B 32 22.04 2.67 -41.04
CA HIS B 32 20.69 2.72 -40.49
C HIS B 32 20.39 3.86 -39.52
N ILE B 33 19.19 3.77 -38.95
CA ILE B 33 18.67 4.73 -37.98
C ILE B 33 18.26 3.96 -36.75
N LEU B 34 18.30 4.60 -35.58
CA LEU B 34 17.80 3.97 -34.36
C LEU B 34 16.57 4.71 -33.85
N LYS B 35 15.47 4.00 -33.62
CA LYS B 35 14.26 4.67 -33.16
C LYS B 35 13.51 3.85 -32.12
N GLN B 36 12.99 4.53 -31.10
CA GLN B 36 12.16 3.87 -30.09
C GLN B 36 10.70 4.15 -30.33
N GLU B 37 9.86 3.16 -30.06
CA GLU B 37 8.42 3.27 -30.31
C GLU B 37 7.63 2.95 -29.07
N THR B 38 6.69 3.82 -28.74
CA THR B 38 5.85 3.61 -27.56
C THR B 38 4.44 3.25 -27.96
N SER B 39 3.92 2.19 -27.36
CA SER B 39 2.56 1.72 -27.63
C SER B 39 1.76 1.79 -26.35
N SER B 40 0.59 2.43 -26.41
CA SER B 40 -0.25 2.58 -25.23
C SER B 40 -1.64 2.01 -25.48
N TYR B 41 -2.07 1.09 -24.62
CA TYR B 41 -3.36 0.44 -24.78
C TYR B 41 -4.15 0.28 -23.49
N ASN B 42 -5.32 0.91 -23.43
CA ASN B 42 -6.24 0.73 -22.33
C ASN B 42 -7.44 -0.13 -22.75
N LEU B 43 -7.39 -1.41 -22.41
CA LEU B 43 -8.39 -2.37 -22.87
C LEU B 43 -9.52 -2.52 -21.85
N GLU B 44 -10.74 -2.69 -22.35
CA GLU B 44 -11.89 -2.90 -21.47
C GLU B 44 -12.21 -4.39 -21.32
N VAL B 45 -12.50 -4.79 -20.10
CA VAL B 45 -12.81 -6.19 -19.81
C VAL B 45 -14.31 -6.45 -19.97
N SER B 46 -14.66 -7.58 -20.57
CA SER B 46 -16.06 -7.93 -20.76
C SER B 46 -16.69 -8.45 -19.47
N GLU B 47 -17.97 -8.80 -19.52
CA GLU B 47 -18.68 -9.28 -18.35
C GLU B 47 -17.97 -10.48 -17.73
N SER B 48 -17.37 -11.31 -18.58
CA SER B 48 -16.77 -12.56 -18.15
C SER B 48 -15.49 -12.35 -17.35
N GLY B 49 -14.92 -11.14 -17.43
CA GLY B 49 -13.69 -10.85 -16.73
C GLY B 49 -12.53 -11.69 -17.23
N SER B 50 -12.71 -12.31 -18.38
CA SER B 50 -11.68 -13.16 -18.99
C SER B 50 -11.24 -12.60 -20.34
N GLY B 51 -10.07 -13.04 -20.78
CA GLY B 51 -9.52 -12.62 -22.05
C GLY B 51 -8.12 -13.17 -22.27
N VAL B 52 -7.66 -13.11 -23.52
CA VAL B 52 -6.32 -13.56 -23.86
C VAL B 52 -5.55 -12.46 -24.59
N LEU B 53 -4.30 -12.28 -24.20
CA LEU B 53 -3.43 -11.29 -24.82
C LEU B 53 -2.35 -12.02 -25.61
N VAL B 54 -2.29 -11.75 -26.91
CA VAL B 54 -1.33 -12.43 -27.78
C VAL B 54 -0.24 -11.48 -28.23
N CYS B 55 0.98 -11.71 -27.78
CA CYS B 55 2.10 -10.87 -28.17
C CYS B 55 2.95 -11.54 -29.24
N PHE B 56 3.51 -10.74 -30.12
CA PHE B 56 4.47 -11.22 -31.10
C PHE B 56 5.79 -10.53 -30.81
N PRO B 57 6.40 -10.87 -29.66
CA PRO B 57 7.52 -10.11 -29.11
C PRO B 57 8.64 -9.85 -30.11
N GLY B 58 8.78 -10.70 -31.13
CA GLY B 58 9.89 -10.58 -32.07
C GLY B 58 9.57 -9.89 -33.39
N ALA B 59 8.33 -9.43 -33.54
CA ALA B 59 7.85 -8.89 -34.81
C ALA B 59 8.47 -7.56 -35.18
N PRO B 60 9.03 -7.47 -36.40
CA PRO B 60 9.62 -6.25 -36.96
C PRO B 60 8.54 -5.26 -37.35
N GLY B 61 7.35 -5.76 -37.69
CA GLY B 61 6.28 -4.89 -38.11
C GLY B 61 5.84 -3.90 -37.03
N SER B 62 4.72 -3.25 -37.28
CA SER B 62 4.13 -2.37 -36.28
C SER B 62 2.87 -3.00 -35.70
N ARG B 63 2.61 -4.26 -36.07
CA ARG B 63 1.59 -5.07 -35.41
C ARG B 63 2.26 -5.99 -34.40
N ILE B 64 2.18 -5.65 -33.12
CA ILE B 64 2.94 -6.36 -32.11
C ILE B 64 2.09 -7.24 -31.20
N GLY B 65 0.78 -7.20 -31.36
CA GLY B 65 -0.09 -7.99 -30.50
C GLY B 65 -1.50 -8.16 -31.01
N ALA B 66 -2.36 -8.72 -30.16
CA ALA B 66 -3.76 -8.92 -30.50
C ALA B 66 -4.52 -9.23 -29.22
N HIS B 67 -5.68 -8.62 -29.04
CA HIS B 67 -6.47 -8.83 -27.84
C HIS B 67 -7.74 -9.61 -28.13
N TYR B 68 -7.98 -10.66 -27.35
CA TYR B 68 -9.20 -11.45 -27.48
C TYR B 68 -9.97 -11.38 -26.17
N ARG B 69 -11.29 -11.54 -26.24
CA ARG B 69 -12.13 -11.57 -25.04
C ARG B 69 -12.94 -12.86 -25.00
N TRP B 70 -13.26 -13.31 -23.79
CA TRP B 70 -14.16 -14.44 -23.64
C TRP B 70 -15.59 -13.91 -23.53
N ASN B 71 -16.50 -14.49 -24.30
CA ASN B 71 -17.91 -14.14 -24.15
C ASN B 71 -18.39 -14.61 -22.78
N ALA B 72 -19.37 -13.90 -22.22
CA ALA B 72 -19.82 -14.16 -20.85
C ALA B 72 -20.00 -15.65 -20.54
N ASN B 73 -20.17 -16.45 -21.57
CA ASN B 73 -20.45 -17.87 -21.38
C ASN B 73 -19.20 -18.75 -21.38
N GLN B 74 -18.03 -18.13 -21.57
CA GLN B 74 -16.77 -18.88 -21.65
C GLN B 74 -16.84 -19.93 -22.75
N THR B 75 -17.63 -19.64 -23.78
CA THR B 75 -17.85 -20.56 -24.90
C THR B 75 -16.75 -20.44 -25.95
N GLY B 76 -16.45 -19.20 -26.33
CA GLY B 76 -15.43 -18.93 -27.32
C GLY B 76 -14.84 -17.55 -27.14
N LEU B 77 -13.97 -17.14 -28.07
CA LEU B 77 -13.33 -15.84 -27.98
C LEU B 77 -13.94 -14.85 -28.95
N GLU B 78 -13.82 -13.57 -28.62
CA GLU B 78 -14.27 -12.49 -29.50
C GLU B 78 -13.11 -11.55 -29.74
N PHE B 79 -12.66 -11.48 -30.98
CA PHE B 79 -11.54 -10.60 -31.33
C PHE B 79 -11.88 -9.14 -31.04
N ASP B 80 -10.95 -8.45 -30.39
CA ASP B 80 -11.14 -7.04 -30.06
C ASP B 80 -10.44 -6.14 -31.07
N GLN B 81 -9.11 -6.20 -31.09
CA GLN B 81 -8.31 -5.32 -31.92
C GLN B 81 -6.86 -5.78 -32.00
N TRP B 82 -6.15 -5.27 -33.00
CA TRP B 82 -4.71 -5.47 -33.07
C TRP B 82 -4.04 -4.59 -32.03
N LEU B 83 -2.87 -5.01 -31.55
CA LEU B 83 -2.02 -4.14 -30.76
C LEU B 83 -0.91 -3.62 -31.65
N GLU B 84 -1.01 -2.35 -32.03
CA GLU B 84 -0.04 -1.77 -32.95
C GLU B 84 0.82 -0.71 -32.27
N THR B 85 1.67 -0.08 -33.06
CA THR B 85 2.52 1.00 -32.56
C THR B 85 1.81 2.34 -32.77
N SER B 86 2.00 3.26 -31.83
CA SER B 86 1.45 4.59 -31.96
C SER B 86 1.67 5.10 -33.38
N GLN B 87 2.88 4.82 -33.88
CA GLN B 87 3.32 5.34 -35.16
C GLN B 87 3.28 4.24 -36.21
N ASP B 88 2.77 4.56 -37.40
CA ASP B 88 2.79 3.62 -38.53
C ASP B 88 4.16 3.74 -39.19
N LEU B 89 5.03 2.77 -38.96
CA LEU B 89 6.43 2.88 -39.37
C LEU B 89 6.60 2.90 -40.89
N LYS B 90 5.69 2.25 -41.60
CA LYS B 90 5.81 2.11 -43.05
C LYS B 90 5.60 3.41 -43.81
N LYS B 91 5.23 4.46 -43.09
CA LYS B 91 5.02 5.76 -43.72
C LYS B 91 6.32 6.55 -43.72
N ALA B 92 7.28 6.10 -42.92
CA ALA B 92 8.55 6.81 -42.78
C ALA B 92 9.77 5.95 -43.08
N PHE B 93 9.62 4.63 -43.03
CA PHE B 93 10.75 3.75 -43.26
C PHE B 93 10.39 2.57 -44.15
N ASN B 94 11.35 2.10 -44.92
CA ASN B 94 11.12 1.00 -45.85
C ASN B 94 11.62 -0.34 -45.32
N TYR B 95 12.62 -0.30 -44.44
CA TYR B 95 13.24 -1.52 -43.93
C TYR B 95 13.44 -1.46 -42.41
N GLY B 96 13.35 -2.62 -41.74
CA GLY B 96 13.60 -2.69 -40.30
C GLY B 96 13.90 -4.04 -39.67
N ARG B 97 14.71 -4.02 -38.61
CA ARG B 97 14.91 -5.20 -37.77
C ARG B 97 14.49 -4.80 -36.38
N LEU B 98 14.10 -5.76 -35.56
CA LEU B 98 13.72 -5.45 -34.19
C LEU B 98 14.89 -5.69 -33.25
N ILE B 99 15.29 -4.65 -32.53
CA ILE B 99 16.40 -4.75 -31.58
C ILE B 99 15.95 -5.39 -30.27
N SER B 100 14.92 -4.81 -29.65
CA SER B 100 14.40 -5.31 -28.37
C SER B 100 13.01 -4.75 -28.08
N ARG B 101 12.23 -5.48 -27.29
CA ARG B 101 10.86 -5.05 -27.01
C ARG B 101 10.44 -5.51 -25.63
N LYS B 102 9.41 -4.84 -25.08
CA LYS B 102 8.92 -5.17 -23.75
C LYS B 102 7.49 -4.69 -23.54
N TYR B 103 6.61 -5.61 -23.13
CA TYR B 103 5.24 -5.28 -22.76
C TYR B 103 5.10 -5.18 -21.25
N ASP B 104 4.40 -4.17 -20.77
CA ASP B 104 4.10 -4.06 -19.35
C ASP B 104 2.58 -4.16 -19.18
N ILE B 105 2.12 -5.23 -18.55
CA ILE B 105 0.70 -5.50 -18.41
C ILE B 105 0.22 -5.51 -16.97
N GLN B 106 -0.70 -4.61 -16.65
CA GLN B 106 -1.32 -4.56 -15.33
C GLN B 106 -2.67 -3.85 -15.40
N SER B 107 -3.32 -3.71 -14.24
CA SER B 107 -4.59 -3.01 -14.16
C SER B 107 -4.38 -1.59 -13.66
N SER B 108 -4.98 -0.62 -14.35
CA SER B 108 -4.89 0.77 -13.92
C SER B 108 -6.18 1.20 -13.22
N THR B 109 -6.82 0.24 -12.55
CA THR B 109 -7.98 0.54 -11.72
C THR B 109 -7.62 0.27 -10.26
N LEU B 110 -8.14 1.11 -9.37
CA LEU B 110 -7.73 1.12 -7.95
C LEU B 110 -6.21 1.22 -7.76
N ASN B 118 -8.99 -7.00 -8.04
CA ASN B 118 -9.47 -8.38 -8.16
C ASN B 118 -9.21 -8.99 -9.56
N GLY B 119 -8.32 -9.98 -9.62
CA GLY B 119 -8.00 -10.65 -10.88
C GLY B 119 -6.59 -11.20 -10.94
N THR B 120 -6.38 -12.24 -11.76
CA THR B 120 -5.06 -12.88 -11.92
C THR B 120 -4.58 -13.00 -13.37
N LEU B 121 -3.32 -13.37 -13.55
CA LEU B 121 -2.71 -13.48 -14.88
C LEU B 121 -1.88 -14.76 -15.05
N ASN B 122 -2.09 -15.45 -16.18
CA ASN B 122 -1.23 -16.55 -16.61
C ASN B 122 -0.48 -16.14 -17.87
N ALA B 123 0.81 -16.43 -17.92
CA ALA B 123 1.61 -16.03 -19.07
C ALA B 123 2.66 -17.08 -19.43
N ALA B 124 2.75 -17.40 -20.72
CA ALA B 124 3.72 -18.37 -21.21
C ALA B 124 4.18 -18.04 -22.63
N THR B 125 5.47 -18.25 -22.88
CA THR B 125 6.04 -18.02 -24.20
C THR B 125 6.09 -19.33 -24.98
N PHE B 126 5.22 -19.42 -25.98
CA PHE B 126 5.12 -20.60 -26.83
C PHE B 126 6.09 -20.46 -28.01
N GLU B 127 6.85 -21.52 -28.30
CA GLU B 127 7.89 -21.42 -29.30
C GLU B 127 7.42 -21.87 -30.68
N GLY B 128 6.20 -21.46 -31.03
CA GLY B 128 5.62 -21.74 -32.34
C GLY B 128 4.61 -20.68 -32.72
N SER B 129 3.83 -20.93 -33.78
CA SER B 129 2.88 -19.95 -34.28
C SER B 129 1.59 -19.99 -33.46
N LEU B 130 0.77 -18.95 -33.62
CA LEU B 130 -0.50 -18.86 -32.88
C LEU B 130 -1.45 -20.03 -33.15
N SER B 131 -1.49 -20.50 -34.39
CA SER B 131 -2.40 -21.56 -34.78
C SER B 131 -1.93 -22.90 -34.28
N GLU B 132 -0.66 -22.97 -33.90
CA GLU B 132 -0.09 -24.24 -33.46
C GLU B 132 -0.38 -24.53 -32.00
N VAL B 133 -1.09 -23.61 -31.36
CA VAL B 133 -1.53 -23.76 -29.96
C VAL B 133 -2.75 -24.68 -29.87
N GLU B 134 -2.67 -25.69 -29.00
CA GLU B 134 -3.76 -26.64 -28.86
C GLU B 134 -4.98 -26.03 -28.20
N SER B 135 -4.77 -25.38 -27.06
CA SER B 135 -5.86 -24.78 -26.32
C SER B 135 -5.48 -23.42 -25.76
N LEU B 136 -6.46 -22.53 -25.61
CA LEU B 136 -6.22 -21.20 -25.05
C LEU B 136 -6.89 -21.01 -23.68
N THR B 137 -7.22 -22.10 -23.01
CA THR B 137 -7.72 -22.04 -21.63
C THR B 137 -6.73 -21.25 -20.79
N TYR B 138 -7.24 -20.51 -19.81
CA TYR B 138 -6.38 -19.80 -18.89
C TYR B 138 -5.36 -20.76 -18.27
N ASN B 139 -5.83 -21.96 -17.94
CA ASN B 139 -4.98 -22.95 -17.27
C ASN B 139 -4.06 -23.71 -18.20
N SER B 140 -4.44 -23.81 -19.47
CA SER B 140 -3.70 -24.61 -20.44
C SER B 140 -2.47 -23.88 -21.00
N LEU B 141 -2.33 -22.60 -20.70
CA LEU B 141 -1.15 -21.86 -21.10
C LEU B 141 0.10 -22.44 -20.45
N MET B 142 -0.06 -22.99 -19.25
CA MET B 142 1.08 -23.45 -18.46
C MET B 142 1.78 -24.67 -19.05
N SER B 143 1.17 -25.28 -20.06
CA SER B 143 1.75 -26.45 -20.70
C SER B 143 2.13 -26.16 -22.16
N LEU B 144 2.37 -24.89 -22.46
CA LEU B 144 2.83 -24.49 -23.77
C LEU B 144 4.35 -24.56 -23.83
N THR B 145 4.97 -24.61 -22.66
CA THR B 145 6.43 -24.69 -22.58
C THR B 145 6.81 -25.26 -21.23
N THR B 146 7.98 -25.90 -21.16
CA THR B 146 8.45 -26.47 -19.89
C THR B 146 9.49 -25.57 -19.25
N ASN B 147 10.22 -24.82 -20.06
CA ASN B 147 11.22 -23.89 -19.55
C ASN B 147 10.63 -23.05 -18.43
N PRO B 148 11.11 -23.25 -17.19
CA PRO B 148 10.56 -22.51 -16.06
C PRO B 148 10.53 -21.00 -16.31
N GLN B 149 11.58 -20.45 -16.91
CA GLN B 149 11.65 -19.00 -17.13
C GLN B 149 10.95 -18.52 -18.40
N ASP B 150 10.02 -19.32 -18.90
CA ASP B 150 9.22 -18.93 -20.06
C ASP B 150 7.75 -18.91 -19.71
N LYS B 151 7.45 -19.03 -18.42
CA LYS B 151 6.07 -18.93 -17.95
C LYS B 151 5.96 -18.35 -16.54
N VAL B 152 4.76 -17.87 -16.22
CA VAL B 152 4.45 -17.28 -14.92
C VAL B 152 2.99 -17.58 -14.62
N ASN B 153 2.71 -18.15 -13.45
CA ASN B 153 1.34 -18.53 -13.11
C ASN B 153 0.73 -17.76 -11.94
N ASN B 154 -0.57 -17.51 -12.02
CA ASN B 154 -1.32 -16.80 -10.98
C ASN B 154 -0.61 -15.58 -10.41
N GLN B 155 -0.28 -14.63 -11.28
CA GLN B 155 0.25 -13.35 -10.84
C GLN B 155 -0.89 -12.35 -10.74
N LEU B 156 -0.98 -11.65 -9.60
CA LEU B 156 -2.06 -10.69 -9.39
C LEU B 156 -2.02 -9.60 -10.45
N VAL B 157 -3.17 -9.28 -11.03
CA VAL B 157 -3.24 -8.25 -12.06
C VAL B 157 -2.75 -6.91 -11.54
N THR B 158 -2.87 -6.71 -10.23
CA THR B 158 -2.39 -5.49 -9.60
C THR B 158 -0.87 -5.37 -9.70
N LYS B 159 -0.18 -6.47 -9.40
CA LYS B 159 1.27 -6.49 -9.41
C LYS B 159 1.83 -6.43 -10.83
N GLY B 160 1.16 -7.10 -11.75
CA GLY B 160 1.50 -7.02 -13.17
C GLY B 160 2.46 -8.08 -13.68
N VAL B 161 2.41 -8.30 -14.99
CA VAL B 161 3.31 -9.22 -15.67
C VAL B 161 4.08 -8.47 -16.73
N THR B 162 5.39 -8.72 -16.82
CA THR B 162 6.20 -8.09 -17.85
C THR B 162 6.64 -9.08 -18.92
N VAL B 163 6.46 -8.72 -20.18
CA VAL B 163 6.85 -9.58 -21.28
C VAL B 163 8.10 -9.04 -21.98
N LEU B 164 9.22 -9.75 -21.86
CA LEU B 164 10.47 -9.32 -22.45
C LEU B 164 10.77 -10.17 -23.68
N ASN B 165 11.28 -9.56 -24.74
CA ASN B 165 11.68 -10.36 -25.88
C ASN B 165 13.14 -10.72 -25.78
N LEU B 166 13.40 -12.01 -25.61
CA LEU B 166 14.76 -12.53 -25.66
C LEU B 166 15.04 -12.96 -27.10
N PRO B 167 16.12 -12.41 -27.70
CA PRO B 167 16.43 -12.61 -29.12
C PRO B 167 16.20 -14.05 -29.51
N THR B 168 15.44 -14.25 -30.57
CA THR B 168 15.29 -15.58 -31.13
C THR B 168 16.20 -15.72 -32.35
N GLY B 169 17.51 -15.63 -32.09
CA GLY B 169 18.50 -15.69 -33.13
C GLY B 169 19.00 -14.31 -33.51
N PHE B 170 20.26 -14.21 -33.90
CA PHE B 170 20.83 -12.97 -34.40
C PHE B 170 21.03 -13.05 -35.90
N ASP B 171 21.72 -12.07 -36.47
CA ASP B 171 21.98 -12.03 -37.92
C ASP B 171 20.70 -12.13 -38.74
N LYS B 172 19.60 -11.62 -38.22
CA LYS B 172 18.35 -11.63 -38.97
C LYS B 172 18.29 -10.42 -39.90
N PRO B 173 17.69 -10.60 -41.08
CA PRO B 173 17.78 -9.63 -42.16
C PRO B 173 16.81 -8.49 -42.01
N TYR B 174 17.12 -7.35 -42.62
CA TYR B 174 16.20 -6.24 -42.67
C TYR B 174 15.01 -6.69 -43.50
N VAL B 175 13.85 -6.72 -42.87
CA VAL B 175 12.61 -7.03 -43.54
C VAL B 175 12.10 -5.75 -44.20
N ARG B 176 11.39 -5.89 -45.31
CA ARG B 176 10.74 -4.73 -45.92
C ARG B 176 9.42 -4.47 -45.22
N LEU B 177 9.29 -3.31 -44.58
CA LEU B 177 7.98 -2.88 -44.07
C LEU B 177 7.16 -2.66 -45.32
N GLU B 178 5.84 -2.57 -45.21
CA GLU B 178 5.05 -2.53 -46.42
C GLU B 178 4.62 -1.12 -46.85
N ASP B 179 5.58 -0.37 -47.37
CA ASP B 179 5.33 1.02 -47.76
C ASP B 179 4.57 1.12 -49.07
N GLU B 180 3.90 2.26 -49.26
CA GLU B 180 3.16 2.54 -50.49
C GLU B 180 4.09 3.26 -51.48
N THR B 181 3.96 2.93 -52.77
CA THR B 181 4.85 3.50 -53.78
C THR B 181 4.26 4.74 -54.41
N PRO B 182 5.13 5.64 -54.90
CA PRO B 182 4.72 6.77 -55.73
C PRO B 182 3.80 6.31 -56.84
N GLN B 183 2.73 7.08 -57.10
CA GLN B 183 1.77 6.71 -58.12
C GLN B 183 1.75 7.70 -59.28
N GLY B 184 0.99 7.35 -60.32
CA GLY B 184 0.63 8.29 -61.36
C GLY B 184 -0.77 8.79 -61.02
N LEU B 185 -1.18 9.90 -61.62
CA LEU B 185 -2.47 10.48 -61.30
C LEU B 185 -3.65 9.77 -61.96
N GLN B 186 -3.38 9.15 -63.12
CA GLN B 186 -4.43 8.49 -63.89
C GLN B 186 -4.84 7.17 -63.27
N SER B 187 -4.53 6.99 -61.99
CA SER B 187 -4.82 5.74 -61.31
C SER B 187 -6.24 5.72 -60.76
N MET B 188 -6.80 4.52 -60.62
CA MET B 188 -8.08 4.34 -59.96
C MET B 188 -8.09 5.09 -58.65
N ASN B 189 -9.27 5.47 -58.18
CA ASN B 189 -9.40 6.05 -56.85
C ASN B 189 -9.44 4.94 -55.82
N GLY B 190 -8.42 4.90 -54.96
CA GLY B 190 -8.35 3.89 -53.93
C GLY B 190 -7.34 2.80 -54.23
N ALA B 191 -6.87 2.76 -55.47
CA ALA B 191 -5.86 1.77 -55.85
C ALA B 191 -4.47 2.28 -55.54
N LYS B 192 -3.63 1.38 -55.03
CA LYS B 192 -2.26 1.71 -54.70
C LYS B 192 -1.40 0.45 -54.83
N MET B 193 -0.11 0.63 -55.02
CA MET B 193 0.80 -0.50 -55.09
C MET B 193 1.81 -0.37 -53.98
N ARG B 194 2.09 -1.47 -53.29
CA ARG B 194 3.08 -1.43 -52.22
C ARG B 194 4.19 -2.48 -52.38
N CYS B 195 5.36 -2.17 -51.83
CA CYS B 195 6.49 -3.08 -51.85
C CYS B 195 6.41 -3.95 -50.60
N THR B 196 5.90 -5.16 -50.73
CA THR B 196 5.49 -5.94 -49.57
C THR B 196 6.55 -6.86 -49.01
N ALA B 197 6.21 -7.50 -47.89
CA ALA B 197 7.07 -8.49 -47.27
C ALA B 197 7.28 -9.63 -48.26
N ALA B 198 8.54 -9.95 -48.52
CA ALA B 198 8.87 -10.93 -49.55
C ALA B 198 9.84 -12.00 -49.06
N ILE B 199 10.80 -11.57 -48.26
CA ILE B 199 11.91 -12.42 -47.82
C ILE B 199 11.49 -13.64 -46.98
N ALA B 200 12.12 -14.78 -47.23
CA ALA B 200 11.95 -15.98 -46.39
C ALA B 200 10.50 -16.21 -45.96
N PRO B 201 9.66 -16.61 -46.91
CA PRO B 201 8.22 -16.80 -46.69
C PRO B 201 7.90 -18.12 -45.97
N ARG B 202 6.72 -18.18 -45.36
CA ARG B 202 6.19 -19.42 -44.80
C ARG B 202 5.16 -19.93 -45.78
N ARG B 203 5.27 -21.20 -46.15
CA ARG B 203 4.41 -21.74 -47.19
C ARG B 203 3.68 -22.99 -46.73
N TYR B 204 2.34 -22.90 -46.69
CA TYR B 204 1.48 -24.02 -46.39
C TYR B 204 0.93 -24.59 -47.70
N GLU B 205 0.69 -25.90 -47.75
CA GLU B 205 0.06 -26.49 -48.93
C GLU B 205 -1.01 -27.50 -48.54
N ILE B 206 -2.10 -27.50 -49.30
CA ILE B 206 -3.22 -28.41 -49.07
C ILE B 206 -3.21 -29.53 -50.11
N ASP B 207 -3.02 -30.75 -49.66
CA ASP B 207 -2.85 -31.88 -50.58
C ASP B 207 -4.07 -32.78 -50.63
N LEU B 208 -4.80 -32.68 -51.74
CA LEU B 208 -5.99 -33.50 -51.97
C LEU B 208 -5.61 -34.79 -52.69
N PRO B 209 -6.13 -35.93 -52.19
CA PRO B 209 -5.83 -37.27 -52.71
C PRO B 209 -6.29 -37.38 -54.16
N SER B 210 -5.68 -38.27 -54.93
CA SER B 210 -6.09 -38.48 -56.31
C SER B 210 -7.36 -39.35 -56.39
N GLN B 211 -8.38 -38.98 -55.63
CA GLN B 211 -9.65 -39.69 -55.63
C GLN B 211 -10.82 -38.72 -55.78
N ARG B 212 -12.03 -39.22 -55.53
CA ARG B 212 -13.24 -38.45 -55.87
C ARG B 212 -13.64 -37.42 -54.82
N LEU B 213 -14.14 -36.28 -55.29
CA LEU B 213 -14.67 -35.25 -54.41
C LEU B 213 -15.89 -35.78 -53.69
N PRO B 214 -15.99 -35.53 -52.37
CA PRO B 214 -17.22 -35.88 -51.64
C PRO B 214 -18.41 -35.21 -52.31
N PRO B 215 -19.56 -35.90 -52.34
CA PRO B 215 -20.74 -35.45 -53.08
C PRO B 215 -21.50 -34.35 -52.36
N VAL B 216 -21.94 -33.34 -53.10
CA VAL B 216 -22.75 -32.28 -52.53
C VAL B 216 -24.11 -32.80 -52.09
N PRO B 217 -24.56 -32.40 -50.89
CA PRO B 217 -25.90 -32.73 -50.40
C PRO B 217 -26.98 -32.09 -51.27
N ALA B 218 -26.68 -30.93 -51.85
CA ALA B 218 -27.64 -30.20 -52.67
C ALA B 218 -26.98 -29.15 -53.55
N THR B 219 -27.73 -28.63 -54.51
CA THR B 219 -27.23 -27.59 -55.41
C THR B 219 -27.01 -26.27 -54.69
N GLY B 220 -25.88 -25.63 -54.98
CA GLY B 220 -25.58 -24.32 -54.41
C GLY B 220 -25.20 -24.39 -52.94
N THR B 221 -24.97 -25.60 -52.45
CA THR B 221 -24.55 -25.82 -51.06
C THR B 221 -23.05 -26.13 -51.00
N LEU B 222 -22.36 -25.53 -50.02
CA LEU B 222 -20.92 -25.69 -49.87
C LEU B 222 -20.54 -26.97 -49.12
N THR B 223 -19.76 -27.82 -49.78
CA THR B 223 -19.26 -29.04 -49.17
C THR B 223 -17.76 -28.92 -48.92
N THR B 224 -17.34 -29.06 -47.67
CA THR B 224 -15.93 -28.85 -47.31
C THR B 224 -15.05 -30.03 -47.75
N LEU B 225 -13.83 -29.71 -48.19
CA LEU B 225 -12.86 -30.72 -48.62
C LEU B 225 -11.73 -30.83 -47.61
N TYR B 226 -11.25 -29.68 -47.13
CA TYR B 226 -10.23 -29.66 -46.09
C TYR B 226 -10.40 -28.49 -45.13
N GLU B 227 -10.19 -28.75 -43.84
CA GLU B 227 -10.12 -27.71 -42.84
C GLU B 227 -8.95 -28.03 -41.92
N GLY B 228 -8.18 -27.02 -41.56
CA GLY B 228 -6.99 -27.23 -40.76
C GLY B 228 -6.39 -25.92 -40.26
N ASN B 229 -5.30 -26.02 -39.51
CA ASN B 229 -4.65 -24.85 -38.94
C ASN B 229 -3.52 -24.29 -39.80
N ALA B 230 -3.42 -22.97 -39.85
CA ALA B 230 -2.38 -22.30 -40.60
C ALA B 230 -2.32 -20.83 -40.21
N ASP B 231 -1.13 -20.25 -40.28
CA ASP B 231 -0.93 -18.88 -39.82
C ASP B 231 -0.59 -17.90 -40.93
N ILE B 232 -1.51 -16.98 -41.17
CA ILE B 232 -1.25 -15.87 -42.08
C ILE B 232 -1.43 -14.58 -41.29
N VAL B 233 -0.53 -13.63 -41.51
CA VAL B 233 -0.55 -12.41 -40.74
C VAL B 233 -0.26 -11.19 -41.61
N ASN B 234 0.29 -11.42 -42.79
CA ASN B 234 0.45 -10.37 -43.79
C ASN B 234 0.25 -10.88 -45.21
N SER B 235 0.63 -10.06 -46.20
CA SER B 235 0.31 -10.36 -47.59
C SER B 235 0.63 -11.80 -47.99
N THR B 236 -0.30 -12.43 -48.69
CA THR B 236 -0.17 -13.83 -49.09
C THR B 236 -0.38 -14.04 -50.58
N THR B 237 0.27 -15.06 -51.14
CA THR B 237 0.09 -15.41 -52.54
C THR B 237 -0.35 -16.85 -52.67
N VAL B 238 -1.48 -17.07 -53.34
CA VAL B 238 -2.01 -18.41 -53.53
C VAL B 238 -1.72 -18.93 -54.93
N THR B 239 -1.13 -20.11 -55.02
CA THR B 239 -0.89 -20.78 -56.29
C THR B 239 -1.36 -22.22 -56.18
N GLY B 240 -2.12 -22.68 -57.18
CA GLY B 240 -2.65 -24.03 -57.14
C GLY B 240 -3.40 -24.43 -58.38
N ASP B 241 -3.75 -25.70 -58.46
CA ASP B 241 -4.50 -26.23 -59.59
C ASP B 241 -5.38 -27.37 -59.11
N ILE B 242 -6.55 -27.04 -58.57
CA ILE B 242 -7.53 -28.06 -58.20
C ILE B 242 -8.21 -28.58 -59.46
N ASN B 243 -7.69 -29.68 -59.98
CA ASN B 243 -8.19 -30.27 -61.22
C ASN B 243 -8.96 -31.56 -60.93
N PHE B 244 -9.76 -31.98 -61.89
CA PHE B 244 -10.55 -33.20 -61.74
C PHE B 244 -11.15 -33.61 -63.09
N SER B 245 -11.71 -34.81 -63.12
CA SER B 245 -12.43 -35.29 -64.30
C SER B 245 -13.74 -35.92 -63.88
N LEU B 246 -14.79 -35.66 -64.66
CA LEU B 246 -16.11 -36.24 -64.41
C LEU B 246 -16.21 -37.59 -65.11
N ALA B 247 -17.02 -38.49 -64.57
CA ALA B 247 -17.15 -39.83 -65.13
C ALA B 247 -17.97 -39.83 -66.43
N GLU B 248 -18.96 -38.94 -66.49
CA GLU B 248 -19.84 -38.86 -67.65
C GLU B 248 -19.87 -37.44 -68.20
N GLN B 249 -20.13 -37.32 -69.50
CA GLN B 249 -20.40 -36.02 -70.09
C GLN B 249 -21.51 -35.34 -69.30
N PRO B 250 -21.26 -34.12 -68.80
CA PRO B 250 -22.25 -33.39 -68.02
C PRO B 250 -23.54 -33.21 -68.81
N ALA B 251 -24.66 -33.65 -68.23
CA ALA B 251 -25.94 -33.50 -68.91
C ALA B 251 -26.16 -32.03 -69.26
N ASP B 252 -25.87 -31.16 -68.29
CA ASP B 252 -25.91 -29.73 -68.51
C ASP B 252 -24.58 -29.15 -68.05
N GLU B 253 -24.12 -28.11 -68.73
CA GLU B 253 -22.90 -27.42 -68.33
C GLU B 253 -23.06 -26.91 -66.90
N THR B 254 -22.28 -27.48 -65.98
CA THR B 254 -22.38 -27.09 -64.57
C THR B 254 -21.19 -26.25 -64.11
N LYS B 255 -21.45 -25.38 -63.13
CA LYS B 255 -20.46 -24.45 -62.64
C LYS B 255 -19.91 -24.93 -61.30
N PHE B 256 -18.63 -25.34 -61.30
CA PHE B 256 -17.93 -25.70 -60.07
C PHE B 256 -17.29 -24.48 -59.43
N ASP B 257 -17.60 -24.24 -58.16
CA ASP B 257 -17.03 -23.12 -57.41
C ASP B 257 -16.15 -23.67 -56.29
N PHE B 258 -14.94 -23.13 -56.18
CA PHE B 258 -14.04 -23.50 -55.09
C PHE B 258 -13.73 -22.33 -54.19
N GLN B 259 -14.13 -22.43 -52.93
CA GLN B 259 -13.92 -21.37 -51.94
C GLN B 259 -12.78 -21.71 -50.98
N LEU B 260 -11.82 -20.80 -50.89
CA LEU B 260 -10.78 -20.89 -49.89
C LEU B 260 -11.09 -19.88 -48.80
N ASP B 261 -11.36 -20.37 -47.59
CA ASP B 261 -11.75 -19.51 -46.48
C ASP B 261 -10.64 -19.39 -45.45
N PHE B 262 -10.38 -18.17 -45.00
CA PHE B 262 -9.41 -17.92 -43.95
C PHE B 262 -10.09 -17.36 -42.71
N MET B 263 -10.16 -18.16 -41.65
CA MET B 263 -10.84 -17.71 -40.44
C MET B 263 -9.86 -17.50 -39.29
N GLY B 264 -10.29 -16.78 -38.27
CA GLY B 264 -9.48 -16.54 -37.08
C GLY B 264 -9.75 -17.54 -35.99
N LEU B 265 -9.34 -17.21 -34.77
CA LEU B 265 -9.56 -18.08 -33.62
C LEU B 265 -11.03 -18.29 -33.34
N ASP B 266 -11.84 -17.33 -33.80
CA ASP B 266 -13.22 -17.21 -33.37
C ASP B 266 -14.25 -17.27 -34.49
N ASN B 267 -15.45 -17.72 -34.12
CA ASN B 267 -16.67 -17.51 -34.89
C ASN B 267 -16.72 -17.93 -36.37
N ASP B 268 -15.74 -18.67 -36.85
CA ASP B 268 -15.81 -19.23 -38.21
C ASP B 268 -16.11 -18.22 -39.32
N VAL B 269 -16.15 -16.93 -38.99
CA VAL B 269 -16.46 -15.90 -39.98
C VAL B 269 -15.23 -15.50 -40.77
N PRO B 270 -15.21 -15.84 -42.06
CA PRO B 270 -14.05 -15.61 -42.94
C PRO B 270 -13.46 -14.22 -42.79
N VAL B 271 -12.14 -14.17 -42.54
CA VAL B 271 -11.40 -12.92 -42.50
C VAL B 271 -11.22 -12.45 -43.93
N VAL B 272 -10.98 -13.43 -44.79
CA VAL B 272 -10.80 -13.21 -46.21
C VAL B 272 -11.24 -14.47 -46.94
N THR B 273 -12.09 -14.32 -47.95
CA THR B 273 -12.50 -15.45 -48.77
C THR B 273 -12.02 -15.21 -50.18
N VAL B 274 -11.68 -16.29 -50.88
CA VAL B 274 -11.26 -16.17 -52.27
C VAL B 274 -11.83 -17.34 -53.06
N VAL B 275 -12.27 -17.07 -54.28
CA VAL B 275 -12.97 -18.08 -55.09
C VAL B 275 -12.43 -18.26 -56.51
N SER B 276 -12.52 -19.48 -57.00
CA SER B 276 -12.14 -19.80 -58.38
C SER B 276 -13.13 -20.81 -58.92
N SER B 277 -13.66 -20.56 -60.11
CA SER B 277 -14.67 -21.43 -60.71
C SER B 277 -14.43 -21.78 -62.17
N VAL B 278 -14.82 -23.00 -62.55
CA VAL B 278 -14.74 -23.45 -63.94
C VAL B 278 -16.07 -23.99 -64.40
N LEU B 279 -16.28 -23.95 -65.71
CA LEU B 279 -17.45 -24.58 -66.31
C LEU B 279 -17.09 -25.94 -66.88
N ALA B 280 -17.84 -26.96 -66.48
CA ALA B 280 -17.64 -28.31 -66.98
C ALA B 280 -18.43 -28.52 -68.26
N THR B 281 -17.74 -28.52 -69.39
CA THR B 281 -18.38 -28.65 -70.69
C THR B 281 -18.10 -30.04 -71.25
N ASN B 282 -18.73 -30.38 -72.37
CA ASN B 282 -18.36 -31.57 -73.13
C ASN B 282 -16.89 -31.46 -73.50
N ASP B 283 -16.46 -30.22 -73.76
CA ASP B 283 -15.13 -29.94 -74.26
C ASP B 283 -14.00 -30.34 -73.31
N ASN B 284 -14.25 -30.22 -72.01
CA ASN B 284 -13.16 -30.37 -71.04
C ASN B 284 -13.41 -31.36 -69.90
N TYR B 285 -14.55 -32.03 -69.91
CA TYR B 285 -14.94 -32.85 -68.76
C TYR B 285 -13.91 -33.93 -68.41
N ARG B 286 -12.97 -34.19 -69.31
CA ARG B 286 -11.93 -35.18 -69.05
C ARG B 286 -10.81 -34.60 -68.18
N GLY B 287 -10.71 -33.27 -68.11
CA GLY B 287 -9.67 -32.62 -67.34
C GLY B 287 -9.96 -31.19 -66.98
N VAL B 288 -11.03 -30.98 -66.22
CA VAL B 288 -11.37 -29.65 -65.72
C VAL B 288 -10.33 -29.15 -64.72
N SER B 289 -9.90 -27.90 -64.86
CA SER B 289 -8.96 -27.35 -63.89
C SER B 289 -9.39 -25.99 -63.36
N ALA B 290 -9.66 -25.93 -62.06
CA ALA B 290 -9.91 -24.67 -61.38
C ALA B 290 -8.60 -24.17 -60.79
N LYS B 291 -8.14 -23.02 -61.26
CA LYS B 291 -6.82 -22.51 -60.89
C LYS B 291 -6.86 -21.40 -59.83
N MET B 292 -6.04 -21.57 -58.80
CA MET B 292 -5.91 -20.56 -57.76
C MET B 292 -4.70 -19.66 -58.05
N THR B 293 -4.90 -18.34 -58.01
CA THR B 293 -3.87 -17.40 -58.45
C THR B 293 -3.94 -16.07 -57.71
N GLN B 294 -4.76 -16.02 -56.67
CA GLN B 294 -5.02 -14.76 -56.00
C GLN B 294 -3.86 -14.26 -55.16
N SER B 295 -3.76 -12.94 -55.05
CA SER B 295 -2.80 -12.29 -54.17
C SER B 295 -3.56 -11.47 -53.14
N ILE B 296 -3.63 -11.97 -51.92
CA ILE B 296 -4.34 -11.32 -50.82
C ILE B 296 -3.48 -10.27 -50.12
N PRO B 297 -3.82 -8.98 -50.31
CA PRO B 297 -3.08 -7.90 -49.66
C PRO B 297 -3.23 -7.93 -48.14
N THR B 298 -2.43 -7.14 -47.44
CA THR B 298 -2.41 -7.16 -45.99
C THR B 298 -3.61 -6.45 -45.37
N GLU B 299 -4.01 -5.31 -45.95
CA GLU B 299 -5.13 -4.55 -45.42
C GLU B 299 -6.39 -5.42 -45.34
N ASN B 300 -6.33 -6.59 -45.97
CA ASN B 300 -7.44 -7.54 -45.95
C ASN B 300 -7.43 -8.44 -44.72
N ILE B 301 -6.27 -8.57 -44.08
CA ILE B 301 -6.15 -9.39 -42.88
C ILE B 301 -6.56 -8.58 -41.66
N THR B 302 -7.86 -8.49 -41.43
CA THR B 302 -8.43 -7.62 -40.41
C THR B 302 -8.27 -8.18 -38.98
N LYS B 303 -7.87 -9.44 -38.89
CA LYS B 303 -7.61 -10.09 -37.60
C LYS B 303 -6.76 -11.34 -37.83
N PRO B 304 -6.05 -11.79 -36.78
CA PRO B 304 -5.15 -12.95 -36.94
C PRO B 304 -5.88 -14.15 -37.56
N ILE B 305 -5.29 -14.70 -38.61
CA ILE B 305 -5.82 -15.88 -39.27
C ILE B 305 -5.14 -17.13 -38.71
N THR B 306 -5.93 -18.12 -38.30
CA THR B 306 -5.35 -19.31 -37.70
C THR B 306 -5.84 -20.60 -38.33
N ARG B 307 -6.71 -20.50 -39.32
CA ARG B 307 -7.17 -21.70 -40.01
C ARG B 307 -7.74 -21.49 -41.41
N VAL B 308 -7.61 -22.52 -42.23
CA VAL B 308 -8.05 -22.49 -43.62
C VAL B 308 -9.20 -23.46 -43.81
N LYS B 309 -9.98 -23.24 -44.85
CA LYS B 309 -11.11 -24.11 -45.16
C LYS B 309 -11.35 -24.13 -46.66
N LEU B 310 -11.05 -25.26 -47.29
CA LEU B 310 -11.28 -25.41 -48.72
C LEU B 310 -12.55 -26.19 -48.98
N SER B 311 -13.52 -25.54 -49.61
CA SER B 311 -14.80 -26.16 -49.91
C SER B 311 -15.19 -25.93 -51.37
N TYR B 312 -16.17 -26.69 -51.84
CA TYR B 312 -16.68 -26.53 -53.20
C TYR B 312 -18.19 -26.71 -53.24
N LYS B 313 -18.81 -26.13 -54.26
CA LYS B 313 -20.25 -26.22 -54.46
C LYS B 313 -20.54 -26.29 -55.96
N ILE B 314 -21.63 -26.93 -56.35
CA ILE B 314 -21.97 -26.98 -57.78
C ILE B 314 -23.24 -26.22 -58.15
N ASN B 315 -23.79 -26.58 -59.29
CA ASN B 315 -24.73 -25.73 -60.00
C ASN B 315 -25.94 -26.46 -60.57
N GLN B 316 -25.84 -27.77 -60.69
CA GLN B 316 -26.85 -28.55 -61.40
C GLN B 316 -27.21 -29.87 -60.71
N GLN B 317 -28.49 -30.24 -60.79
CA GLN B 317 -28.93 -31.54 -60.28
C GLN B 317 -28.29 -32.65 -61.10
N THR B 318 -28.13 -32.37 -62.39
CA THR B 318 -27.59 -33.34 -63.33
C THR B 318 -26.09 -33.51 -63.17
N ALA B 319 -25.59 -33.19 -61.98
CA ALA B 319 -24.16 -33.24 -61.73
C ALA B 319 -23.85 -33.93 -60.39
N ILE B 320 -24.85 -33.97 -59.51
CA ILE B 320 -24.66 -34.49 -58.16
C ILE B 320 -24.26 -35.97 -58.13
N GLY B 321 -24.67 -36.71 -59.15
CA GLY B 321 -24.34 -38.13 -59.24
C GLY B 321 -23.15 -38.38 -60.14
N ASN B 322 -22.60 -37.30 -60.68
CA ASN B 322 -21.48 -37.39 -61.61
C ASN B 322 -20.14 -37.40 -60.87
N VAL B 323 -19.63 -38.59 -60.58
CA VAL B 323 -18.40 -38.75 -59.79
C VAL B 323 -17.18 -38.05 -60.40
N ALA B 324 -16.66 -37.06 -59.68
CA ALA B 324 -15.48 -36.32 -60.11
C ALA B 324 -14.21 -36.82 -59.42
N THR B 325 -13.30 -37.39 -60.18
CA THR B 325 -12.03 -37.87 -59.65
C THR B 325 -10.95 -36.78 -59.75
N LEU B 326 -10.04 -36.72 -58.78
CA LEU B 326 -9.18 -35.56 -58.61
C LEU B 326 -7.81 -35.59 -59.29
N GLY B 327 -7.17 -36.75 -59.34
CA GLY B 327 -5.79 -36.81 -59.81
C GLY B 327 -5.51 -36.48 -61.27
N THR B 328 -6.57 -36.29 -62.05
CA THR B 328 -6.47 -36.29 -63.52
C THR B 328 -5.36 -35.42 -64.17
N MET B 329 -5.27 -34.14 -63.79
CA MET B 329 -4.40 -33.21 -64.49
C MET B 329 -3.02 -33.03 -63.86
N GLY B 330 -2.76 -33.76 -62.79
CA GLY B 330 -1.58 -33.52 -61.97
C GLY B 330 -2.10 -33.36 -60.56
N PRO B 331 -1.22 -33.39 -59.56
CA PRO B 331 -1.69 -33.42 -58.17
C PRO B 331 -2.71 -32.31 -57.91
N ALA B 332 -3.76 -32.63 -57.18
CA ALA B 332 -4.76 -31.64 -56.79
C ALA B 332 -4.30 -30.97 -55.51
N SER B 333 -3.73 -29.78 -55.63
CA SER B 333 -3.06 -29.14 -54.51
C SER B 333 -3.13 -27.62 -54.60
N VAL B 334 -3.43 -26.97 -53.48
CA VAL B 334 -3.40 -25.51 -53.41
C VAL B 334 -2.43 -25.08 -52.33
N SER B 335 -1.49 -24.21 -52.68
CA SER B 335 -0.50 -23.72 -51.73
C SER B 335 -0.61 -22.22 -51.57
N PHE B 336 -0.16 -21.71 -50.42
CA PHE B 336 -0.07 -20.26 -50.23
C PHE B 336 1.19 -19.88 -49.48
N SER B 337 1.81 -18.77 -49.89
CA SER B 337 3.08 -18.34 -49.34
C SER B 337 2.99 -16.90 -48.86
N SER B 338 3.28 -16.70 -47.59
CA SER B 338 3.26 -15.37 -46.98
C SER B 338 4.68 -14.85 -46.76
N GLY B 339 4.94 -13.61 -47.13
CA GLY B 339 6.25 -13.04 -46.94
C GLY B 339 6.66 -12.96 -45.47
N ASN B 340 7.96 -13.06 -45.21
CA ASN B 340 8.51 -12.93 -43.86
C ASN B 340 8.07 -14.01 -42.87
N GLY B 341 7.18 -14.91 -43.31
CA GLY B 341 6.61 -15.90 -42.41
C GLY B 341 7.63 -16.67 -41.60
N ASN B 342 8.73 -17.06 -42.24
CA ASN B 342 9.73 -17.87 -41.57
C ASN B 342 10.92 -17.08 -41.03
N VAL B 343 10.81 -15.76 -41.06
CA VAL B 343 11.75 -14.91 -40.36
C VAL B 343 11.44 -15.04 -38.88
N PRO B 344 12.44 -15.44 -38.08
CA PRO B 344 12.21 -15.63 -36.64
C PRO B 344 11.73 -14.34 -35.99
N GLY B 345 10.60 -14.42 -35.29
CA GLY B 345 10.03 -13.27 -34.63
C GLY B 345 8.69 -12.88 -35.22
N VAL B 346 8.50 -13.16 -36.51
CA VAL B 346 7.31 -12.71 -37.24
C VAL B 346 6.07 -13.51 -36.89
N LEU B 347 6.19 -14.83 -36.86
CA LEU B 347 5.08 -15.69 -36.49
C LEU B 347 5.45 -16.54 -35.29
N ARG B 348 6.74 -16.69 -35.07
CA ARG B 348 7.27 -17.52 -33.99
C ARG B 348 8.45 -16.79 -33.38
N PRO B 349 8.54 -16.76 -32.04
CA PRO B 349 7.57 -17.33 -31.12
C PRO B 349 6.56 -16.29 -30.64
N ILE B 350 5.55 -16.75 -29.94
CA ILE B 350 4.53 -15.86 -29.39
C ILE B 350 4.52 -15.93 -27.87
N THR B 351 3.94 -14.91 -27.24
CA THR B 351 3.77 -14.94 -25.79
C THR B 351 2.31 -14.72 -25.49
N LEU B 352 1.72 -15.68 -24.80
CA LEU B 352 0.32 -15.58 -24.43
C LEU B 352 0.18 -15.10 -22.99
N VAL B 353 -0.68 -14.12 -22.78
CA VAL B 353 -1.02 -13.68 -21.44
C VAL B 353 -2.53 -13.72 -21.26
N ALA B 354 -3.00 -14.65 -20.45
CA ALA B 354 -4.43 -14.79 -20.20
C ALA B 354 -4.79 -14.10 -18.89
N TYR B 355 -5.92 -13.39 -18.88
CA TYR B 355 -6.41 -12.77 -17.67
C TYR B 355 -7.80 -13.30 -17.36
N GLU B 356 -8.08 -13.54 -16.08
CA GLU B 356 -9.40 -14.02 -15.68
C GLU B 356 -9.81 -13.47 -14.31
N LYS B 357 -11.11 -13.54 -14.02
CA LYS B 357 -11.66 -13.05 -12.77
C LYS B 357 -11.30 -11.59 -12.53
N MET B 358 -11.40 -10.77 -13.58
CA MET B 358 -11.25 -9.33 -13.46
C MET B 358 -12.61 -8.68 -13.36
N THR B 359 -12.70 -7.58 -12.61
CA THR B 359 -13.95 -6.84 -12.49
C THR B 359 -14.38 -6.28 -13.84
N PRO B 360 -15.58 -6.66 -14.30
CA PRO B 360 -16.08 -6.20 -15.60
C PRO B 360 -16.07 -4.68 -15.71
N LEU B 361 -15.92 -4.17 -16.94
CA LEU B 361 -15.89 -2.74 -17.20
C LEU B 361 -14.66 -2.03 -16.63
N SER B 362 -13.70 -2.82 -16.15
CA SER B 362 -12.44 -2.27 -15.68
C SER B 362 -11.45 -2.22 -16.83
N ILE B 363 -10.30 -1.60 -16.61
CA ILE B 363 -9.32 -1.45 -17.67
C ILE B 363 -8.00 -2.19 -17.41
N LEU B 364 -7.61 -3.01 -18.37
CA LEU B 364 -6.33 -3.72 -18.34
C LEU B 364 -5.33 -2.96 -19.19
N THR B 365 -4.41 -2.25 -18.53
CA THR B 365 -3.50 -1.36 -19.25
C THR B 365 -2.24 -2.07 -19.74
N VAL B 366 -1.96 -1.92 -21.02
CA VAL B 366 -0.78 -2.50 -21.64
C VAL B 366 0.11 -1.41 -22.23
N ALA B 367 1.35 -1.32 -21.74
CA ALA B 367 2.30 -0.34 -22.24
C ALA B 367 3.45 -1.04 -22.95
N GLY B 368 3.72 -0.66 -24.19
CA GLY B 368 4.73 -1.32 -24.98
C GLY B 368 5.89 -0.40 -25.34
N VAL B 369 7.06 -1.00 -25.50
CA VAL B 369 8.25 -0.27 -25.94
C VAL B 369 9.00 -1.13 -26.94
N SER B 370 9.32 -0.56 -28.10
CA SER B 370 10.02 -1.31 -29.13
C SER B 370 11.22 -0.51 -29.63
N ASN B 371 12.34 -1.17 -29.89
CA ASN B 371 13.50 -0.50 -30.43
C ASN B 371 13.86 -1.13 -31.76
N TYR B 372 13.97 -0.30 -32.80
CA TYR B 372 14.23 -0.82 -34.15
C TYR B 372 15.56 -0.33 -34.70
N GLU B 373 16.03 -1.01 -35.74
CA GLU B 373 17.02 -0.47 -36.66
C GLU B 373 16.25 -0.24 -37.94
N LEU B 374 16.20 1.01 -38.40
CA LEU B 374 15.37 1.35 -39.54
C LEU B 374 16.14 2.00 -40.68
N ILE B 375 15.60 1.91 -41.90
CA ILE B 375 16.16 2.60 -43.04
C ILE B 375 15.15 3.61 -43.59
N PRO B 376 15.43 4.91 -43.41
CA PRO B 376 14.49 5.96 -43.76
C PRO B 376 14.04 5.89 -45.22
N ASN B 377 12.79 6.24 -45.49
CA ASN B 377 12.29 6.29 -46.85
C ASN B 377 12.87 7.50 -47.57
N PRO B 378 12.96 7.45 -48.90
CA PRO B 378 13.71 8.44 -49.69
C PRO B 378 13.41 9.88 -49.31
N GLU B 379 12.20 10.15 -48.81
CA GLU B 379 11.84 11.49 -48.36
C GLU B 379 12.57 11.90 -47.09
N LEU B 380 12.59 11.00 -46.11
CA LEU B 380 13.32 11.21 -44.87
C LEU B 380 14.82 11.18 -45.08
N LEU B 381 15.27 10.54 -46.16
CA LEU B 381 16.69 10.44 -46.45
C LEU B 381 17.31 11.81 -46.75
N LYS B 382 16.46 12.73 -47.23
CA LYS B 382 16.91 14.07 -47.58
C LYS B 382 17.49 14.78 -46.37
N ASN B 383 17.03 14.43 -45.19
CA ASN B 383 17.42 15.16 -43.98
C ASN B 383 17.99 14.28 -42.88
N MET B 384 17.78 12.98 -42.98
CA MET B 384 18.22 12.09 -41.91
C MET B 384 19.53 11.39 -42.26
N VAL B 385 20.49 11.49 -41.37
CA VAL B 385 21.80 10.85 -41.54
C VAL B 385 21.70 9.36 -41.25
N THR B 386 22.36 8.55 -42.07
CA THR B 386 22.43 7.11 -41.81
C THR B 386 23.85 6.71 -41.42
N ARG B 387 23.97 5.81 -40.46
CA ARG B 387 25.28 5.44 -39.92
C ARG B 387 25.44 3.94 -39.82
N TYR B 388 26.67 3.47 -39.98
CA TYR B 388 26.98 2.10 -39.64
C TYR B 388 26.91 1.98 -38.13
N GLY B 389 26.61 0.79 -37.62
CA GLY B 389 26.50 0.59 -36.19
C GLY B 389 27.76 0.94 -35.43
N LYS B 390 27.61 1.32 -34.16
CA LYS B 390 28.75 1.55 -33.28
C LYS B 390 29.64 0.32 -33.31
N TYR B 391 30.94 0.52 -33.14
CA TYR B 391 31.86 -0.61 -33.15
C TYR B 391 31.79 -1.40 -31.85
N ASP B 392 31.25 -2.61 -31.91
CA ASP B 392 31.00 -3.39 -30.72
C ASP B 392 31.43 -4.84 -30.92
N PRO B 393 32.73 -5.11 -30.78
CA PRO B 393 33.33 -6.43 -31.01
C PRO B 393 32.84 -7.50 -30.04
N GLU B 394 32.70 -7.15 -28.76
CA GLU B 394 32.31 -8.13 -27.77
C GLU B 394 30.82 -8.07 -27.45
N GLY B 395 30.14 -7.09 -28.01
CA GLY B 395 28.73 -6.90 -27.74
C GLY B 395 27.90 -8.16 -27.93
N LEU B 396 28.02 -8.78 -29.09
CA LEU B 396 27.18 -9.95 -29.40
C LEU B 396 27.55 -11.16 -28.54
N ASN B 397 28.85 -11.39 -28.34
CA ASN B 397 29.28 -12.49 -27.49
C ASN B 397 28.72 -12.40 -26.09
N TYR B 398 28.73 -11.19 -25.55
CA TYR B 398 28.20 -10.96 -24.21
C TYR B 398 26.76 -11.43 -24.13
N ALA B 399 25.95 -11.04 -25.12
CA ALA B 399 24.56 -11.46 -25.17
C ALA B 399 24.42 -12.98 -25.34
N LYS B 400 25.22 -13.56 -26.23
CA LYS B 400 25.22 -15.00 -26.45
C LYS B 400 25.48 -15.73 -25.14
N MET B 401 26.34 -15.15 -24.31
CA MET B 401 26.75 -15.79 -23.07
C MET B 401 25.70 -15.70 -21.97
N ILE B 402 25.02 -14.57 -21.87
CA ILE B 402 24.00 -14.40 -20.84
C ILE B 402 22.80 -15.28 -21.18
N LEU B 403 22.40 -15.27 -22.45
CA LEU B 403 21.33 -16.14 -22.91
C LEU B 403 21.77 -17.58 -22.75
N SER B 404 23.07 -17.81 -22.78
CA SER B 404 23.65 -19.14 -22.58
C SER B 404 23.30 -19.67 -21.19
N HIS B 405 23.68 -18.92 -20.16
CA HIS B 405 23.38 -19.29 -18.79
C HIS B 405 22.06 -18.67 -18.38
N ARG B 406 21.12 -18.63 -19.30
CA ARG B 406 19.81 -18.03 -19.07
C ARG B 406 19.03 -18.73 -17.96
N GLU B 407 19.32 -20.00 -17.73
CA GLU B 407 18.57 -20.77 -16.74
C GLU B 407 19.21 -20.71 -15.36
N GLU B 408 20.54 -20.70 -15.34
CA GLU B 408 21.28 -20.55 -14.09
C GLU B 408 20.90 -19.22 -13.46
N LEU B 409 21.19 -18.13 -14.18
CA LEU B 409 20.63 -16.83 -13.85
C LEU B 409 19.13 -16.96 -14.04
N ASP B 410 18.38 -15.86 -13.97
CA ASP B 410 16.95 -16.00 -14.19
C ASP B 410 16.48 -14.99 -15.21
N ILE B 411 17.02 -15.09 -16.41
CA ILE B 411 16.58 -14.25 -17.50
C ILE B 411 15.30 -14.82 -18.10
N ARG B 412 14.26 -13.99 -18.19
CA ARG B 412 12.94 -14.47 -18.54
C ARG B 412 12.34 -13.76 -19.77
N THR B 413 11.44 -14.46 -20.47
CA THR B 413 10.63 -13.82 -21.48
C THR B 413 9.33 -13.37 -20.82
N VAL B 414 9.00 -14.02 -19.71
CA VAL B 414 7.81 -13.68 -18.95
C VAL B 414 8.15 -13.45 -17.48
N TRP B 415 7.92 -12.23 -16.99
CA TRP B 415 8.30 -11.86 -15.63
C TRP B 415 7.11 -11.51 -14.76
N ARG B 416 7.28 -11.66 -13.45
CA ARG B 416 6.41 -10.99 -12.51
C ARG B 416 6.92 -9.56 -12.44
N THR B 417 6.09 -8.61 -12.87
CA THR B 417 6.54 -7.23 -13.03
C THR B 417 7.39 -6.69 -11.88
N GLU B 418 6.98 -6.95 -10.65
CA GLU B 418 7.70 -6.42 -9.49
C GLU B 418 9.13 -6.96 -9.42
N GLU B 419 9.34 -8.15 -10.00
CA GLU B 419 10.66 -8.76 -10.03
C GLU B 419 11.50 -8.19 -11.16
N TYR B 420 10.94 -8.14 -12.36
CA TYR B 420 11.64 -7.54 -13.48
C TYR B 420 12.15 -6.15 -13.11
N LYS B 421 11.37 -5.42 -12.32
CA LYS B 421 11.76 -4.08 -11.91
C LYS B 421 13.08 -4.09 -11.12
N GLU B 422 13.15 -4.90 -10.07
CA GLU B 422 14.32 -4.93 -9.20
C GLU B 422 15.53 -5.59 -9.84
N ARG B 423 15.35 -6.84 -10.26
CA ARG B 423 16.46 -7.68 -10.74
C ARG B 423 17.03 -7.18 -12.07
N THR B 424 16.55 -6.03 -12.51
CA THR B 424 16.93 -5.49 -13.82
C THR B 424 18.02 -4.43 -13.74
N ARG B 425 17.98 -3.60 -12.72
CA ARG B 425 18.91 -2.47 -12.62
C ARG B 425 20.36 -2.90 -12.43
N VAL B 426 20.59 -4.22 -12.50
CA VAL B 426 21.94 -4.78 -12.51
C VAL B 426 22.60 -4.52 -13.86
N PHE B 427 21.76 -4.25 -14.87
CA PHE B 427 22.24 -3.81 -16.18
C PHE B 427 22.10 -2.30 -16.27
N ASN B 428 22.22 -1.63 -15.12
CA ASN B 428 22.19 -0.17 -15.02
C ASN B 428 20.77 0.40 -15.06
N ALA C 6 33.41 21.25 -4.49
CA ALA C 6 32.09 21.88 -4.32
C ALA C 6 31.59 22.49 -5.63
N THR C 7 31.54 21.67 -6.67
CA THR C 7 31.15 22.14 -8.00
C THR C 7 29.80 21.56 -8.42
N ALA C 8 29.46 20.40 -7.85
CA ALA C 8 28.22 19.72 -8.19
C ALA C 8 26.99 20.52 -7.77
N THR C 9 27.21 21.71 -7.24
CA THR C 9 26.12 22.53 -6.71
C THR C 9 25.09 22.87 -7.77
N TYR C 10 25.57 23.32 -8.92
CA TYR C 10 24.65 23.69 -10.01
C TYR C 10 23.82 22.50 -10.45
N LEU C 11 24.49 21.39 -10.79
CA LEU C 11 23.81 20.20 -11.27
C LEU C 11 22.81 19.67 -10.23
N LYS C 12 23.15 19.77 -8.95
CA LYS C 12 22.24 19.32 -7.91
C LYS C 12 20.93 20.08 -7.98
N SER C 13 21.02 21.40 -8.21
CA SER C 13 19.84 22.23 -8.32
C SER C 13 19.03 21.87 -9.56
N ILE C 14 19.72 21.56 -10.66
CA ILE C 14 19.04 21.16 -11.89
C ILE C 14 18.25 19.87 -11.70
N MET C 15 18.86 18.89 -11.03
CA MET C 15 18.28 17.56 -10.87
C MET C 15 17.30 17.46 -9.69
N LEU C 16 17.62 18.13 -8.60
CA LEU C 16 16.76 18.14 -7.42
C LEU C 16 16.35 19.55 -7.07
N PRO C 17 15.45 20.15 -7.85
CA PRO C 17 15.02 21.53 -7.61
C PRO C 17 14.42 21.73 -6.22
N GLU C 18 13.84 20.68 -5.65
CA GLU C 18 13.28 20.76 -4.30
C GLU C 18 14.35 21.22 -3.32
N THR C 19 15.59 20.82 -3.61
CA THR C 19 16.76 21.16 -2.80
C THR C 19 16.88 22.65 -2.52
N GLY C 20 16.67 23.44 -3.57
CA GLY C 20 16.84 24.87 -3.49
C GLY C 20 17.73 25.37 -4.60
N PRO C 21 17.92 26.69 -4.68
CA PRO C 21 18.61 27.40 -5.76
C PRO C 21 20.12 27.33 -5.66
N ALA C 22 20.78 27.38 -6.81
CA ALA C 22 22.22 27.55 -6.90
C ALA C 22 22.50 28.52 -8.04
N SER C 23 23.33 29.52 -7.81
CA SER C 23 23.64 30.49 -8.85
C SER C 23 24.12 29.75 -10.09
N ILE C 24 23.77 30.26 -11.27
CA ILE C 24 24.20 29.64 -12.52
C ILE C 24 25.63 30.04 -12.86
N PRO C 25 26.54 29.04 -12.95
CA PRO C 25 27.99 29.21 -13.06
C PRO C 25 28.46 29.56 -14.45
N ASP C 26 27.76 30.46 -15.12
CA ASP C 26 28.15 30.86 -16.47
C ASP C 26 28.68 32.28 -16.55
N ASP C 27 28.66 32.85 -17.76
CA ASP C 27 29.31 34.11 -18.05
C ASP C 27 28.45 35.33 -17.71
N ILE C 28 27.20 35.09 -17.32
CA ILE C 28 26.28 36.18 -17.01
C ILE C 28 26.22 36.44 -15.51
N THR C 29 27.37 36.80 -14.94
CA THR C 29 27.46 37.03 -13.52
C THR C 29 27.09 38.46 -13.15
N GLU C 30 25.81 38.68 -12.88
CA GLU C 30 25.36 39.97 -12.36
C GLU C 30 25.09 39.78 -10.88
N ARG C 31 25.09 40.87 -10.12
CA ARG C 31 24.73 40.81 -8.70
C ARG C 31 23.26 40.43 -8.57
N HIS C 32 22.96 39.40 -7.78
CA HIS C 32 21.59 38.90 -7.71
C HIS C 32 21.15 38.33 -6.37
N ILE C 33 19.95 37.74 -6.40
CA ILE C 33 19.31 37.11 -5.25
C ILE C 33 18.94 35.69 -5.66
N LEU C 34 18.88 34.77 -4.70
CA LEU C 34 18.42 33.42 -4.98
C LEU C 34 17.10 33.16 -4.26
N LYS C 35 16.07 32.72 -4.98
CA LYS C 35 14.79 32.48 -4.34
C LYS C 35 14.10 31.24 -4.88
N GLN C 36 13.47 30.48 -3.99
CA GLN C 36 12.70 29.31 -4.40
C GLN C 36 11.22 29.61 -4.34
N GLU C 37 10.48 29.05 -5.29
CA GLU C 37 9.06 29.30 -5.42
C GLU C 37 8.26 28.01 -5.44
N THR C 38 7.22 27.96 -4.62
CA THR C 38 6.38 26.76 -4.55
C THR C 38 5.02 27.04 -5.15
N SER C 39 4.59 26.15 -6.04
CA SER C 39 3.31 26.27 -6.70
C SER C 39 2.46 25.05 -6.33
N SER C 40 1.23 25.29 -5.88
CA SER C 40 0.35 24.20 -5.46
C SER C 40 -0.97 24.27 -6.23
N TYR C 41 -1.32 23.16 -6.89
CA TYR C 41 -2.53 23.14 -7.70
C TYR C 41 -3.35 21.85 -7.56
N ASN C 42 -4.58 21.99 -7.06
CA ASN C 42 -5.50 20.87 -6.99
C ASN C 42 -6.60 21.02 -8.06
N LEU C 43 -6.42 20.32 -9.18
CA LEU C 43 -7.31 20.45 -10.32
C LEU C 43 -8.45 19.45 -10.29
N GLU C 44 -9.63 19.87 -10.73
CA GLU C 44 -10.78 18.96 -10.78
C GLU C 44 -10.95 18.37 -12.17
N VAL C 45 -11.24 17.07 -12.23
CA VAL C 45 -11.41 16.38 -13.50
C VAL C 45 -12.86 16.43 -13.94
N SER C 46 -13.08 16.66 -15.24
CA SER C 46 -14.44 16.75 -15.78
C SER C 46 -15.04 15.36 -15.95
N GLU C 47 -16.27 15.30 -16.44
CA GLU C 47 -16.96 14.03 -16.61
C GLU C 47 -16.17 13.09 -17.49
N SER C 48 -15.47 13.65 -18.48
CA SER C 48 -14.74 12.86 -19.46
C SER C 48 -13.50 12.17 -18.89
N GLY C 49 -13.07 12.60 -17.71
CA GLY C 49 -11.89 12.02 -17.10
C GLY C 49 -10.64 12.25 -17.93
N SER C 50 -10.72 13.17 -18.88
CA SER C 50 -9.60 13.51 -19.74
C SER C 50 -9.17 14.95 -19.57
N GLY C 51 -7.94 15.24 -19.99
CA GLY C 51 -7.39 16.59 -19.92
C GLY C 51 -5.95 16.65 -20.38
N VAL C 52 -5.47 17.85 -20.63
CA VAL C 52 -4.08 18.05 -21.02
C VAL C 52 -3.41 19.07 -20.11
N LEU C 53 -2.19 18.76 -19.70
CA LEU C 53 -1.43 19.66 -18.85
C LEU C 53 -0.26 20.20 -19.66
N VAL C 54 -0.18 21.51 -19.78
CA VAL C 54 0.86 22.13 -20.59
C VAL C 54 1.85 22.86 -19.70
N CYS C 55 3.09 22.37 -19.65
CA CYS C 55 4.13 23.00 -18.86
C CYS C 55 5.08 23.83 -19.72
N PHE C 56 5.58 24.92 -19.16
CA PHE C 56 6.61 25.71 -19.81
C PHE C 56 7.84 25.64 -18.94
N PRO C 57 8.44 24.45 -18.84
CA PRO C 57 9.48 24.15 -17.84
C PRO C 57 10.59 25.18 -17.78
N GLY C 58 10.84 25.90 -18.87
CA GLY C 58 11.96 26.83 -18.91
C GLY C 58 11.61 28.30 -18.70
N ALA C 59 10.34 28.58 -18.44
CA ALA C 59 9.83 29.94 -18.37
C ALA C 59 10.32 30.71 -17.14
N PRO C 60 10.90 31.90 -17.37
CA PRO C 60 11.38 32.80 -16.31
C PRO C 60 10.22 33.47 -15.61
N GLY C 61 9.11 33.63 -16.30
CA GLY C 61 7.96 34.29 -15.73
C GLY C 61 7.40 33.57 -14.52
N SER C 62 6.22 33.99 -14.09
CA SER C 62 5.51 33.31 -13.02
C SER C 62 4.30 32.56 -13.56
N ARG C 63 4.18 32.52 -14.89
CA ARG C 63 3.23 31.64 -15.57
C ARG C 63 3.97 30.40 -16.08
N ILE C 64 3.82 29.29 -15.37
CA ILE C 64 4.63 28.12 -15.67
C ILE C 64 3.84 26.97 -16.31
N GLY C 65 2.53 27.14 -16.45
CA GLY C 65 1.73 26.09 -17.04
C GLY C 65 0.35 26.50 -17.51
N ALA C 66 -0.47 25.53 -17.88
CA ALA C 66 -1.82 25.79 -18.33
C ALA C 66 -2.57 24.47 -18.34
N HIS C 67 -3.80 24.47 -17.82
CA HIS C 67 -4.58 23.25 -17.74
C HIS C 67 -5.77 23.29 -18.70
N TYR C 68 -5.92 22.24 -19.49
CA TYR C 68 -7.06 22.12 -20.40
C TYR C 68 -7.87 20.88 -20.03
N ARG C 69 -9.17 20.90 -20.32
CA ARG C 69 -10.03 19.75 -20.09
C ARG C 69 -10.70 19.32 -21.38
N TRP C 70 -11.00 18.03 -21.49
CA TRP C 70 -11.79 17.55 -22.61
C TRP C 70 -13.27 17.61 -22.24
N ASN C 71 -14.10 18.15 -23.11
CA ASN C 71 -15.54 18.11 -22.88
C ASN C 71 -16.01 16.66 -22.95
N ALA C 72 -17.08 16.34 -22.24
CA ALA C 72 -17.54 14.96 -22.10
C ALA C 72 -17.57 14.21 -23.43
N ASN C 73 -17.63 14.94 -24.53
CA ASN C 73 -17.76 14.34 -25.85
C ASN C 73 -16.43 14.08 -26.55
N GLN C 74 -15.33 14.44 -25.91
CA GLN C 74 -13.99 14.30 -26.51
C GLN C 74 -13.93 15.04 -27.84
N THR C 75 -14.72 16.10 -27.96
CA THR C 75 -14.80 16.89 -29.18
C THR C 75 -13.70 17.93 -29.26
N GLY C 76 -13.52 18.67 -28.16
CA GLY C 76 -12.50 19.70 -28.09
C GLY C 76 -12.06 19.94 -26.66
N LEU C 77 -11.21 20.94 -26.46
CA LEU C 77 -10.70 21.26 -25.15
C LEU C 77 -11.39 22.49 -24.55
N GLU C 78 -11.41 22.56 -23.22
CA GLU C 78 -11.94 23.72 -22.52
C GLU C 78 -10.88 24.24 -21.57
N PHE C 79 -10.40 25.45 -21.83
CA PHE C 79 -9.37 26.05 -20.99
C PHE C 79 -9.86 26.21 -19.55
N ASP C 80 -9.02 25.80 -18.60
CA ASP C 80 -9.37 25.91 -17.19
C ASP C 80 -8.73 27.14 -16.57
N GLN C 81 -7.41 27.14 -16.49
CA GLN C 81 -6.69 28.21 -15.81
C GLN C 81 -5.20 28.15 -16.11
N TRP C 82 -4.51 29.26 -15.85
CA TRP C 82 -3.06 29.28 -15.92
C TRP C 82 -2.51 28.54 -14.70
N LEU C 83 -1.32 27.97 -14.84
CA LEU C 83 -0.60 27.47 -13.68
C LEU C 83 0.48 28.49 -13.34
N GLU C 84 0.27 29.23 -12.27
CA GLU C 84 1.20 30.29 -11.89
C GLU C 84 1.92 29.98 -10.58
N THR C 85 2.73 30.93 -10.12
CA THR C 85 3.47 30.76 -8.88
C THR C 85 2.64 31.36 -7.76
N SER C 86 2.71 30.74 -6.58
CA SER C 86 2.03 31.26 -5.41
C SER C 86 2.25 32.77 -5.32
N GLN C 87 3.47 33.17 -5.61
CA GLN C 87 3.89 34.55 -5.44
C GLN C 87 4.01 35.22 -6.82
N ASP C 88 3.49 36.44 -6.93
CA ASP C 88 3.65 37.24 -8.14
C ASP C 88 5.01 37.92 -8.07
N LEU C 89 5.98 37.40 -8.83
CA LEU C 89 7.36 37.84 -8.72
C LEU C 89 7.57 39.29 -9.14
N LYS C 90 6.76 39.77 -10.06
CA LYS C 90 6.94 41.10 -10.62
C LYS C 90 6.61 42.23 -9.63
N LYS C 91 6.11 41.85 -8.45
CA LYS C 91 5.79 42.83 -7.42
C LYS C 91 7.00 43.09 -6.54
N ALA C 92 7.99 42.19 -6.64
CA ALA C 92 9.17 42.28 -5.78
C ALA C 92 10.47 42.31 -6.57
N PHE C 93 10.45 41.86 -7.81
CA PHE C 93 11.68 41.82 -8.60
C PHE C 93 11.46 42.32 -10.02
N ASN C 94 12.50 42.92 -10.60
CA ASN C 94 12.41 43.46 -11.94
C ASN C 94 13.04 42.55 -13.00
N TYR C 95 14.00 41.73 -12.59
CA TYR C 95 14.71 40.88 -13.54
C TYR C 95 14.86 39.46 -13.02
N GLY C 96 14.87 38.46 -13.92
CA GLY C 96 15.09 37.08 -13.52
C GLY C 96 15.52 36.08 -14.58
N ARG C 97 16.29 35.07 -14.17
CA ARG C 97 16.57 33.90 -15.00
C ARG C 97 16.06 32.69 -14.25
N LEU C 98 15.77 31.63 -14.96
CA LEU C 98 15.31 30.41 -14.30
C LEU C 98 16.46 29.45 -14.13
N ILE C 99 16.74 29.08 -12.89
CA ILE C 99 17.82 28.14 -12.59
C ILE C 99 17.39 26.71 -12.84
N SER C 100 16.30 26.29 -12.21
CA SER C 100 15.80 24.92 -12.36
C SER C 100 14.37 24.81 -11.89
N ARG C 101 13.64 23.84 -12.42
CA ARG C 101 12.23 23.68 -12.08
C ARG C 101 11.81 22.22 -12.14
N LYS C 102 10.72 21.88 -11.46
CA LYS C 102 10.22 20.51 -11.42
C LYS C 102 8.74 20.47 -11.07
N TYR C 103 7.95 19.78 -11.90
CA TYR C 103 6.54 19.54 -11.62
C TYR C 103 6.35 18.11 -11.10
N ASP C 104 5.53 17.95 -10.07
CA ASP C 104 5.18 16.64 -9.57
C ASP C 104 3.68 16.44 -9.76
N ILE C 105 3.33 15.51 -10.63
CA ILE C 105 1.93 15.30 -11.00
C ILE C 105 1.42 13.91 -10.63
N GLN C 106 0.39 13.86 -9.78
CA GLN C 106 -0.26 12.61 -9.41
C GLN C 106 -1.66 12.89 -8.90
N SER C 107 -2.36 11.84 -8.49
CA SER C 107 -3.70 11.97 -7.92
C SER C 107 -3.65 11.91 -6.40
N SER C 108 -4.33 12.85 -5.75
CA SER C 108 -4.40 12.88 -4.29
C SER C 108 -5.75 12.34 -3.81
N THR C 109 -6.31 11.39 -4.57
CA THR C 109 -7.52 10.69 -4.17
C THR C 109 -7.19 9.21 -4.00
N ASN C 118 -7.87 4.92 -10.35
CA ASN C 118 -8.20 4.63 -11.74
C ASN C 118 -7.84 5.78 -12.72
N GLY C 119 -6.84 5.55 -13.58
CA GLY C 119 -6.42 6.54 -14.56
C GLY C 119 -4.95 6.44 -14.96
N THR C 120 -4.62 6.91 -16.17
CA THR C 120 -3.23 6.86 -16.67
C THR C 120 -2.71 8.23 -17.16
N LEU C 121 -1.42 8.28 -17.46
CA LEU C 121 -0.76 9.52 -17.89
C LEU C 121 0.20 9.30 -19.06
N ASN C 122 0.10 10.16 -20.07
CA ASN C 122 1.09 10.24 -21.14
C ASN C 122 1.83 11.58 -21.05
N ALA C 123 3.15 11.54 -21.22
CA ALA C 123 3.92 12.77 -21.09
C ALA C 123 5.08 12.81 -22.07
N ALA C 124 5.23 13.94 -22.76
CA ALA C 124 6.31 14.12 -23.72
C ALA C 124 6.78 15.57 -23.78
N THR C 125 8.09 15.75 -23.93
CA THR C 125 8.66 17.08 -24.04
C THR C 125 8.86 17.44 -25.51
N PHE C 126 8.05 18.37 -26.00
CA PHE C 126 8.08 18.81 -27.38
C PHE C 126 9.07 19.97 -27.49
N GLU C 127 9.94 19.93 -28.50
CA GLU C 127 10.99 20.93 -28.60
C GLU C 127 10.60 22.11 -29.49
N GLY C 128 9.37 22.57 -29.34
CA GLY C 128 8.86 23.73 -30.05
C GLY C 128 7.75 24.41 -29.26
N SER C 129 7.04 25.34 -29.90
CA SER C 129 6.00 26.10 -29.22
C SER C 129 4.71 25.32 -29.14
N LEU C 130 3.78 25.78 -28.31
CA LEU C 130 2.49 25.10 -28.12
C LEU C 130 1.68 25.01 -29.40
N SER C 131 1.71 26.06 -30.21
CA SER C 131 0.93 26.09 -31.43
C SER C 131 1.52 25.19 -32.52
N GLU C 132 2.78 24.81 -32.34
CA GLU C 132 3.47 24.02 -33.35
C GLU C 132 3.18 22.54 -33.22
N VAL C 133 2.35 22.20 -32.23
CA VAL C 133 1.90 20.82 -32.01
C VAL C 133 0.77 20.44 -32.97
N GLU C 134 0.92 19.33 -33.67
CA GLU C 134 -0.07 18.90 -34.65
C GLU C 134 -1.37 18.45 -34.00
N SER C 135 -1.26 17.57 -33.00
CA SER C 135 -2.44 17.04 -32.33
C SER C 135 -2.20 16.91 -30.83
N LEU C 136 -3.27 17.02 -30.05
CA LEU C 136 -3.18 16.88 -28.60
C LEU C 136 -3.89 15.63 -28.06
N THR C 137 -4.14 14.67 -28.95
CA THR C 137 -4.68 13.38 -28.52
C THR C 137 -3.80 12.82 -27.43
N TYR C 138 -4.42 12.12 -26.49
CA TYR C 138 -3.64 11.44 -25.45
C TYR C 138 -2.56 10.56 -26.08
N ASN C 139 -2.91 9.89 -27.17
CA ASN C 139 -1.99 8.95 -27.82
C ASN C 139 -0.97 9.63 -28.73
N SER C 140 -1.31 10.81 -29.23
CA SER C 140 -0.46 11.48 -30.19
C SER C 140 0.70 12.24 -29.54
N LEU C 141 0.70 12.33 -28.22
CA LEU C 141 1.81 12.94 -27.50
C LEU C 141 3.09 12.16 -27.75
N MET C 142 2.97 10.85 -27.91
CA MET C 142 4.12 9.95 -28.00
C MET C 142 4.97 10.16 -29.26
N SER C 143 4.44 10.93 -30.20
CA SER C 143 5.14 11.20 -31.44
C SER C 143 5.51 12.68 -31.56
N LEU C 144 5.64 13.34 -30.42
CA LEU C 144 6.11 14.72 -30.38
C LEU C 144 7.63 14.77 -30.31
N THR C 145 8.23 13.64 -29.93
CA THR C 145 9.68 13.53 -29.84
C THR C 145 10.09 12.07 -29.94
N THR C 146 11.31 11.81 -30.41
CA THR C 146 11.81 10.44 -30.52
C THR C 146 12.74 10.10 -29.36
N ASN C 147 13.42 11.11 -28.83
CA ASN C 147 14.30 10.91 -27.69
C ASN C 147 13.58 10.09 -26.61
N PRO C 148 14.04 8.85 -26.38
CA PRO C 148 13.39 7.99 -25.40
C PRO C 148 13.21 8.68 -24.04
N GLN C 149 14.22 9.42 -23.58
CA GLN C 149 14.15 10.06 -22.27
C GLN C 149 13.43 11.41 -22.26
N ASP C 150 12.61 11.65 -23.28
CA ASP C 150 11.81 12.86 -23.34
C ASP C 150 10.33 12.53 -23.35
N LYS C 151 10.01 11.27 -23.12
CA LYS C 151 8.62 10.84 -23.03
C LYS C 151 8.40 9.67 -22.08
N VAL C 152 7.16 9.50 -21.65
CA VAL C 152 6.76 8.44 -20.74
C VAL C 152 5.32 8.07 -21.08
N ASN C 153 5.07 6.78 -21.31
CA ASN C 153 3.74 6.34 -21.71
C ASN C 153 3.02 5.45 -20.69
N ASN C 154 1.70 5.61 -20.60
CA ASN C 154 0.85 4.83 -19.71
C ASN C 154 1.41 4.64 -18.31
N GLN C 155 1.68 5.75 -17.63
CA GLN C 155 2.06 5.72 -16.23
C GLN C 155 0.82 5.91 -15.37
N LEU C 156 0.65 5.04 -14.38
CA LEU C 156 -0.53 5.13 -13.52
C LEU C 156 -0.57 6.47 -12.81
N VAL C 157 -1.74 7.10 -12.79
CA VAL C 157 -1.88 8.39 -12.14
C VAL C 157 -1.55 8.29 -10.66
N THR C 158 -1.73 7.11 -10.09
CA THR C 158 -1.40 6.88 -8.68
C THR C 158 0.10 7.01 -8.45
N LYS C 159 0.89 6.39 -9.32
CA LYS C 159 2.34 6.41 -9.20
C LYS C 159 2.93 7.79 -9.51
N GLY C 160 2.35 8.45 -10.50
CA GLY C 160 2.72 9.83 -10.80
C GLY C 160 3.80 10.02 -11.85
N VAL C 161 3.81 11.20 -12.46
CA VAL C 161 4.82 11.58 -13.44
C VAL C 161 5.55 12.82 -12.96
N THR C 162 6.86 12.84 -13.10
CA THR C 162 7.64 14.00 -12.72
C THR C 162 8.20 14.72 -13.93
N VAL C 163 8.04 16.04 -13.98
CA VAL C 163 8.55 16.84 -15.09
C VAL C 163 9.74 17.67 -14.64
N LEU C 164 10.92 17.33 -15.17
CA LEU C 164 12.14 18.04 -14.82
C LEU C 164 12.56 18.95 -15.97
N ASN C 165 13.03 20.15 -15.65
CA ASN C 165 13.54 21.02 -16.69
C ASN C 165 15.04 20.82 -16.84
N LEU C 166 15.43 20.27 -17.99
CA LEU C 166 16.83 20.17 -18.36
C LEU C 166 17.19 21.41 -19.16
N PRO C 167 18.21 22.15 -18.70
CA PRO C 167 18.58 23.44 -19.29
C PRO C 167 18.52 23.37 -20.80
N THR C 168 17.83 24.33 -21.39
CA THR C 168 17.81 24.46 -22.83
C THR C 168 18.78 25.58 -23.23
N GLY C 169 20.05 25.36 -22.92
CA GLY C 169 21.08 26.34 -23.20
C GLY C 169 21.44 27.12 -21.95
N PHE C 170 22.70 27.55 -21.86
CA PHE C 170 23.14 28.38 -20.76
C PHE C 170 23.39 29.79 -21.26
N ASP C 171 23.99 30.63 -20.42
CA ASP C 171 24.30 32.01 -20.79
C ASP C 171 23.06 32.77 -21.28
N LYS C 172 21.89 32.42 -20.74
CA LYS C 172 20.67 33.13 -21.10
C LYS C 172 20.54 34.38 -20.26
N PRO C 173 20.00 35.46 -20.84
CA PRO C 173 20.02 36.79 -20.23
C PRO C 173 18.91 36.99 -19.20
N TYR C 174 19.14 37.90 -18.28
CA TYR C 174 18.11 38.28 -17.32
C TYR C 174 16.98 38.92 -18.12
N VAL C 175 15.81 38.30 -18.07
CA VAL C 175 14.64 38.85 -18.71
C VAL C 175 14.03 39.86 -17.76
N ARG C 176 13.36 40.87 -18.28
CA ARG C 176 12.61 41.79 -17.44
C ARG C 176 11.23 41.22 -17.12
N LEU C 177 10.97 40.96 -15.84
CA LEU C 177 9.62 40.59 -15.42
C LEU C 177 8.81 41.84 -15.66
N GLU C 178 7.49 41.75 -15.69
CA GLU C 178 6.74 42.94 -16.10
C GLU C 178 6.18 43.77 -14.96
N ASP C 179 7.06 44.50 -14.28
CA ASP C 179 6.70 45.28 -13.11
C ASP C 179 5.96 46.56 -13.47
N GLU C 180 5.18 47.08 -12.53
CA GLU C 180 4.47 48.34 -12.71
C GLU C 180 5.34 49.49 -12.23
N THR C 181 5.30 50.61 -12.93
CA THR C 181 6.15 51.75 -12.61
C THR C 181 5.45 52.73 -11.69
N PRO C 182 6.25 53.47 -10.90
CA PRO C 182 5.74 54.59 -10.11
C PRO C 182 4.89 55.52 -10.97
N GLN C 183 3.76 55.99 -10.43
CA GLN C 183 2.86 56.84 -11.18
C GLN C 183 2.77 58.24 -10.58
N GLY C 184 2.09 59.12 -11.30
CA GLY C 184 1.66 60.40 -10.76
C GLY C 184 0.22 60.22 -10.33
N LEU C 185 -0.29 61.14 -9.52
CA LEU C 185 -1.63 61.00 -9.00
C LEU C 185 -2.71 61.42 -10.00
N GLN C 186 -2.35 62.32 -10.90
CA GLN C 186 -3.31 62.86 -11.86
C GLN C 186 -3.59 61.87 -12.98
N SER C 187 -3.29 60.60 -12.76
CA SER C 187 -3.49 59.57 -13.77
C SER C 187 -4.92 59.04 -13.77
N MET C 188 -5.36 58.54 -14.92
CA MET C 188 -6.63 57.86 -15.02
C MET C 188 -6.75 56.81 -13.92
N ASN C 189 -7.98 56.51 -13.53
CA ASN C 189 -8.20 55.40 -12.61
C ASN C 189 -8.16 54.08 -13.36
N GLY C 190 -7.16 53.27 -13.04
CA GLY C 190 -7.02 51.98 -13.68
C GLY C 190 -5.90 51.94 -14.68
N ALA C 191 -5.38 53.12 -15.03
CA ALA C 191 -4.28 53.19 -15.98
C ALA C 191 -2.95 53.03 -15.26
N LYS C 192 -2.04 52.28 -15.86
CA LYS C 192 -0.71 52.07 -15.32
C LYS C 192 0.25 51.82 -16.45
N MET C 193 1.53 52.08 -16.21
CA MET C 193 2.55 51.79 -17.21
C MET C 193 3.52 50.76 -16.63
N ARG C 194 3.90 49.77 -17.44
CA ARG C 194 4.84 48.76 -16.99
C ARG C 194 6.06 48.60 -17.92
N CYS C 195 7.18 48.18 -17.34
CA CYS C 195 8.39 47.95 -18.10
C CYS C 195 8.37 46.49 -18.55
N THR C 196 7.99 46.26 -19.80
CA THR C 196 7.62 44.91 -20.24
C THR C 196 8.76 44.10 -20.81
N ALA C 197 8.44 42.85 -21.13
CA ALA C 197 9.37 41.96 -21.81
C ALA C 197 9.74 42.55 -23.16
N ALA C 198 11.03 42.70 -23.42
CA ALA C 198 11.48 43.39 -24.61
C ALA C 198 12.54 42.61 -25.37
N ILE C 199 13.43 41.97 -24.64
CA ILE C 199 14.61 41.31 -25.19
C ILE C 199 14.31 40.15 -26.12
N ALA C 200 15.05 40.05 -27.22
CA ALA C 200 14.98 38.90 -28.12
C ALA C 200 13.55 38.40 -28.36
N PRO C 201 12.76 39.18 -29.11
CA PRO C 201 11.34 38.91 -29.38
C PRO C 201 11.14 37.83 -30.44
N ARG C 202 9.95 37.21 -30.43
CA ARG C 202 9.52 36.32 -31.50
C ARG C 202 8.58 37.09 -32.40
N ARG C 203 8.83 37.06 -33.70
CA ARG C 203 8.07 37.89 -34.62
C ARG C 203 7.44 37.08 -35.74
N TYR C 204 6.11 37.07 -35.77
CA TYR C 204 5.37 36.43 -36.85
C TYR C 204 4.93 37.51 -37.84
N GLU C 205 4.82 37.17 -39.13
CA GLU C 205 4.28 38.10 -40.11
C GLU C 205 3.31 37.43 -41.06
N ILE C 206 2.24 38.16 -41.40
CA ILE C 206 1.21 37.66 -42.30
C ILE C 206 1.37 38.31 -43.68
N ASP C 207 1.66 37.50 -44.69
CA ASP C 207 1.97 38.04 -46.01
C ASP C 207 0.85 37.82 -47.01
N LEU C 208 0.14 38.90 -47.32
CA LEU C 208 -0.94 38.87 -48.29
C LEU C 208 -0.42 39.19 -49.70
N PRO C 209 -0.83 38.36 -50.67
CA PRO C 209 -0.39 38.46 -52.07
C PRO C 209 -0.80 39.81 -52.66
N SER C 210 -0.08 40.28 -53.66
CA SER C 210 -0.43 41.52 -54.32
C SER C 210 -1.59 41.32 -55.30
N GLN C 211 -2.65 40.68 -54.82
CA GLN C 211 -3.86 40.48 -55.63
C GLN C 211 -5.11 40.91 -54.88
N ARG C 212 -6.27 40.52 -55.40
CA ARG C 212 -7.52 41.08 -54.92
C ARG C 212 -8.05 40.39 -53.66
N LEU C 213 -8.64 41.18 -52.75
CA LEU C 213 -9.31 40.64 -51.58
C LEU C 213 -10.50 39.80 -52.00
N PRO C 214 -10.68 38.62 -51.39
CA PRO C 214 -11.87 37.81 -51.63
C PRO C 214 -13.12 38.64 -51.32
N PRO C 215 -14.19 38.45 -52.10
CA PRO C 215 -15.38 39.30 -52.02
C PRO C 215 -16.27 38.95 -50.85
N VAL C 216 -16.79 39.95 -50.16
CA VAL C 216 -17.72 39.72 -49.06
C VAL C 216 -19.04 39.13 -49.57
N PRO C 217 -19.55 38.11 -48.88
CA PRO C 217 -20.87 37.54 -49.19
C PRO C 217 -21.98 38.55 -48.95
N ALA C 218 -21.78 39.47 -48.01
CA ALA C 218 -22.79 40.47 -47.66
C ALA C 218 -22.21 41.63 -46.85
N THR C 219 -22.99 42.69 -46.71
CA THR C 219 -22.56 43.85 -45.96
C THR C 219 -22.50 43.57 -44.47
N GLY C 220 -21.43 44.04 -43.83
CA GLY C 220 -21.28 43.89 -42.38
C GLY C 220 -20.94 42.47 -41.97
N THR C 221 -20.61 41.63 -42.95
CA THR C 221 -20.21 40.26 -42.69
C THR C 221 -18.69 40.12 -42.80
N LEU C 222 -18.10 39.36 -41.86
CA LEU C 222 -16.63 39.17 -41.83
C LEU C 222 -16.15 38.08 -42.77
N THR C 223 -15.27 38.45 -43.69
CA THR C 223 -14.67 37.50 -44.61
C THR C 223 -13.20 37.30 -44.27
N THR C 224 -12.81 36.06 -44.00
CA THR C 224 -11.44 35.80 -43.56
C THR C 224 -10.42 35.85 -44.70
N LEU C 225 -9.24 36.37 -44.41
CA LEU C 225 -8.17 36.49 -45.38
C LEU C 225 -7.05 35.51 -45.06
N TYR C 226 -6.71 35.39 -43.78
CA TYR C 226 -5.71 34.41 -43.32
C TYR C 226 -6.03 33.84 -41.95
N GLU C 227 -5.83 32.54 -41.81
CA GLU C 227 -5.89 31.89 -40.50
C GLU C 227 -4.72 30.94 -40.41
N GLY C 228 -4.07 30.89 -39.26
CA GLY C 228 -2.87 30.07 -39.10
C GLY C 228 -2.43 29.98 -37.65
N ASN C 229 -1.35 29.25 -37.41
CA ASN C 229 -0.85 29.05 -36.05
C ASN C 229 0.25 30.04 -35.65
N ALA C 230 0.20 30.47 -34.40
CA ALA C 230 1.19 31.40 -33.88
C ALA C 230 1.09 31.48 -32.37
N ASP C 231 2.20 31.74 -31.71
CA ASP C 231 2.27 31.69 -30.26
C ASP C 231 2.53 33.05 -29.64
N ILE C 232 1.52 33.57 -28.95
CA ILE C 232 1.69 34.75 -28.13
C ILE C 232 1.39 34.38 -26.68
N VAL C 233 2.21 34.87 -25.77
CA VAL C 233 2.04 34.51 -24.37
C VAL C 233 2.21 35.71 -23.44
N ASN C 234 2.83 36.78 -23.96
CA ASN C 234 2.88 38.05 -23.23
C ASN C 234 2.77 39.25 -24.16
N SER C 235 3.10 40.43 -23.65
CA SER C 235 2.86 41.67 -24.38
C SER C 235 3.34 41.62 -25.82
N THR C 236 2.48 42.09 -26.73
CA THR C 236 2.77 42.05 -28.16
C THR C 236 2.65 43.43 -28.82
N THR C 237 3.38 43.65 -29.90
CA THR C 237 3.29 44.88 -30.67
C THR C 237 2.99 44.56 -32.12
N VAL C 238 1.91 45.13 -32.64
CA VAL C 238 1.53 44.91 -34.03
C VAL C 238 1.91 46.09 -34.91
N THR C 239 2.63 45.82 -35.99
CA THR C 239 2.97 46.83 -36.98
C THR C 239 2.64 46.31 -38.38
N GLY C 240 1.96 47.11 -39.19
CA GLY C 240 1.57 46.66 -40.50
C GLY C 240 0.89 47.73 -41.34
N ASP C 241 0.68 47.41 -42.61
CA ASP C 241 0.01 48.33 -43.52
C ASP C 241 -0.76 47.52 -44.54
N ILE C 242 -1.97 47.11 -44.20
CA ILE C 242 -2.84 46.44 -45.16
C ILE C 242 -3.43 47.47 -46.10
N ASN C 243 -2.80 47.64 -47.26
CA ASN C 243 -3.21 48.64 -48.23
C ASN C 243 -3.84 47.98 -49.44
N PHE C 244 -4.58 48.76 -50.22
CA PHE C 244 -5.24 48.26 -51.41
C PHE C 244 -5.74 49.41 -52.26
N SER C 245 -6.20 49.10 -53.47
CA SER C 245 -6.82 50.08 -54.34
C SER C 245 -8.08 49.49 -54.96
N LEU C 246 -9.13 50.30 -55.05
CA LEU C 246 -10.38 49.87 -55.67
C LEU C 246 -10.32 50.15 -57.17
N ALA C 247 -11.06 49.36 -57.95
CA ALA C 247 -11.03 49.50 -59.40
C ALA C 247 -11.81 50.71 -59.87
N GLU C 248 -12.88 51.04 -59.16
CA GLU C 248 -13.73 52.17 -59.52
C GLU C 248 -13.89 53.12 -58.35
N GLN C 249 -14.12 54.39 -58.64
CA GLN C 249 -14.51 55.35 -57.60
C GLN C 249 -15.70 54.79 -56.86
N PRO C 250 -15.58 54.69 -55.53
CA PRO C 250 -16.67 54.16 -54.70
C PRO C 250 -17.95 54.95 -54.91
N ALA C 251 -19.03 54.27 -55.25
CA ALA C 251 -20.31 54.95 -55.44
C ALA C 251 -20.66 55.72 -54.18
N ASP C 252 -20.49 55.07 -53.04
CA ASP C 252 -20.67 55.70 -51.75
C ASP C 252 -19.42 55.45 -50.93
N GLU C 253 -19.04 56.42 -50.11
CA GLU C 253 -17.91 56.24 -49.21
C GLU C 253 -18.15 55.03 -48.32
N THR C 254 -17.35 53.99 -48.49
CA THR C 254 -17.53 52.76 -47.71
C THR C 254 -16.45 52.57 -46.65
N LYS C 255 -16.82 51.91 -45.56
CA LYS C 255 -15.95 51.71 -44.42
C LYS C 255 -15.38 50.30 -44.42
N PHE C 256 -14.08 50.19 -44.66
CA PHE C 256 -13.39 48.90 -44.58
C PHE C 256 -12.89 48.66 -43.16
N ASP C 257 -13.27 47.52 -42.58
CA ASP C 257 -12.83 47.14 -41.24
C ASP C 257 -11.92 45.92 -41.31
N PHE C 258 -10.77 45.97 -40.66
CA PHE C 258 -9.87 44.83 -40.60
C PHE C 258 -9.70 44.32 -39.17
N GLN C 259 -10.12 43.08 -38.92
CA GLN C 259 -10.06 42.46 -37.61
C GLN C 259 -8.93 41.46 -37.52
N LEU C 260 -8.07 41.64 -36.53
CA LEU C 260 -7.05 40.67 -36.21
C LEU C 260 -7.48 39.92 -34.96
N ASP C 261 -7.75 38.63 -35.10
CA ASP C 261 -8.25 37.83 -33.99
C ASP C 261 -7.18 36.89 -33.45
N PHE C 262 -7.07 36.83 -32.13
CA PHE C 262 -6.15 35.90 -31.48
C PHE C 262 -6.92 34.87 -30.67
N MET C 263 -6.94 33.63 -31.10
CA MET C 263 -7.68 32.60 -30.38
C MET C 263 -6.76 31.58 -29.74
N GLY C 264 -7.31 30.82 -28.80
CA GLY C 264 -6.56 29.77 -28.13
C GLY C 264 -6.76 28.41 -28.78
N LEU C 265 -6.41 27.35 -28.06
CA LEU C 265 -6.57 25.98 -28.57
C LEU C 265 -8.03 25.65 -28.82
N ASP C 266 -8.91 26.37 -28.13
CA ASP C 266 -10.30 25.99 -28.04
C ASP C 266 -11.29 27.03 -28.56
N ASN C 267 -12.45 26.54 -28.98
CA ASN C 267 -13.66 27.36 -29.14
C ASN C 267 -13.63 28.64 -29.98
N ASP C 268 -12.56 28.89 -30.73
CA ASP C 268 -12.55 30.00 -31.68
C ASP C 268 -12.92 31.37 -31.09
N VAL C 269 -13.10 31.45 -29.77
CA VAL C 269 -13.48 32.70 -29.13
C VAL C 269 -12.27 33.57 -28.85
N PRO C 270 -12.18 34.71 -29.55
CA PRO C 270 -11.02 35.61 -29.47
C PRO C 270 -10.58 35.90 -28.04
N VAL C 271 -9.30 35.67 -27.78
CA VAL C 271 -8.67 36.00 -26.51
C VAL C 271 -8.51 37.51 -26.47
N VAL C 272 -8.16 38.04 -27.63
CA VAL C 272 -7.95 39.47 -27.83
C VAL C 272 -8.23 39.79 -29.28
N THR C 273 -9.07 40.78 -29.53
CA THR C 273 -9.33 41.23 -30.89
C THR C 273 -8.83 42.66 -31.05
N VAL C 274 -8.37 42.99 -32.25
CA VAL C 274 -7.91 44.34 -32.50
C VAL C 274 -8.34 44.75 -33.91
N VAL C 275 -8.78 46.00 -34.07
CA VAL C 275 -9.36 46.45 -35.34
C VAL C 275 -8.75 47.75 -35.87
N SER C 276 -8.71 47.85 -37.20
CA SER C 276 -8.27 49.08 -37.85
C SER C 276 -9.13 49.28 -39.08
N SER C 277 -9.66 50.50 -39.25
CA SER C 277 -10.55 50.80 -40.37
C SER C 277 -10.24 52.09 -41.12
N VAL C 278 -10.48 52.08 -42.43
CA VAL C 278 -10.32 53.26 -43.26
C VAL C 278 -11.58 53.54 -44.05
N LEU C 279 -11.77 54.81 -44.43
CA LEU C 279 -12.84 55.19 -45.33
C LEU C 279 -12.32 55.31 -46.75
N ALA C 280 -12.97 54.63 -47.68
CA ALA C 280 -12.61 54.71 -49.09
C ALA C 280 -13.36 55.86 -49.75
N THR C 281 -12.65 56.94 -50.02
CA THR C 281 -13.24 58.14 -50.60
C THR C 281 -12.79 58.27 -52.05
N ASN C 282 -13.36 59.23 -52.77
CA ASN C 282 -12.84 59.58 -54.08
C ASN C 282 -11.37 59.97 -53.93
N ASP C 283 -11.07 60.58 -52.79
CA ASP C 283 -9.76 61.17 -52.54
C ASP C 283 -8.63 60.15 -52.52
N ASN C 284 -8.92 58.94 -52.05
CA ASN C 284 -7.86 57.98 -51.78
C ASN C 284 -8.04 56.59 -52.40
N TYR C 285 -9.11 56.38 -53.16
CA TYR C 285 -9.44 55.04 -53.64
C TYR C 285 -8.32 54.39 -54.44
N ARG C 286 -7.33 55.19 -54.87
CA ARG C 286 -6.20 54.63 -55.62
C ARG C 286 -5.18 53.98 -54.69
N GLY C 287 -5.23 54.32 -53.41
CA GLY C 287 -4.28 53.80 -52.45
C GLY C 287 -4.72 53.88 -51.00
N VAL C 288 -5.81 53.22 -50.68
CA VAL C 288 -6.30 53.12 -49.31
C VAL C 288 -5.36 52.32 -48.42
N SER C 289 -5.03 52.84 -47.24
CA SER C 289 -4.19 52.08 -46.33
C SER C 289 -4.76 51.99 -44.94
N ALA C 290 -5.06 50.76 -44.52
CA ALA C 290 -5.47 50.49 -43.15
C ALA C 290 -4.24 50.07 -42.36
N LYS C 291 -3.86 50.88 -41.37
CA LYS C 291 -2.62 50.68 -40.64
C LYS C 291 -2.81 50.01 -39.28
N MET C 292 -2.00 48.97 -39.04
CA MET C 292 -2.00 48.28 -37.75
C MET C 292 -0.88 48.83 -36.85
N THR C 293 -1.23 49.19 -35.61
CA THR C 293 -0.28 49.90 -34.74
C THR C 293 -0.50 49.59 -33.28
N GLN C 294 -1.35 48.61 -33.00
CA GLN C 294 -1.77 48.35 -31.62
C GLN C 294 -0.67 47.71 -30.78
N SER C 295 -0.72 48.00 -29.48
CA SER C 295 0.15 47.35 -28.51
C SER C 295 -0.72 46.63 -27.50
N ILE C 296 -0.77 45.30 -27.62
CA ILE C 296 -1.57 44.44 -26.75
C ILE C 296 -0.85 44.11 -25.45
N PRO C 297 -1.32 44.66 -24.32
CA PRO C 297 -0.70 44.36 -23.02
C PRO C 297 -0.91 42.92 -22.61
N THR C 298 -0.20 42.49 -21.56
CA THR C 298 -0.23 41.09 -21.14
C THR C 298 -1.51 40.72 -20.41
N GLU C 299 -2.00 41.62 -19.56
CA GLU C 299 -3.20 41.32 -18.80
C GLU C 299 -4.36 40.98 -19.73
N ASN C 300 -4.17 41.23 -21.02
CA ASN C 300 -5.18 40.93 -22.02
C ASN C 300 -5.12 39.48 -22.51
N ILE C 301 -3.97 38.83 -22.33
CA ILE C 301 -3.80 37.44 -22.74
C ILE C 301 -4.33 36.51 -21.64
N THR C 302 -5.65 36.33 -21.62
CA THR C 302 -6.31 35.60 -20.55
C THR C 302 -6.15 34.08 -20.64
N LYS C 303 -5.63 33.61 -21.77
CA LYS C 303 -5.34 32.20 -21.96
C LYS C 303 -4.36 32.04 -23.12
N PRO C 304 -3.64 30.91 -23.17
CA PRO C 304 -2.63 30.72 -24.22
C PRO C 304 -3.20 30.94 -25.61
N ILE C 305 -2.54 31.78 -26.39
CA ILE C 305 -2.92 32.06 -27.76
C ILE C 305 -2.14 31.15 -28.71
N THR C 306 -2.83 30.45 -29.60
CA THR C 306 -2.16 29.52 -30.50
C THR C 306 -2.49 29.74 -31.96
N ARG C 307 -3.35 30.72 -32.25
CA ARG C 307 -3.66 31.00 -33.65
C ARG C 307 -4.19 32.40 -33.92
N VAL C 308 -3.94 32.89 -35.13
CA VAL C 308 -4.33 34.21 -35.56
C VAL C 308 -5.37 34.11 -36.67
N LYS C 309 -6.17 35.16 -36.84
CA LYS C 309 -7.18 35.18 -37.88
C LYS C 309 -7.38 36.61 -38.38
N LEU C 310 -6.94 36.87 -39.61
CA LEU C 310 -7.11 38.20 -40.20
C LEU C 310 -8.29 38.20 -41.14
N SER C 311 -9.30 39.00 -40.82
CA SER C 311 -10.51 39.08 -41.64
C SER C 311 -10.88 40.55 -41.89
N TYR C 312 -11.76 40.77 -42.87
CA TYR C 312 -12.24 42.12 -43.16
C TYR C 312 -13.72 42.09 -43.51
N LYS C 313 -14.38 43.24 -43.33
CA LYS C 313 -15.79 43.40 -43.63
C LYS C 313 -16.03 44.80 -44.17
N ILE C 314 -17.04 44.97 -45.02
CA ILE C 314 -17.33 46.31 -45.52
C ILE C 314 -18.67 46.89 -45.05
N ASN C 315 -19.16 47.87 -45.79
CA ASN C 315 -20.15 48.80 -45.28
C ASN C 315 -21.25 49.12 -46.28
N GLN C 316 -21.01 48.85 -47.55
CA GLN C 316 -21.93 49.28 -48.61
C GLN C 316 -22.17 48.22 -49.68
N GLN C 317 -23.39 48.17 -50.20
CA GLN C 317 -23.72 47.30 -51.32
C GLN C 317 -22.95 47.76 -52.55
N THR C 318 -22.78 49.07 -52.66
CA THR C 318 -22.13 49.68 -53.81
C THR C 318 -20.61 49.47 -53.76
N ALA C 319 -20.18 48.44 -53.05
CA ALA C 319 -18.76 48.18 -52.86
C ALA C 319 -18.42 46.71 -53.08
N ILE C 320 -19.42 45.85 -52.95
CA ILE C 320 -19.21 44.42 -53.03
C ILE C 320 -18.68 43.95 -54.38
N GLY C 321 -18.99 44.70 -55.45
CA GLY C 321 -18.52 44.36 -56.77
C GLY C 321 -17.30 45.15 -57.17
N ASN C 322 -16.84 45.99 -56.24
CA ASN C 322 -15.68 46.85 -56.48
C ASN C 322 -14.38 46.13 -56.13
N VAL C 323 -13.75 45.51 -57.12
CA VAL C 323 -12.53 44.71 -56.90
C VAL C 323 -11.37 45.50 -56.30
N ALA C 324 -10.98 45.11 -55.09
CA ALA C 324 -9.87 45.76 -54.40
C ALA C 324 -8.59 44.94 -54.52
N THR C 325 -7.60 45.51 -55.20
CA THR C 325 -6.30 44.87 -55.37
C THR C 325 -5.34 45.30 -54.24
N LEU C 326 -4.47 44.40 -53.80
CA LEU C 326 -3.73 44.59 -52.56
C LEU C 326 -2.34 45.22 -52.66
N GLY C 327 -1.58 44.92 -53.70
CA GLY C 327 -0.20 45.35 -53.75
C GLY C 327 0.09 46.85 -53.83
N THR C 328 -0.96 47.66 -53.98
CA THR C 328 -0.81 49.05 -54.43
C THR C 328 0.20 49.94 -53.70
N MET C 329 0.17 49.96 -52.38
CA MET C 329 0.95 50.91 -51.60
C MET C 329 2.29 50.38 -51.09
N GLY C 330 2.60 49.13 -51.44
CA GLY C 330 3.72 48.43 -50.83
C GLY C 330 3.14 47.12 -50.31
N PRO C 331 4.00 46.17 -49.94
CA PRO C 331 3.49 44.83 -49.61
C PRO C 331 2.38 44.91 -48.60
N ALA C 332 1.33 44.11 -48.79
CA ALA C 332 0.23 44.05 -47.84
C ALA C 332 0.58 43.03 -46.77
N SER C 333 1.04 43.51 -45.63
CA SER C 333 1.60 42.63 -44.61
C SER C 333 1.39 43.18 -43.20
N VAL C 334 1.00 42.30 -42.28
CA VAL C 334 0.87 42.67 -40.87
C VAL C 334 1.75 41.78 -40.03
N SER C 335 2.61 42.38 -39.22
CA SER C 335 3.51 41.62 -38.36
C SER C 335 3.27 41.91 -36.90
N PHE C 336 3.60 40.97 -36.03
CA PHE C 336 3.55 41.23 -34.60
C PHE C 336 4.74 40.63 -33.87
N SER C 337 5.26 41.36 -32.89
CA SER C 337 6.47 40.96 -32.18
C SER C 337 6.21 40.93 -30.68
N SER C 338 6.46 39.77 -30.08
CA SER C 338 6.28 39.61 -28.64
C SER C 338 7.64 39.56 -27.94
N GLY C 339 7.79 40.29 -26.85
CA GLY C 339 9.04 40.28 -26.11
C GLY C 339 9.38 38.90 -25.56
N ASN C 340 10.68 38.62 -25.44
CA ASN C 340 11.19 37.37 -24.85
C ASN C 340 10.81 36.09 -25.61
N GLY C 341 10.03 36.24 -26.67
CA GLY C 341 9.53 35.08 -27.40
C GLY C 341 10.60 34.08 -27.79
N ASN C 342 11.75 34.58 -28.23
CA ASN C 342 12.82 33.71 -28.71
C ASN C 342 13.91 33.44 -27.68
N VAL C 343 13.67 33.88 -26.45
CA VAL C 343 14.50 33.45 -25.32
C VAL C 343 14.15 31.98 -25.04
N PRO C 344 15.16 31.11 -25.08
CA PRO C 344 14.91 29.69 -24.84
C PRO C 344 14.28 29.45 -23.48
N GLY C 345 13.15 28.75 -23.48
CA GLY C 345 12.45 28.46 -22.25
C GLY C 345 11.10 29.15 -22.19
N VAL C 346 10.98 30.29 -22.86
CA VAL C 346 9.77 31.12 -22.77
C VAL C 346 8.59 30.54 -23.56
N LEU C 347 8.86 30.11 -24.79
CA LEU C 347 7.83 29.50 -25.61
C LEU C 347 8.23 28.10 -26.03
N ARG C 348 9.53 27.85 -25.96
CA ARG C 348 10.12 26.58 -26.37
C ARG C 348 11.20 26.21 -25.36
N PRO C 349 11.22 24.95 -24.90
CA PRO C 349 10.30 23.89 -25.30
C PRO C 349 9.21 23.75 -24.26
N ILE C 350 8.21 22.94 -24.59
CA ILE C 350 7.10 22.69 -23.68
C ILE C 350 7.05 21.22 -23.32
N THR C 351 6.36 20.90 -22.23
CA THR C 351 6.15 19.52 -21.84
C THR C 351 4.67 19.29 -21.70
N LEU C 352 4.14 18.34 -22.47
CA LEU C 352 2.73 18.01 -22.41
C LEU C 352 2.50 16.78 -21.54
N VAL C 353 1.54 16.87 -20.65
CA VAL C 353 1.13 15.71 -19.85
C VAL C 353 -0.36 15.53 -19.98
N ALA C 354 -0.76 14.47 -20.67
CA ALA C 354 -2.18 14.18 -20.87
C ALA C 354 -2.64 13.14 -19.87
N TYR C 355 -3.83 13.35 -19.32
CA TYR C 355 -4.44 12.38 -18.42
C TYR C 355 -5.76 11.92 -18.98
N GLU C 356 -6.06 10.62 -18.87
CA GLU C 356 -7.33 10.09 -19.32
C GLU C 356 -7.83 8.94 -18.45
N LYS C 357 -9.13 8.67 -18.56
CA LYS C 357 -9.77 7.62 -17.77
C LYS C 357 -9.55 7.84 -16.28
N MET C 358 -9.72 9.07 -15.84
CA MET C 358 -9.71 9.38 -14.42
C MET C 358 -11.14 9.49 -13.92
N THR C 359 -11.36 9.11 -12.66
CA THR C 359 -12.68 9.20 -12.04
C THR C 359 -13.12 10.66 -11.98
N PRO C 360 -14.27 10.98 -12.60
CA PRO C 360 -14.79 12.35 -12.60
C PRO C 360 -14.91 12.92 -11.20
N LEU C 361 -14.78 14.24 -11.07
CA LEU C 361 -14.89 14.93 -9.78
C LEU C 361 -13.75 14.60 -8.82
N SER C 362 -12.73 13.89 -9.31
CA SER C 362 -11.54 13.61 -8.50
C SER C 362 -10.53 14.73 -8.71
N ILE C 363 -9.46 14.71 -7.91
CA ILE C 363 -8.46 15.78 -7.99
C ILE C 363 -7.09 15.30 -8.47
N LEU C 364 -6.60 15.97 -9.52
CA LEU C 364 -5.25 15.73 -10.03
C LEU C 364 -4.31 16.79 -9.45
N THR C 365 -3.49 16.38 -8.50
CA THR C 365 -2.65 17.32 -7.78
C THR C 365 -1.32 17.58 -8.47
N VAL C 366 -1.01 18.86 -8.67
CA VAL C 366 0.25 19.28 -9.28
C VAL C 366 1.04 20.16 -8.32
N ALA C 367 2.25 19.73 -7.97
CA ALA C 367 3.11 20.51 -7.09
C ALA C 367 4.34 20.97 -7.85
N GLY C 368 4.61 22.27 -7.81
CA GLY C 368 5.71 22.83 -8.56
C GLY C 368 6.77 23.45 -7.69
N VAL C 369 8.01 23.42 -8.18
CA VAL C 369 9.12 24.07 -7.50
C VAL C 369 9.98 24.78 -8.54
N SER C 370 10.28 26.05 -8.30
CA SER C 370 11.08 26.82 -9.24
C SER C 370 12.19 27.54 -8.51
N ASN C 371 13.36 27.60 -9.10
CA ASN C 371 14.48 28.31 -8.51
C ASN C 371 14.94 29.40 -9.45
N TYR C 372 15.00 30.64 -8.97
CA TYR C 372 15.34 31.76 -9.82
C TYR C 372 16.64 32.45 -9.40
N GLU C 373 17.19 33.24 -10.31
CA GLU C 373 18.15 34.27 -9.97
C GLU C 373 17.39 35.56 -10.22
N LEU C 374 17.23 36.37 -9.17
CA LEU C 374 16.40 37.56 -9.27
C LEU C 374 17.14 38.85 -8.92
N ILE C 375 16.64 39.97 -9.42
CA ILE C 375 17.17 41.29 -9.05
C ILE C 375 16.08 42.09 -8.36
N PRO C 376 16.23 42.32 -7.05
CA PRO C 376 15.18 42.97 -6.26
C PRO C 376 14.78 44.34 -6.81
N ASN C 377 13.51 44.69 -6.70
CA ASN C 377 13.06 46.01 -7.11
C ASN C 377 13.53 47.06 -6.11
N PRO C 378 13.65 48.32 -6.55
CA PRO C 378 14.33 49.37 -5.77
C PRO C 378 13.86 49.45 -4.32
N GLU C 379 12.63 49.04 -4.04
CA GLU C 379 12.13 49.02 -2.67
C GLU C 379 12.78 47.92 -1.84
N LEU C 380 12.85 46.73 -2.40
CA LEU C 380 13.51 45.62 -1.74
C LEU C 380 15.02 45.81 -1.67
N LEU C 381 15.55 46.65 -2.55
CA LEU C 381 17.00 46.90 -2.58
C LEU C 381 17.47 47.59 -1.32
N LYS C 382 16.57 48.32 -0.67
CA LYS C 382 16.88 49.06 0.54
C LYS C 382 17.36 48.13 1.64
N ASN C 383 16.90 46.89 1.61
CA ASN C 383 17.18 45.96 2.71
C ASN C 383 17.80 44.64 2.26
N MET C 384 17.74 44.34 0.97
CA MET C 384 18.23 43.06 0.50
C MET C 384 19.60 43.18 -0.15
N VAL C 385 20.54 42.38 0.33
CA VAL C 385 21.89 42.36 -0.18
C VAL C 385 21.94 41.65 -1.52
N THR C 386 22.71 42.17 -2.47
CA THR C 386 22.90 41.48 -3.75
C THR C 386 24.35 40.99 -3.85
N ARG C 387 24.53 39.81 -4.42
CA ARG C 387 25.85 39.19 -4.46
C ARG C 387 26.17 38.63 -5.84
N TYR C 388 27.44 38.67 -6.21
CA TYR C 388 27.88 37.93 -7.38
C TYR C 388 27.78 36.45 -7.04
N GLY C 389 27.60 35.61 -8.04
CA GLY C 389 27.44 34.19 -7.81
C GLY C 389 28.65 33.56 -7.13
N LYS C 390 28.42 32.48 -6.40
CA LYS C 390 29.52 31.70 -5.81
C LYS C 390 30.53 31.38 -6.90
N TYR C 391 31.80 31.28 -6.52
CA TYR C 391 32.83 30.95 -7.50
C TYR C 391 32.79 29.48 -7.87
N ASP C 392 32.39 29.17 -9.10
CA ASP C 392 32.18 27.79 -9.50
C ASP C 392 32.76 27.53 -10.89
N PRO C 393 34.10 27.34 -10.97
CA PRO C 393 34.81 27.17 -12.24
C PRO C 393 34.42 25.91 -13.01
N GLU C 394 34.20 24.81 -12.30
CA GLU C 394 33.89 23.56 -12.98
C GLU C 394 32.40 23.27 -12.99
N GLY C 395 31.63 24.11 -12.30
CA GLY C 395 30.20 23.89 -12.17
C GLY C 395 29.50 23.68 -13.50
N LEU C 396 29.71 24.60 -14.44
CA LEU C 396 29.03 24.54 -15.73
C LEU C 396 29.48 23.35 -16.58
N ASN C 397 30.78 23.11 -16.62
CA ASN C 397 31.32 21.97 -17.35
C ASN C 397 30.70 20.66 -16.89
N TYR C 398 30.56 20.51 -15.58
CA TYR C 398 29.98 19.30 -15.02
C TYR C 398 28.60 19.07 -15.59
N ALA C 399 27.79 20.12 -15.62
CA ALA C 399 26.45 20.06 -16.18
C ALA C 399 26.47 19.75 -17.68
N LYS C 400 27.34 20.44 -18.41
CA LYS C 400 27.47 20.21 -19.84
C LYS C 400 27.79 18.73 -20.11
N MET C 401 28.56 18.12 -19.23
CA MET C 401 29.00 16.75 -19.41
C MET C 401 27.92 15.72 -19.11
N ILE C 402 27.14 15.97 -18.08
CA ILE C 402 26.07 15.04 -17.73
C ILE C 402 24.96 15.09 -18.78
N LEU C 403 24.61 16.30 -19.20
CA LEU C 403 23.65 16.48 -20.27
C LEU C 403 24.22 15.89 -21.56
N SER C 404 25.54 15.85 -21.65
CA SER C 404 26.24 15.25 -22.78
C SER C 404 25.92 13.77 -22.91
N HIS C 405 26.18 13.02 -21.84
CA HIS C 405 25.89 11.60 -21.81
C HIS C 405 24.50 11.37 -21.24
N ARG C 406 23.59 12.27 -21.60
CA ARG C 406 22.23 12.23 -21.08
C ARG C 406 21.48 10.96 -21.48
N GLU C 407 21.89 10.37 -22.59
CA GLU C 407 21.20 9.19 -23.12
C GLU C 407 21.80 7.90 -22.58
N GLU C 408 23.12 7.88 -22.43
CA GLU C 408 23.80 6.73 -21.83
C GLU C 408 23.27 6.54 -20.42
N LEU C 409 23.46 7.55 -19.57
CA LEU C 409 22.77 7.63 -18.29
C LEU C 409 21.29 7.75 -18.63
N ASP C 410 20.44 7.99 -17.64
CA ASP C 410 19.03 8.17 -17.98
C ASP C 410 18.49 9.45 -17.37
N ILE C 411 19.07 10.56 -17.80
CA ILE C 411 18.58 11.86 -17.37
C ILE C 411 17.38 12.27 -18.23
N ARG C 412 16.27 12.59 -17.57
CA ARG C 412 15.00 12.78 -18.27
C ARG C 412 14.37 14.15 -18.02
N THR C 413 13.57 14.60 -18.98
CA THR C 413 12.73 15.77 -18.78
C THR C 413 11.37 15.27 -18.28
N VAL C 414 11.08 14.01 -18.60
CA VAL C 414 9.84 13.38 -18.18
C VAL C 414 10.13 12.03 -17.49
N TRP C 415 9.77 11.93 -16.22
CA TRP C 415 10.07 10.75 -15.40
C TRP C 415 8.82 10.04 -14.95
N ARG C 416 8.96 8.75 -14.67
CA ARG C 416 7.99 8.05 -13.85
C ARG C 416 8.34 8.41 -12.41
N THR C 417 7.43 9.09 -11.72
CA THR C 417 7.74 9.68 -10.41
C THR C 417 8.51 8.75 -9.48
N GLU C 418 8.09 7.49 -9.38
CA GLU C 418 8.73 6.54 -8.48
C GLU C 418 10.20 6.31 -8.82
N GLU C 419 10.55 6.49 -10.09
CA GLU C 419 11.93 6.36 -10.54
C GLU C 419 12.75 7.60 -10.25
N TYR C 420 12.20 8.76 -10.60
CA TYR C 420 12.86 10.03 -10.31
C TYR C 420 13.22 10.08 -8.83
N LYS C 421 12.36 9.56 -7.98
CA LYS C 421 12.60 9.56 -6.55
C LYS C 421 13.89 8.82 -6.18
N GLU C 422 14.00 7.57 -6.63
CA GLU C 422 15.15 6.74 -6.27
C GLU C 422 16.44 7.16 -6.98
N ARG C 423 16.40 7.17 -8.31
CA ARG C 423 17.59 7.39 -9.12
C ARG C 423 18.15 8.81 -9.00
N THR C 424 17.58 9.57 -8.08
CA THR C 424 17.94 10.98 -7.92
C THR C 424 18.92 11.23 -6.78
N ARG C 425 18.77 10.50 -5.68
CA ARG C 425 19.57 10.75 -4.49
C ARG C 425 21.05 10.45 -4.69
N VAL C 426 21.41 10.12 -5.93
CA VAL C 426 22.81 9.97 -6.33
C VAL C 426 23.48 11.35 -6.42
N PHE C 427 22.65 12.38 -6.55
CA PHE C 427 23.12 13.76 -6.48
C PHE C 427 22.83 14.31 -5.08
N ASN C 428 22.85 13.41 -4.09
CA ASN C 428 22.67 13.77 -2.69
C ASN C 428 21.19 13.97 -2.32
N ALA D 6 31.10 11.15 22.35
CA ALA D 6 29.73 11.18 22.87
C ALA D 6 29.20 12.61 22.99
N THR D 7 29.25 13.34 21.87
CA THR D 7 28.85 14.75 21.84
C THR D 7 27.56 14.95 21.05
N ALA D 8 27.30 14.04 20.10
CA ALA D 8 26.14 14.13 19.24
C ALA D 8 24.83 13.97 20.02
N THR D 9 24.93 13.86 21.34
CA THR D 9 23.78 13.61 22.18
C THR D 9 22.75 14.73 22.06
N TYR D 10 23.22 15.98 22.16
CA TYR D 10 22.30 17.11 22.08
C TYR D 10 21.58 17.14 20.74
N LEU D 11 22.35 17.12 19.66
CA LEU D 11 21.77 17.17 18.33
C LEU D 11 20.80 16.02 18.08
N LYS D 12 21.10 14.84 18.60
CA LYS D 12 20.21 13.70 18.44
C LYS D 12 18.84 14.02 19.02
N SER D 13 18.83 14.64 20.19
CA SER D 13 17.59 15.01 20.84
C SER D 13 16.83 16.05 20.02
N ILE D 14 17.56 16.99 19.43
CA ILE D 14 16.96 18.03 18.61
C ILE D 14 16.27 17.44 17.39
N MET D 15 16.94 16.49 16.73
CA MET D 15 16.48 15.92 15.48
C MET D 15 15.49 14.76 15.67
N LEU D 16 15.73 13.94 16.69
CA LEU D 16 14.84 12.83 17.00
C LEU D 16 14.29 12.95 18.41
N PRO D 17 13.36 13.87 18.64
CA PRO D 17 12.82 14.09 19.99
C PRO D 17 12.18 12.83 20.58
N GLU D 18 11.67 11.95 19.73
CA GLU D 18 11.07 10.69 20.19
C GLU D 18 12.09 9.93 21.03
N THR D 19 13.36 10.08 20.67
CA THR D 19 14.49 9.42 21.34
C THR D 19 14.46 9.65 22.84
N GLY D 20 14.20 10.89 23.23
CA GLY D 20 14.25 11.28 24.62
C GLY D 20 15.13 12.50 24.80
N PRO D 21 15.19 13.01 26.03
CA PRO D 21 15.86 14.25 26.42
C PRO D 21 17.38 14.14 26.52
N ALA D 22 18.06 15.25 26.25
CA ALA D 22 19.49 15.39 26.52
C ALA D 22 19.72 16.78 27.08
N SER D 23 20.46 16.89 28.17
CA SER D 23 20.70 18.18 28.79
C SER D 23 21.27 19.13 27.73
N ILE D 24 20.90 20.41 27.79
CA ILE D 24 21.40 21.40 26.85
C ILE D 24 22.79 21.87 27.25
N PRO D 25 23.78 21.63 26.36
CA PRO D 25 25.22 21.78 26.60
C PRO D 25 25.71 23.24 26.53
N ASP D 26 24.94 24.16 27.10
CA ASP D 26 25.33 25.56 27.06
C ASP D 26 25.75 26.10 28.44
N ASP D 27 25.70 27.42 28.58
CA ASP D 27 26.25 28.11 29.75
C ASP D 27 25.27 28.19 30.92
N ILE D 28 24.04 27.72 30.71
CA ILE D 28 23.03 27.77 31.76
C ILE D 28 22.91 26.42 32.47
N THR D 29 24.01 26.01 33.09
CA THR D 29 24.05 24.74 33.79
C THR D 29 23.56 24.85 35.23
N GLU D 30 22.26 24.66 35.41
CA GLU D 30 21.68 24.58 36.75
C GLU D 30 21.40 23.12 37.04
N ARG D 31 21.30 22.75 38.31
CA ARG D 31 20.92 21.40 38.68
C ARG D 31 19.48 21.15 38.23
N HIS D 32 19.25 20.06 37.48
CA HIS D 32 17.91 19.82 36.91
C HIS D 32 17.49 18.35 36.75
N ILE D 33 16.35 18.19 36.10
CA ILE D 33 15.74 16.90 35.80
C ILE D 33 15.49 16.84 34.30
N LEU D 34 15.48 15.64 33.73
CA LEU D 34 15.14 15.47 32.33
C LEU D 34 13.85 14.68 32.20
N LYS D 35 12.88 15.23 31.47
CA LYS D 35 11.60 14.53 31.34
C LYS D 35 11.04 14.64 29.93
N GLN D 36 10.46 13.55 29.43
CA GLN D 36 9.79 13.55 28.14
C GLN D 36 8.28 13.60 28.32
N GLU D 37 7.61 14.31 27.42
CA GLU D 37 6.17 14.50 27.51
C GLU D 37 5.50 14.10 26.21
N THR D 38 4.44 13.29 26.33
CA THR D 38 3.70 12.84 25.16
C THR D 38 2.33 13.49 25.10
N SER D 39 2.01 14.05 23.94
CA SER D 39 0.73 14.71 23.72
C SER D 39 -0.02 13.96 22.62
N SER D 40 -1.26 13.58 22.89
CA SER D 40 -2.06 12.85 21.93
C SER D 40 -3.36 13.59 21.62
N TYR D 41 -3.62 13.86 20.35
CA TYR D 41 -4.81 14.61 19.95
C TYR D 41 -5.50 14.05 18.71
N ASN D 42 -6.73 13.62 18.89
CA ASN D 42 -7.57 13.18 17.77
C ASN D 42 -8.64 14.24 17.48
N LEU D 43 -8.38 15.06 16.47
CA LEU D 43 -9.26 16.19 16.15
C LEU D 43 -10.31 15.82 15.11
N GLU D 44 -11.52 16.36 15.26
CA GLU D 44 -12.58 16.13 14.29
C GLU D 44 -12.67 17.25 13.27
N VAL D 45 -12.84 16.89 12.01
CA VAL D 45 -12.93 17.86 10.93
C VAL D 45 -14.37 18.30 10.72
N SER D 46 -14.58 19.60 10.51
CA SER D 46 -15.93 20.13 10.29
C SER D 46 -16.41 19.83 8.87
N GLU D 47 -17.62 20.27 8.54
CA GLU D 47 -18.20 20.02 7.23
C GLU D 47 -17.29 20.56 6.12
N SER D 48 -16.62 21.66 6.40
CA SER D 48 -15.81 22.36 5.41
C SER D 48 -14.54 21.61 5.05
N GLY D 49 -14.16 20.64 5.88
CA GLY D 49 -12.96 19.87 5.64
C GLY D 49 -11.71 20.72 5.70
N SER D 50 -11.86 21.93 6.24
CA SER D 50 -10.74 22.86 6.37
C SER D 50 -10.44 23.17 7.83
N GLY D 51 -9.23 23.68 8.07
CA GLY D 51 -8.82 24.04 9.41
C GLY D 51 -7.37 24.49 9.46
N VAL D 52 -6.99 25.14 10.55
CA VAL D 52 -5.60 25.57 10.73
C VAL D 52 -5.04 25.04 12.05
N LEU D 53 -3.81 24.54 11.98
CA LEU D 53 -3.14 24.04 13.17
C LEU D 53 -2.00 24.99 13.52
N VAL D 54 -2.03 25.52 14.74
CA VAL D 54 -1.03 26.49 15.17
C VAL D 54 -0.12 25.90 16.23
N CYS D 55 1.14 25.69 15.87
CA CYS D 55 2.13 25.15 16.82
C CYS D 55 3.02 26.25 17.40
N PHE D 56 3.42 26.06 18.64
CA PHE D 56 4.39 26.95 19.27
C PHE D 56 5.61 26.11 19.58
N PRO D 57 6.29 25.63 18.54
CA PRO D 57 7.32 24.60 18.67
C PRO D 57 8.35 24.88 19.77
N GLY D 58 8.56 26.15 20.12
CA GLY D 58 9.60 26.49 21.09
C GLY D 58 9.12 26.76 22.51
N ALA D 59 7.82 26.59 22.73
CA ALA D 59 7.19 26.95 24.01
C ALA D 59 7.58 26.04 25.18
N PRO D 60 8.07 26.65 26.27
CA PRO D 60 8.45 25.95 27.50
C PRO D 60 7.23 25.49 28.26
N GLY D 61 6.12 26.19 28.09
CA GLY D 61 4.90 25.84 28.80
C GLY D 61 4.38 24.47 28.45
N SER D 62 3.15 24.19 28.88
CA SER D 62 2.49 22.96 28.52
C SER D 62 1.36 23.22 27.53
N ARG D 63 1.28 24.47 27.06
CA ARG D 63 0.44 24.84 25.93
C ARG D 63 1.28 24.93 24.68
N ILE D 64 1.21 23.91 23.83
CA ILE D 64 2.12 23.81 22.69
C ILE D 64 1.44 24.03 21.33
N GLY D 65 0.13 24.22 21.33
CA GLY D 65 -0.58 24.42 20.08
C GLY D 65 -1.98 24.99 20.22
N ALA D 66 -2.69 25.05 19.10
CA ALA D 66 -4.06 25.53 19.09
C ALA D 66 -4.71 25.11 17.78
N HIS D 67 -5.94 24.61 17.85
CA HIS D 67 -6.62 24.14 16.66
C HIS D 67 -7.78 25.04 16.28
N TYR D 68 -7.83 25.45 15.01
CA TYR D 68 -8.93 26.27 14.50
C TYR D 68 -9.64 25.52 13.39
N ARG D 69 -10.92 25.80 13.21
CA ARG D 69 -11.70 25.20 12.12
C ARG D 69 -12.29 26.28 11.23
N TRP D 70 -12.48 25.97 9.96
CA TRP D 70 -13.20 26.86 9.06
C TRP D 70 -14.69 26.51 9.11
N ASN D 71 -15.55 27.51 9.28
CA ASN D 71 -16.98 27.27 9.19
C ASN D 71 -17.32 26.88 7.75
N ALA D 72 -18.38 26.09 7.59
CA ALA D 72 -18.72 25.52 6.29
C ALA D 72 -18.66 26.54 5.14
N ASN D 73 -18.75 27.81 5.48
CA ASN D 73 -18.81 28.87 4.49
C ASN D 73 -17.43 29.46 4.13
N GLN D 74 -16.38 28.97 4.78
CA GLN D 74 -15.03 29.49 4.57
C GLN D 74 -15.00 31.00 4.85
N THR D 75 -15.87 31.44 5.74
CA THR D 75 -15.99 32.86 6.08
C THR D 75 -14.97 33.28 7.13
N GLY D 76 -14.88 32.49 8.19
CA GLY D 76 -13.96 32.75 9.28
C GLY D 76 -13.57 31.48 10.01
N LEU D 77 -12.82 31.63 11.09
CA LEU D 77 -12.37 30.47 11.86
C LEU D 77 -13.17 30.30 13.14
N GLU D 78 -13.22 29.07 13.63
CA GLU D 78 -13.86 28.77 14.90
C GLU D 78 -12.88 28.04 15.79
N PHE D 79 -12.49 28.68 16.89
CA PHE D 79 -11.54 28.08 17.81
C PHE D 79 -12.07 26.77 18.38
N ASP D 80 -11.24 25.75 18.39
CA ASP D 80 -11.62 24.45 18.91
C ASP D 80 -11.10 24.26 20.33
N GLN D 81 -9.78 24.19 20.47
CA GLN D 81 -9.16 23.90 21.76
C GLN D 81 -7.66 24.18 21.73
N TRP D 82 -7.08 24.30 22.92
CA TRP D 82 -5.64 24.36 23.04
C TRP D 82 -5.05 22.98 22.79
N LEU D 83 -3.82 22.92 22.30
CA LEU D 83 -3.08 21.67 22.27
C LEU D 83 -2.10 21.69 23.44
N GLU D 84 -2.39 20.89 24.47
CA GLU D 84 -1.57 20.89 25.66
C GLU D 84 -0.85 19.56 25.84
N THR D 85 -0.14 19.44 26.95
CA THR D 85 0.57 18.20 27.27
C THR D 85 -0.34 17.32 28.12
N SER D 86 -0.23 16.02 27.93
CA SER D 86 -1.00 15.07 28.75
C SER D 86 -0.89 15.48 30.21
N GLN D 87 0.31 15.88 30.61
CA GLN D 87 0.60 16.18 31.99
C GLN D 87 0.68 17.70 32.19
N ASP D 88 0.07 18.19 33.27
CA ASP D 88 0.18 19.60 33.63
C ASP D 88 1.48 19.76 34.42
N LEU D 89 2.50 20.31 33.76
CA LEU D 89 3.84 20.35 34.34
C LEU D 89 3.94 21.21 35.58
N LYS D 90 3.10 22.24 35.67
CA LYS D 90 3.19 23.20 36.76
C LYS D 90 2.76 22.62 38.11
N LYS D 91 2.27 21.38 38.09
CA LYS D 91 1.84 20.73 39.32
C LYS D 91 3.00 19.97 39.94
N ALA D 92 4.05 19.78 39.16
CA ALA D 92 5.20 19.00 39.62
C ALA D 92 6.53 19.76 39.52
N PHE D 93 6.58 20.80 38.69
CA PHE D 93 7.82 21.54 38.50
C PHE D 93 7.59 23.05 38.50
N ASN D 94 8.59 23.80 38.98
CA ASN D 94 8.47 25.25 39.04
C ASN D 94 9.20 25.97 37.90
N TYR D 95 10.21 25.33 37.34
CA TYR D 95 11.03 25.95 36.30
C TYR D 95 11.30 24.99 35.14
N GLY D 96 11.39 25.51 33.91
CA GLY D 96 11.71 24.69 32.76
C GLY D 96 12.26 25.37 31.51
N ARG D 97 13.09 24.66 30.76
CA ARG D 97 13.49 25.09 29.42
C ARG D 97 13.06 24.00 28.48
N LEU D 98 12.86 24.32 27.21
CA LEU D 98 12.52 23.31 26.24
C LEU D 98 13.75 22.83 25.49
N ILE D 99 14.04 21.53 25.57
CA ILE D 99 15.18 20.95 24.87
C ILE D 99 14.89 20.71 23.38
N SER D 100 13.81 20.00 23.09
CA SER D 100 13.45 19.69 21.71
C SER D 100 12.01 19.19 21.64
N ARG D 101 11.37 19.37 20.49
CA ARG D 101 9.97 19.00 20.33
C ARG D 101 9.68 18.58 18.89
N LYS D 102 8.60 17.83 18.71
CA LYS D 102 8.22 17.35 17.38
C LYS D 102 6.74 16.99 17.33
N TYR D 103 6.03 17.56 16.34
CA TYR D 103 4.64 17.19 16.08
C TYR D 103 4.56 16.25 14.89
N ASP D 104 3.72 15.22 15.00
CA ASP D 104 3.48 14.31 13.89
C ASP D 104 2.01 14.43 13.50
N ILE D 105 1.75 14.94 12.31
CA ILE D 105 0.39 15.21 11.88
C ILE D 105 -0.02 14.42 10.65
N GLN D 106 -1.06 13.60 10.79
CA GLN D 106 -1.61 12.84 9.68
C GLN D 106 -3.04 12.44 9.98
N SER D 107 -3.66 11.70 9.05
CA SER D 107 -5.01 11.21 9.25
C SER D 107 -4.99 9.74 9.68
N SER D 108 -5.75 9.43 10.72
CA SER D 108 -5.86 8.06 11.20
C SER D 108 -7.18 7.42 10.73
N THR D 109 -7.63 7.85 9.55
CA THR D 109 -8.79 7.24 8.90
C THR D 109 -8.32 6.62 7.58
N LEU D 110 -9.00 5.58 7.10
CA LEU D 110 -8.58 4.93 5.87
C LEU D 110 -9.76 4.57 4.96
N ASN D 118 -8.49 11.22 1.44
CA ASN D 118 -8.77 12.43 0.68
C ASN D 118 -8.48 13.72 1.48
N GLY D 119 -7.46 14.48 1.07
CA GLY D 119 -7.10 15.72 1.75
C GLY D 119 -5.62 16.08 1.65
N THR D 120 -5.31 17.37 1.75
CA THR D 120 -3.91 17.85 1.66
C THR D 120 -3.50 18.74 2.82
N LEU D 121 -2.20 19.04 2.91
CA LEU D 121 -1.64 19.85 3.99
C LEU D 121 -0.64 20.91 3.50
N ASN D 122 -0.80 22.14 3.97
CA ASN D 122 0.20 23.19 3.80
C ASN D 122 0.82 23.55 5.13
N ALA D 123 2.14 23.69 5.17
CA ALA D 123 2.82 23.97 6.43
C ALA D 123 4.00 24.92 6.25
N ALA D 124 4.06 25.93 7.12
CA ALA D 124 5.14 26.91 7.07
C ALA D 124 5.49 27.46 8.46
N THR D 125 6.78 27.65 8.69
CA THR D 125 7.24 28.19 9.95
C THR D 125 7.46 29.68 9.83
N PHE D 126 6.57 30.44 10.48
CA PHE D 126 6.61 31.90 10.47
C PHE D 126 7.50 32.38 11.61
N GLU D 127 8.38 33.32 11.33
CA GLU D 127 9.36 33.74 12.33
C GLU D 127 8.89 34.95 13.13
N GLY D 128 7.61 34.95 13.49
CA GLY D 128 7.02 36.00 14.30
C GLY D 128 5.84 35.48 15.10
N SER D 129 5.08 36.38 15.71
CA SER D 129 3.96 35.98 16.56
C SER D 129 2.74 35.65 15.73
N LEU D 130 1.75 34.99 16.36
CA LEU D 130 0.52 34.60 15.66
C LEU D 130 -0.26 35.77 15.07
N SER D 131 -0.29 36.88 15.80
CA SER D 131 -1.05 38.04 15.38
C SER D 131 -0.36 38.79 14.25
N GLU D 132 0.93 38.51 14.06
CA GLU D 132 1.71 39.21 13.05
C GLU D 132 1.54 38.59 11.66
N VAL D 133 0.72 37.55 11.59
CA VAL D 133 0.38 36.89 10.33
C VAL D 133 -0.68 37.68 9.58
N GLU D 134 -0.41 37.98 8.30
CA GLU D 134 -1.35 38.76 7.49
C GLU D 134 -2.62 37.99 7.16
N SER D 135 -2.45 36.77 6.65
CA SER D 135 -3.59 35.95 6.26
C SER D 135 -3.38 34.49 6.65
N LEU D 136 -4.48 33.79 6.92
CA LEU D 136 -4.41 32.37 7.26
C LEU D 136 -5.05 31.46 6.21
N THR D 137 -5.18 31.99 4.98
CA THR D 137 -5.61 31.18 3.86
C THR D 137 -4.71 29.95 3.75
N TYR D 138 -5.28 28.82 3.35
CA TYR D 138 -4.50 27.62 3.10
C TYR D 138 -3.33 27.94 2.18
N ASN D 139 -3.59 28.75 1.16
CA ASN D 139 -2.59 29.07 0.15
C ASN D 139 -1.61 30.15 0.58
N SER D 140 -2.03 31.00 1.51
CA SER D 140 -1.23 32.15 1.91
C SER D 140 -0.14 31.78 2.92
N LEU D 141 -0.18 30.56 3.43
CA LEU D 141 0.86 30.09 4.34
C LEU D 141 2.21 30.06 3.64
N MET D 142 2.20 29.79 2.34
CA MET D 142 3.43 29.61 1.57
C MET D 142 4.27 30.87 1.43
N SER D 143 3.70 32.01 1.81
CA SER D 143 4.43 33.26 1.72
C SER D 143 4.69 33.85 3.11
N LEU D 144 4.72 32.99 4.11
CA LEU D 144 5.05 33.40 5.46
C LEU D 144 6.56 33.37 5.66
N THR D 145 7.25 32.65 4.78
CA THR D 145 8.69 32.54 4.83
C THR D 145 9.23 32.17 3.46
N THR D 146 10.48 32.53 3.18
CA THR D 146 11.09 32.19 1.90
C THR D 146 12.01 30.98 2.02
N ASN D 147 12.59 30.80 3.20
CA ASN D 147 13.46 29.66 3.45
C ASN D 147 12.80 28.38 2.98
N PRO D 148 13.37 27.75 1.94
CA PRO D 148 12.76 26.55 1.37
C PRO D 148 12.49 25.48 2.44
N GLN D 149 13.41 25.30 3.37
CA GLN D 149 13.26 24.25 4.39
C GLN D 149 12.44 24.69 5.60
N ASP D 150 11.62 25.72 5.43
CA ASP D 150 10.72 26.16 6.49
C ASP D 150 9.27 26.06 6.05
N LYS D 151 9.06 25.42 4.91
CA LYS D 151 7.70 25.21 4.40
C LYS D 151 7.57 23.93 3.58
N VAL D 152 6.34 23.46 3.46
CA VAL D 152 5.99 22.26 2.71
C VAL D 152 4.61 22.45 2.12
N ASN D 153 4.47 22.23 0.81
CA ASN D 153 3.19 22.47 0.14
C ASN D 153 2.53 21.23 -0.44
N ASN D 154 1.21 21.19 -0.37
CA ASN D 154 0.41 20.09 -0.89
C ASN D 154 0.96 18.70 -0.58
N GLN D 155 1.09 18.42 0.72
CA GLN D 155 1.45 17.08 1.18
C GLN D 155 0.18 16.33 1.53
N LEU D 156 0.04 15.11 1.02
CA LEU D 156 -1.16 14.32 1.26
C LEU D 156 -1.32 14.07 2.76
N VAL D 157 -2.54 14.25 3.26
CA VAL D 157 -2.80 14.05 4.68
C VAL D 157 -2.50 12.62 5.10
N THR D 158 -2.59 11.70 4.15
CA THR D 158 -2.27 10.29 4.40
C THR D 158 -0.80 10.12 4.72
N LYS D 159 0.06 10.76 3.93
CA LYS D 159 1.51 10.65 4.11
C LYS D 159 1.99 11.40 5.36
N GLY D 160 1.38 12.55 5.63
CA GLY D 160 1.63 13.27 6.86
C GLY D 160 2.71 14.34 6.80
N VAL D 161 2.63 15.29 7.72
CA VAL D 161 3.63 16.35 7.85
C VAL D 161 4.23 16.29 9.24
N THR D 162 5.55 16.44 9.34
CA THR D 162 6.21 16.45 10.63
C THR D 162 6.76 17.84 10.96
N VAL D 163 6.48 18.31 12.16
CA VAL D 163 6.94 19.63 12.61
C VAL D 163 8.06 19.47 13.63
N LEU D 164 9.27 19.87 13.26
CA LEU D 164 10.42 19.76 14.14
C LEU D 164 10.79 21.13 14.66
N ASN D 165 11.16 21.23 15.93
CA ASN D 165 11.61 22.52 16.45
C ASN D 165 13.11 22.60 16.33
N LEU D 166 13.58 23.50 15.47
CA LEU D 166 14.99 23.83 15.40
C LEU D 166 15.27 25.00 16.35
N PRO D 167 16.22 24.82 17.29
CA PRO D 167 16.48 25.79 18.35
C PRO D 167 16.46 27.19 17.79
N THR D 168 15.70 28.05 18.45
CA THR D 168 15.70 29.46 18.10
C THR D 168 16.59 30.19 19.12
N GLY D 169 17.87 29.83 19.13
CA GLY D 169 18.81 30.42 20.05
C GLY D 169 19.09 29.50 21.22
N PHE D 170 20.31 29.57 21.74
CA PHE D 170 20.66 28.80 22.93
C PHE D 170 20.80 29.73 24.12
N ASP D 171 21.30 29.21 25.24
CA ASP D 171 21.48 30.01 26.45
C ASP D 171 20.20 30.70 26.91
N LYS D 172 19.06 30.08 26.66
CA LYS D 172 17.79 30.64 27.09
C LYS D 172 17.53 30.24 28.53
N PRO D 173 16.91 31.14 29.31
CA PRO D 173 16.81 30.98 30.76
C PRO D 173 15.67 30.06 31.17
N TYR D 174 15.80 29.46 32.35
CA TYR D 174 14.71 28.70 32.92
C TYR D 174 13.55 29.65 33.18
N VAL D 175 12.44 29.40 32.51
CA VAL D 175 11.23 30.18 32.72
C VAL D 175 10.51 29.59 33.92
N ARG D 176 9.77 30.42 34.65
CA ARG D 176 8.93 29.92 35.73
C ARG D 176 7.61 29.43 35.16
N LEU D 177 7.34 28.13 35.29
CA LEU D 177 6.02 27.59 34.96
C LEU D 177 5.11 28.23 35.99
N GLU D 178 3.80 28.21 35.79
CA GLU D 178 2.96 28.97 36.71
C GLU D 178 2.31 28.15 37.81
N ASP D 179 3.11 27.76 38.80
CA ASP D 179 2.65 26.90 39.88
C ASP D 179 1.83 27.66 40.90
N GLU D 180 0.98 26.93 41.63
CA GLU D 180 0.17 27.49 42.69
C GLU D 180 0.93 27.42 44.02
N THR D 181 0.80 28.45 44.84
CA THR D 181 1.54 28.51 46.10
C THR D 181 0.75 27.95 47.26
N PRO D 182 1.45 27.43 48.27
CA PRO D 182 0.84 27.05 49.56
C PRO D 182 -0.06 28.17 50.08
N GLN D 183 -1.23 27.80 50.59
CA GLN D 183 -2.18 28.78 51.08
C GLN D 183 -2.41 28.67 52.58
N GLY D 184 -3.14 29.63 53.12
CA GLY D 184 -3.70 29.54 54.46
C GLY D 184 -5.12 29.07 54.30
N LEU D 185 -5.72 28.58 55.38
CA LEU D 185 -7.08 28.03 55.30
C LEU D 185 -8.15 29.11 55.27
N GLN D 186 -7.86 30.26 55.88
CA GLN D 186 -8.84 31.34 56.00
C GLN D 186 -9.01 32.07 54.67
N SER D 187 -8.61 31.44 53.57
CA SER D 187 -8.69 32.07 52.26
C SER D 187 -10.06 31.89 51.63
N MET D 188 -10.44 32.83 50.77
CA MET D 188 -11.64 32.70 49.97
C MET D 188 -11.70 31.32 49.34
N ASN D 189 -12.91 30.85 49.04
CA ASN D 189 -13.07 29.62 48.29
C ASN D 189 -12.88 29.90 46.81
N GLY D 190 -11.83 29.33 46.23
CA GLY D 190 -11.55 29.52 44.81
C GLY D 190 -10.41 30.46 44.55
N ALA D 191 -10.00 31.20 45.58
CA ALA D 191 -8.88 32.13 45.44
C ALA D 191 -7.57 31.40 45.65
N LYS D 192 -6.59 31.73 44.83
CA LYS D 192 -5.25 31.16 44.92
C LYS D 192 -4.24 32.16 44.41
N MET D 193 -3.00 32.01 44.84
CA MET D 193 -1.92 32.87 44.35
C MET D 193 -0.89 32.01 43.64
N ARG D 194 -0.41 32.46 42.49
CA ARG D 194 0.61 31.70 41.76
C ARG D 194 1.84 32.54 41.42
N CYS D 195 2.98 31.86 41.31
CA CYS D 195 4.23 32.50 40.93
C CYS D 195 4.34 32.46 39.42
N THR D 196 4.00 33.56 38.76
CA THR D 196 3.75 33.54 37.32
C THR D 196 4.97 33.83 36.47
N ALA D 197 4.78 33.75 35.15
CA ALA D 197 5.79 34.10 34.19
C ALA D 197 6.14 35.56 34.35
N ALA D 198 7.42 35.85 34.52
CA ALA D 198 7.84 37.21 34.84
C ALA D 198 8.98 37.68 33.95
N ILE D 199 9.92 36.78 33.67
CA ILE D 199 11.15 37.10 32.95
C ILE D 199 10.96 37.61 31.53
N ALA D 200 11.73 38.63 31.14
CA ALA D 200 11.77 39.11 29.76
C ALA D 200 10.41 39.17 29.09
N PRO D 201 9.57 40.12 29.52
CA PRO D 201 8.20 40.28 29.05
C PRO D 201 8.12 40.94 27.68
N ARG D 202 6.99 40.74 26.99
CA ARG D 202 6.68 41.46 25.77
C ARG D 202 5.68 42.54 26.12
N ARG D 203 5.96 43.76 25.71
CA ARG D 203 5.14 44.89 26.13
C ARG D 203 4.61 45.69 24.95
N TYR D 204 3.29 45.71 24.81
CA TYR D 204 2.62 46.53 23.80
C TYR D 204 2.11 47.80 24.45
N GLU D 205 2.07 48.90 23.71
CA GLU D 205 1.49 50.13 24.22
C GLU D 205 0.60 50.82 23.20
N ILE D 206 -0.51 51.38 23.68
CA ILE D 206 -1.49 52.06 22.84
C ILE D 206 -1.37 53.58 23.02
N ASP D 207 -0.98 54.27 21.96
CA ASP D 207 -0.68 55.69 22.06
C ASP D 207 -1.76 56.56 21.45
N LEU D 208 -2.54 57.21 22.31
CA LEU D 208 -3.59 58.11 21.88
C LEU D 208 -3.07 59.55 21.75
N PRO D 209 -3.38 60.21 20.62
CA PRO D 209 -2.91 61.55 20.30
C PRO D 209 -3.42 62.54 21.34
N SER D 210 -2.72 63.66 21.52
CA SER D 210 -3.16 64.68 22.46
C SER D 210 -4.28 65.54 21.88
N GLN D 211 -5.31 64.88 21.36
CA GLN D 211 -6.47 65.58 20.78
C GLN D 211 -7.78 65.00 21.32
N ARG D 212 -8.89 65.36 20.69
CA ARG D 212 -10.19 65.06 21.25
C ARG D 212 -10.71 63.65 20.96
N LEU D 213 -11.38 63.05 21.94
CA LEU D 213 -12.02 61.75 21.75
C LEU D 213 -13.13 61.87 20.71
N PRO D 214 -13.19 60.91 19.77
CA PRO D 214 -14.32 60.87 18.84
C PRO D 214 -15.63 60.84 19.61
N PRO D 215 -16.67 61.51 19.10
CA PRO D 215 -17.94 61.70 19.80
C PRO D 215 -18.82 60.47 19.77
N VAL D 216 -19.43 60.15 20.89
CA VAL D 216 -20.37 59.03 20.95
C VAL D 216 -21.62 59.31 20.12
N PRO D 217 -22.06 58.32 19.33
CA PRO D 217 -23.31 58.43 18.59
C PRO D 217 -24.51 58.52 19.52
N ALA D 218 -24.41 57.91 20.70
CA ALA D 218 -25.51 57.90 21.66
C ALA D 218 -25.04 57.52 23.07
N THR D 219 -25.92 57.72 24.04
CA THR D 219 -25.61 57.39 25.43
C THR D 219 -25.56 55.88 25.65
N GLY D 220 -24.56 55.43 26.39
CA GLY D 220 -24.43 54.02 26.72
C GLY D 220 -23.98 53.17 25.54
N THR D 221 -23.55 53.83 24.48
CA THR D 221 -23.03 53.14 23.29
C THR D 221 -21.50 53.21 23.24
N LEU D 222 -20.87 52.09 22.89
CA LEU D 222 -19.42 52.00 22.84
C LEU D 222 -18.81 52.55 21.55
N THR D 223 -17.95 53.55 21.69
CA THR D 223 -17.24 54.12 20.55
C THR D 223 -15.76 53.73 20.61
N THR D 224 -15.27 53.07 19.57
CA THR D 224 -13.90 52.57 19.57
C THR D 224 -12.87 53.68 19.35
N LEU D 225 -11.75 53.59 20.05
CA LEU D 225 -10.65 54.55 19.93
C LEU D 225 -9.47 53.93 19.19
N TYR D 226 -9.15 52.68 19.53
CA TYR D 226 -8.09 51.95 18.84
C TYR D 226 -8.40 50.47 18.72
N GLU D 227 -8.09 49.90 17.56
CA GLU D 227 -8.12 48.46 17.36
C GLU D 227 -6.87 48.07 16.58
N GLY D 228 -6.25 46.97 16.98
CA GLY D 228 -5.01 46.55 16.36
C GLY D 228 -4.58 45.16 16.77
N ASN D 229 -3.46 44.70 16.25
CA ASN D 229 -2.95 43.37 16.54
C ASN D 229 -1.95 43.32 17.71
N ALA D 230 -2.06 42.28 18.53
CA ALA D 230 -1.16 42.09 19.65
C ALA D 230 -1.31 40.67 20.19
N ASP D 231 -0.22 40.13 20.73
CA ASP D 231 -0.20 38.74 21.17
C ASP D 231 -0.08 38.58 22.68
N ILE D 232 -1.14 38.09 23.30
CA ILE D 232 -1.09 37.70 24.69
C ILE D 232 -1.40 36.21 24.79
N VAL D 233 -0.66 35.50 25.63
CA VAL D 233 -0.83 34.06 25.71
C VAL D 233 -0.76 33.57 27.16
N ASN D 234 -0.24 34.42 28.05
CA ASN D 234 -0.29 34.14 29.48
C ASN D 234 -0.50 35.40 30.30
N SER D 235 -0.28 35.31 31.61
CA SER D 235 -0.59 36.39 32.53
C SER D 235 -0.08 37.75 32.04
N THR D 236 -0.95 38.75 32.13
CA THR D 236 -0.63 40.10 31.66
C THR D 236 -0.88 41.17 32.74
N THR D 237 -0.11 42.26 32.67
CA THR D 237 -0.30 43.39 33.57
C THR D 237 -0.54 44.65 32.77
N VAL D 238 -1.64 45.33 33.06
CA VAL D 238 -1.97 46.57 32.35
C VAL D 238 -1.68 47.78 33.22
N THR D 239 -0.91 48.73 32.67
CA THR D 239 -0.65 49.99 33.36
C THR D 239 -0.88 51.13 32.38
N GLY D 240 -1.61 52.15 32.82
CA GLY D 240 -1.93 53.26 31.95
C GLY D 240 -2.68 54.38 32.63
N ASP D 241 -2.84 55.48 31.90
CA ASP D 241 -3.55 56.65 32.41
C ASP D 241 -4.23 57.36 31.25
N ILE D 242 -5.40 56.88 30.86
CA ILE D 242 -6.21 57.58 29.85
C ILE D 242 -6.87 58.80 30.48
N ASN D 243 -6.22 59.94 30.33
CA ASN D 243 -6.69 61.19 30.91
C ASN D 243 -7.24 62.11 29.84
N PHE D 244 -8.02 63.10 30.27
CA PHE D 244 -8.60 64.06 29.36
C PHE D 244 -9.19 65.24 30.12
N SER D 245 -9.58 66.28 29.39
CA SER D 245 -10.26 67.42 29.97
C SER D 245 -11.45 67.81 29.11
N LEU D 246 -12.56 68.15 29.76
CA LEU D 246 -13.76 68.60 29.05
C LEU D 246 -13.68 70.10 28.84
N ALA D 247 -14.33 70.59 27.77
CA ALA D 247 -14.29 72.01 27.44
C ALA D 247 -15.16 72.84 28.36
N GLU D 248 -16.27 72.27 28.81
CA GLU D 248 -17.20 72.97 29.67
C GLU D 248 -17.47 72.16 30.94
N GLN D 249 -17.81 72.85 32.02
CA GLN D 249 -18.29 72.17 33.22
C GLN D 249 -19.45 71.27 32.84
N PRO D 250 -19.36 69.99 33.18
CA PRO D 250 -20.41 69.02 32.85
C PRO D 250 -21.75 69.47 33.43
N ALA D 251 -22.76 69.59 32.58
CA ALA D 251 -24.09 69.97 33.03
C ALA D 251 -24.54 69.02 34.14
N ASP D 252 -24.33 67.72 33.91
CA ASP D 252 -24.60 66.70 34.91
C ASP D 252 -23.34 65.85 35.05
N GLU D 253 -23.08 65.37 36.26
CA GLU D 253 -21.95 64.48 36.48
C GLU D 253 -22.12 63.24 35.59
N THR D 254 -21.22 63.07 34.63
CA THR D 254 -21.32 61.94 33.70
C THR D 254 -20.26 60.89 33.96
N LYS D 255 -20.60 59.64 33.65
CA LYS D 255 -19.73 58.50 33.90
C LYS D 255 -19.04 58.05 32.63
N PHE D 256 -17.72 58.24 32.56
CA PHE D 256 -16.93 57.76 31.43
C PHE D 256 -16.45 56.34 31.70
N ASP D 257 -16.75 55.43 30.79
CA ASP D 257 -16.30 54.04 30.89
C ASP D 257 -15.29 53.73 29.79
N PHE D 258 -14.17 53.11 30.16
CA PHE D 258 -13.19 52.70 29.17
C PHE D 258 -13.01 51.18 29.17
N GLN D 259 -13.33 50.56 28.05
CA GLN D 259 -13.23 49.12 27.89
C GLN D 259 -12.02 48.71 27.06
N LEU D 260 -11.19 47.84 27.64
CA LEU D 260 -10.10 47.23 26.91
C LEU D 260 -10.51 45.80 26.57
N ASP D 261 -10.65 45.51 25.28
CA ASP D 261 -11.11 44.20 24.83
C ASP D 261 -9.98 43.39 24.22
N PHE D 262 -9.89 42.12 24.60
CA PHE D 262 -8.91 41.21 24.01
C PHE D 262 -9.62 40.10 23.25
N MET D 263 -9.53 40.12 21.92
CA MET D 263 -10.20 39.10 21.11
C MET D 263 -9.21 38.17 20.44
N GLY D 264 -9.70 37.02 19.99
CA GLY D 264 -8.88 36.06 19.27
C GLY D 264 -8.95 36.24 17.77
N LEU D 265 -8.53 35.23 17.02
CA LEU D 265 -8.57 35.26 15.56
C LEU D 265 -9.99 35.39 15.05
N ASP D 266 -10.94 34.96 15.87
CA ASP D 266 -12.30 34.74 15.42
C ASP D 266 -13.37 35.56 16.15
N ASN D 267 -14.47 35.80 15.45
CA ASN D 267 -15.74 36.20 16.06
C ASN D 267 -15.81 37.41 16.99
N ASP D 268 -14.74 38.20 17.07
CA ASP D 268 -14.79 39.46 17.82
C ASP D 268 -15.28 39.33 19.28
N VAL D 269 -15.50 38.11 19.75
CA VAL D 269 -16.00 37.90 21.11
C VAL D 269 -14.87 37.93 22.12
N PRO D 270 -14.87 38.96 22.97
CA PRO D 270 -13.80 39.19 23.95
C PRO D 270 -13.41 37.93 24.72
N VAL D 271 -12.12 37.62 24.70
CA VAL D 271 -11.56 36.52 25.49
C VAL D 271 -11.52 36.98 26.94
N VAL D 272 -11.18 38.25 27.10
CA VAL D 272 -11.10 38.91 28.39
C VAL D 272 -11.37 40.38 28.19
N THR D 273 -12.28 40.93 28.98
CA THR D 273 -12.56 42.36 28.95
C THR D 273 -12.18 42.96 30.28
N VAL D 274 -11.73 44.21 30.26
CA VAL D 274 -11.39 44.89 31.50
C VAL D 274 -11.81 46.35 31.38
N VAL D 275 -12.34 46.90 32.48
CA VAL D 275 -12.91 48.24 32.45
C VAL D 275 -12.42 49.17 33.55
N SER D 276 -12.34 50.46 33.24
CA SER D 276 -12.01 51.48 34.21
C SER D 276 -12.85 52.70 33.94
N SER D 277 -13.47 53.26 34.98
CA SER D 277 -14.37 54.40 34.82
C SER D 277 -14.15 55.53 35.83
N VAL D 278 -14.36 56.76 35.39
CA VAL D 278 -14.27 57.94 36.24
C VAL D 278 -15.54 58.76 36.15
N LEU D 279 -15.81 59.54 37.19
CA LEU D 279 -16.90 60.49 37.17
C LEU D 279 -16.37 61.89 36.88
N ALA D 280 -16.95 62.54 35.87
CA ALA D 280 -16.56 63.90 35.52
C ALA D 280 -17.38 64.90 36.33
N THR D 281 -16.75 65.51 37.33
CA THR D 281 -17.42 66.44 38.21
C THR D 281 -16.95 67.86 37.90
N ASN D 282 -17.58 68.84 38.54
CA ASN D 282 -17.06 70.20 38.50
C ASN D 282 -15.65 70.20 39.04
N ASP D 283 -15.42 69.33 40.03
CA ASP D 283 -14.17 69.28 40.76
C ASP D 283 -12.96 68.93 39.90
N ASN D 284 -13.16 68.09 38.89
CA ASN D 284 -12.02 67.53 38.15
C ASN D 284 -12.06 67.67 36.64
N TYR D 285 -13.10 68.33 36.11
CA TYR D 285 -13.30 68.34 34.66
C TYR D 285 -12.11 68.91 33.88
N ARG D 286 -11.20 69.58 34.58
CA ARG D 286 -10.00 70.10 33.92
C ARG D 286 -8.94 69.02 33.68
N GLY D 287 -9.03 67.92 34.43
CA GLY D 287 -8.07 66.84 34.32
C GLY D 287 -8.55 65.49 34.81
N VAL D 288 -9.60 64.96 34.18
CA VAL D 288 -10.11 63.65 34.51
C VAL D 288 -9.12 62.56 34.12
N SER D 289 -8.88 61.60 35.02
CA SER D 289 -7.99 60.50 34.67
C SER D 289 -8.59 59.13 34.98
N ALA D 290 -8.79 58.34 33.93
CA ALA D 290 -9.21 56.96 34.08
C ALA D 290 -7.97 56.08 34.06
N LYS D 291 -7.71 55.39 35.17
CA LYS D 291 -6.46 54.65 35.31
C LYS D 291 -6.62 53.15 35.11
N MET D 292 -5.74 52.60 34.28
CA MET D 292 -5.71 51.16 34.04
C MET D 292 -4.66 50.48 34.95
N THR D 293 -5.05 49.43 35.66
CA THR D 293 -4.20 48.84 36.68
C THR D 293 -4.44 47.34 36.86
N GLN D 294 -5.21 46.75 35.95
CA GLN D 294 -5.63 45.37 36.10
C GLN D 294 -4.51 44.36 35.86
N SER D 295 -4.60 43.23 36.55
CA SER D 295 -3.70 42.12 36.32
C SER D 295 -4.51 40.92 35.87
N ILE D 296 -4.45 40.61 34.58
CA ILE D 296 -5.20 39.51 34.00
C ILE D 296 -4.49 38.17 34.15
N PRO D 297 -5.03 37.28 35.00
CA PRO D 297 -4.41 35.96 35.20
C PRO D 297 -4.49 35.10 33.94
N THR D 298 -3.78 33.98 33.93
CA THR D 298 -3.70 33.14 32.75
C THR D 298 -4.96 32.31 32.51
N GLU D 299 -5.53 31.78 33.59
CA GLU D 299 -6.74 30.96 33.46
C GLU D 299 -7.85 31.73 32.75
N ASN D 300 -7.64 33.03 32.59
CA ASN D 300 -8.59 33.89 31.89
C ASN D 300 -8.39 33.89 30.36
N ILE D 301 -7.21 33.51 29.91
CA ILE D 301 -6.91 33.44 28.49
C ILE D 301 -7.38 32.10 27.93
N THR D 302 -8.68 32.02 27.65
CA THR D 302 -9.32 30.77 27.24
C THR D 302 -9.03 30.37 25.79
N LYS D 303 -8.44 31.29 25.03
CA LYS D 303 -8.02 31.02 23.66
C LYS D 303 -7.00 32.07 23.21
N PRO D 304 -6.18 31.75 22.21
CA PRO D 304 -5.14 32.69 21.77
C PRO D 304 -5.71 34.07 21.48
N ILE D 305 -5.10 35.08 22.09
CA ILE D 305 -5.45 36.48 21.86
C ILE D 305 -4.58 37.08 20.77
N THR D 306 -5.20 37.69 19.77
CA THR D 306 -4.43 38.24 18.66
C THR D 306 -4.75 39.70 18.36
N ARG D 307 -5.67 40.28 19.11
CA ARG D 307 -5.98 41.70 18.92
C ARG D 307 -6.62 42.39 20.11
N VAL D 308 -6.38 43.70 20.19
CA VAL D 308 -6.88 44.54 21.27
C VAL D 308 -7.88 45.56 20.72
N LYS D 309 -8.74 46.06 21.60
CA LYS D 309 -9.75 47.03 21.20
C LYS D 309 -10.04 47.96 22.37
N LEU D 310 -9.61 49.21 22.26
CA LEU D 310 -9.87 50.20 23.29
C LEU D 310 -11.03 51.09 22.88
N SER D 311 -12.11 51.03 23.65
CA SER D 311 -13.29 51.83 23.36
C SER D 311 -13.78 52.54 24.63
N TYR D 312 -14.65 53.54 24.44
CA TYR D 312 -15.25 54.24 25.57
C TYR D 312 -16.72 54.56 25.32
N LYS D 313 -17.47 54.76 26.39
CA LYS D 313 -18.88 55.08 26.32
C LYS D 313 -19.23 56.03 27.45
N ILE D 314 -20.23 56.90 27.26
CA ILE D 314 -20.62 57.79 28.33
C ILE D 314 -22.00 57.53 28.92
N ASN D 315 -22.55 58.55 29.56
CA ASN D 315 -23.64 58.37 30.51
C ASN D 315 -24.75 59.40 30.40
N GLN D 316 -24.45 60.53 29.75
CA GLN D 316 -25.37 61.66 29.74
C GLN D 316 -25.50 62.33 28.37
N GLN D 317 -26.70 62.80 28.07
CA GLN D 317 -26.94 63.58 26.86
C GLN D 317 -26.18 64.90 26.96
N THR D 318 -26.11 65.42 28.18
CA THR D 318 -25.48 66.71 28.44
C THR D 318 -23.97 66.61 28.39
N ALA D 319 -23.47 65.60 27.69
CA ALA D 319 -22.03 65.36 27.62
C ALA D 319 -21.57 65.10 26.20
N ILE D 320 -22.50 64.70 25.33
CA ILE D 320 -22.17 64.30 23.97
C ILE D 320 -21.58 65.43 23.14
N GLY D 321 -21.90 66.67 23.49
CA GLY D 321 -21.38 67.82 22.77
C GLY D 321 -20.21 68.44 23.50
N ASN D 322 -19.85 67.84 24.62
CA ASN D 322 -18.76 68.35 25.47
C ASN D 322 -17.41 67.80 25.03
N VAL D 323 -16.71 68.54 24.18
CA VAL D 323 -15.45 68.08 23.59
C VAL D 323 -14.37 67.78 24.63
N ALA D 324 -13.96 66.51 24.70
CA ALA D 324 -12.92 66.07 25.63
C ALA D 324 -11.58 65.93 24.92
N THR D 325 -10.62 66.76 25.32
CA THR D 325 -9.27 66.71 24.78
C THR D 325 -8.38 65.79 25.62
N LEU D 326 -7.44 65.10 24.98
CA LEU D 326 -6.75 63.98 25.63
C LEU D 326 -5.42 64.28 26.33
N GLY D 327 -4.62 65.19 25.77
CA GLY D 327 -3.27 65.39 26.28
C GLY D 327 -3.12 65.95 27.68
N THR D 328 -4.22 66.35 28.30
CA THR D 328 -4.18 67.21 29.49
C THR D 328 -3.26 66.80 30.65
N MET D 329 -3.34 65.56 31.10
CA MET D 329 -2.65 65.12 32.32
C MET D 329 -1.28 64.47 32.10
N GLY D 330 -0.85 64.41 30.84
CA GLY D 330 0.30 63.62 30.46
C GLY D 330 -0.17 62.71 29.36
N PRO D 331 0.75 62.05 28.65
CA PRO D 331 0.35 61.30 27.45
C PRO D 331 -0.80 60.36 27.76
N ALA D 332 -1.77 60.28 26.84
CA ALA D 332 -2.88 59.36 26.98
C ALA D 332 -2.46 58.02 26.40
N SER D 333 -2.08 57.08 27.26
CA SER D 333 -1.47 55.84 26.82
C SER D 333 -1.76 54.68 27.76
N VAL D 334 -2.11 53.53 27.20
CA VAL D 334 -2.29 52.31 27.99
C VAL D 334 -1.35 51.23 27.48
N SER D 335 -0.56 50.67 28.39
CA SER D 335 0.38 49.62 28.03
C SER D 335 0.07 48.31 28.76
N PHE D 336 0.47 47.19 28.19
CA PHE D 336 0.36 45.92 28.88
C PHE D 336 1.58 45.04 28.65
N SER D 337 2.02 44.36 29.70
CA SER D 337 3.23 43.56 29.66
C SER D 337 2.94 42.14 30.09
N SER D 338 3.28 41.19 29.22
CA SER D 338 3.07 39.78 29.50
C SER D 338 4.42 39.11 29.80
N GLY D 339 4.47 38.29 30.85
CA GLY D 339 5.70 37.60 31.19
C GLY D 339 6.15 36.65 30.09
N ASN D 340 7.46 36.45 29.99
CA ASN D 340 8.06 35.50 29.05
C ASN D 340 7.81 35.81 27.57
N GLY D 341 7.04 36.86 27.29
CA GLY D 341 6.67 37.18 25.93
C GLY D 341 7.83 37.23 24.95
N ASN D 342 8.94 37.81 25.39
CA ASN D 342 10.08 37.98 24.50
C ASN D 342 11.17 36.93 24.68
N VAL D 343 10.87 35.89 25.46
CA VAL D 343 11.70 34.70 25.48
C VAL D 343 11.47 33.95 24.17
N PRO D 344 12.56 33.72 23.42
CA PRO D 344 12.42 33.05 22.12
C PRO D 344 11.78 31.68 22.28
N GLY D 345 10.71 31.44 21.55
CA GLY D 345 10.00 30.17 21.60
C GLY D 345 8.60 30.33 22.14
N VAL D 346 8.41 31.33 23.00
CA VAL D 346 7.14 31.51 23.69
C VAL D 346 6.04 32.05 22.78
N LEU D 347 6.36 33.10 22.02
CA LEU D 347 5.40 33.67 21.09
C LEU D 347 5.94 33.60 19.67
N ARG D 348 7.26 33.47 19.56
CA ARG D 348 7.96 33.45 18.29
C ARG D 348 9.03 32.39 18.36
N PRO D 349 9.17 31.56 17.32
CA PRO D 349 8.34 31.58 16.12
C PRO D 349 7.23 30.55 16.22
N ILE D 350 6.32 30.59 15.25
CA ILE D 350 5.23 29.64 15.21
C ILE D 350 5.29 28.81 13.94
N THR D 351 4.60 27.67 13.95
CA THR D 351 4.48 26.87 12.75
C THR D 351 3.02 26.66 12.44
N LEU D 352 2.61 27.07 11.25
CA LEU D 352 1.23 26.90 10.84
C LEU D 352 1.09 25.68 9.93
N VAL D 353 0.10 24.85 10.23
CA VAL D 353 -0.24 23.73 9.37
C VAL D 353 -1.72 23.79 9.01
N ALA D 354 -2.01 24.11 7.75
CA ALA D 354 -3.39 24.20 7.30
C ALA D 354 -3.79 22.91 6.59
N TYR D 355 -5.01 22.44 6.87
CA TYR D 355 -5.53 21.27 6.19
C TYR D 355 -6.82 21.64 5.47
N GLU D 356 -7.00 21.12 4.27
CA GLU D 356 -8.21 21.37 3.50
C GLU D 356 -8.63 20.16 2.66
N LYS D 357 -9.90 20.17 2.24
CA LYS D 357 -10.45 19.09 1.44
C LYS D 357 -10.29 17.75 2.14
N MET D 358 -10.57 17.73 3.44
CA MET D 358 -10.63 16.47 4.20
C MET D 358 -12.07 16.03 4.34
N THR D 359 -12.28 14.72 4.36
CA THR D 359 -13.61 14.17 4.51
C THR D 359 -14.18 14.56 5.87
N PRO D 360 -15.34 15.26 5.87
CA PRO D 360 -15.97 15.69 7.13
C PRO D 360 -16.19 14.54 8.10
N LEU D 361 -16.17 14.84 9.39
CA LEU D 361 -16.36 13.85 10.44
C LEU D 361 -15.23 12.83 10.55
N SER D 362 -14.14 13.07 9.82
CA SER D 362 -12.94 12.24 9.92
C SER D 362 -12.03 12.80 10.99
N ILE D 363 -10.97 12.05 11.31
CA ILE D 363 -10.07 12.47 12.38
C ILE D 363 -8.65 12.78 11.91
N LEU D 364 -8.19 13.98 12.25
CA LEU D 364 -6.82 14.40 11.98
C LEU D 364 -6.00 14.20 13.24
N THR D 365 -5.15 13.17 13.24
CA THR D 365 -4.42 12.79 14.43
C THR D 365 -3.10 13.54 14.57
N VAL D 366 -2.90 14.15 15.73
CA VAL D 366 -1.67 14.87 16.04
C VAL D 366 -0.98 14.24 17.26
N ALA D 367 0.25 13.77 17.07
CA ALA D 367 1.03 13.19 18.15
C ALA D 367 2.24 14.08 18.46
N GLY D 368 2.38 14.48 19.72
CA GLY D 368 3.45 15.38 20.10
C GLY D 368 4.44 14.75 21.05
N VAL D 369 5.68 15.23 20.98
CA VAL D 369 6.72 14.79 21.91
C VAL D 369 7.54 15.99 22.30
N SER D 370 7.73 16.19 23.60
CA SER D 370 8.48 17.34 24.10
C SER D 370 9.52 16.88 25.11
N ASN D 371 10.71 17.45 25.07
CA ASN D 371 11.73 17.12 26.05
C ASN D 371 12.13 18.37 26.79
N TYR D 372 12.09 18.32 28.12
CA TYR D 372 12.34 19.49 28.94
C TYR D 372 13.56 19.34 29.84
N GLU D 373 14.07 20.46 30.34
CA GLU D 373 14.93 20.47 31.51
C GLU D 373 14.08 21.11 32.58
N LEU D 374 13.83 20.38 33.67
CA LEU D 374 12.90 20.86 34.68
C LEU D 374 13.51 20.94 36.09
N ILE D 375 12.93 21.77 36.94
CA ILE D 375 13.33 21.84 38.34
C ILE D 375 12.15 21.45 39.22
N PRO D 376 12.27 20.27 39.86
CA PRO D 376 11.15 19.73 40.64
C PRO D 376 10.66 20.70 41.73
N ASN D 377 9.34 20.69 41.98
CA ASN D 377 8.79 21.50 43.06
C ASN D 377 9.14 20.88 44.41
N PRO D 378 9.18 21.71 45.46
CA PRO D 378 9.74 21.32 46.77
C PRO D 378 9.24 19.96 47.26
N GLU D 379 8.04 19.57 46.85
CA GLU D 379 7.51 18.26 47.23
C GLU D 379 8.22 17.11 46.53
N LEU D 380 8.41 17.27 45.23
CA LEU D 380 9.16 16.28 44.45
C LEU D 380 10.64 16.30 44.78
N LEU D 381 11.13 17.40 45.34
CA LEU D 381 12.52 17.53 45.68
C LEU D 381 12.91 16.54 46.77
N LYS D 382 11.93 16.16 47.60
CA LYS D 382 12.16 15.26 48.72
C LYS D 382 12.68 13.92 48.24
N ASN D 383 12.33 13.54 47.01
CA ASN D 383 12.67 12.21 46.51
C ASN D 383 13.42 12.20 45.20
N MET D 384 13.39 13.32 44.48
CA MET D 384 14.01 13.36 43.17
C MET D 384 15.38 14.03 43.20
N VAL D 385 16.38 13.32 42.67
CA VAL D 385 17.75 13.82 42.60
C VAL D 385 17.88 14.85 41.50
N THR D 386 18.61 15.92 41.76
CA THR D 386 18.90 16.92 40.73
C THR D 386 20.39 16.88 40.37
N ARG D 387 20.69 17.02 39.08
CA ARG D 387 22.06 16.88 38.60
C ARG D 387 22.44 18.00 37.66
N TYR D 388 23.72 18.37 37.68
CA TYR D 388 24.26 19.23 36.65
C TYR D 388 24.28 18.44 35.35
N GLY D 389 24.18 19.13 34.22
CA GLY D 389 24.15 18.44 32.94
C GLY D 389 25.39 17.60 32.68
N LYS D 390 25.23 16.54 31.87
CA LYS D 390 26.37 15.75 31.43
C LYS D 390 27.43 16.67 30.86
N TYR D 391 28.69 16.29 31.00
CA TYR D 391 29.78 17.10 30.45
C TYR D 391 29.87 16.98 28.94
N ASP D 392 29.52 18.05 28.22
CA ASP D 392 29.44 17.99 26.77
C ASP D 392 30.08 19.22 26.14
N PRO D 393 31.42 19.24 26.05
CA PRO D 393 32.18 20.38 25.54
C PRO D 393 31.92 20.70 24.07
N GLU D 394 31.78 19.69 23.24
CA GLU D 394 31.59 19.93 21.82
C GLU D 394 30.13 19.82 21.40
N GLY D 395 29.28 19.43 22.34
CA GLY D 395 27.87 19.24 22.06
C GLY D 395 27.20 20.43 21.39
N LEU D 396 27.37 21.61 21.97
CA LEU D 396 26.72 22.81 21.45
C LEU D 396 27.30 23.24 20.10
N ASN D 397 28.62 23.20 19.96
CA ASN D 397 29.25 23.53 18.69
C ASN D 397 28.74 22.67 17.56
N TYR D 398 28.59 21.38 17.82
CA TYR D 398 28.10 20.46 16.80
C TYR D 398 26.75 20.93 16.29
N ALA D 399 25.86 21.30 17.20
CA ALA D 399 24.54 21.79 16.83
C ALA D 399 24.63 23.10 16.05
N LYS D 400 25.46 24.02 16.55
CA LYS D 400 25.64 25.31 15.89
C LYS D 400 26.08 25.09 14.45
N MET D 401 26.88 24.05 14.23
CA MET D 401 27.44 23.79 12.91
C MET D 401 26.44 23.17 11.94
N ILE D 402 25.61 22.26 12.43
CA ILE D 402 24.61 21.64 11.58
C ILE D 402 23.54 22.65 11.20
N LEU D 403 23.08 23.41 12.18
CA LEU D 403 22.14 24.49 11.92
C LEU D 403 22.79 25.52 11.00
N SER D 404 24.12 25.60 11.05
CA SER D 404 24.89 26.48 10.18
C SER D 404 24.69 26.12 8.71
N HIS D 405 24.99 24.86 8.38
CA HIS D 405 24.82 24.38 7.02
C HIS D 405 23.45 23.75 6.87
N ARG D 406 22.46 24.36 7.52
CA ARG D 406 21.10 23.87 7.53
C ARG D 406 20.48 23.83 6.13
N GLU D 407 20.95 24.70 5.25
CA GLU D 407 20.38 24.82 3.91
C GLU D 407 21.07 23.90 2.93
N GLU D 408 22.39 23.75 3.07
CA GLU D 408 23.14 22.82 2.25
C GLU D 408 22.60 21.42 2.46
N LEU D 409 22.69 20.94 3.70
CA LEU D 409 21.96 19.75 4.12
C LEU D 409 20.49 20.11 4.02
N ASP D 410 19.60 19.24 4.49
CA ASP D 410 18.19 19.60 4.42
C ASP D 410 17.52 19.46 5.76
N ILE D 411 18.01 20.21 6.74
CA ILE D 411 17.40 20.22 8.06
C ILE D 411 16.20 21.15 8.05
N ARG D 412 15.05 20.63 8.47
CA ARG D 412 13.80 21.35 8.32
C ARG D 412 13.05 21.56 9.62
N THR D 413 12.23 22.61 9.68
CA THR D 413 11.29 22.77 10.77
C THR D 413 9.97 22.14 10.35
N VAL D 414 9.79 22.04 9.03
CA VAL D 414 8.58 21.43 8.47
C VAL D 414 8.97 20.35 7.46
N TRP D 415 8.59 19.10 7.74
CA TRP D 415 8.98 17.96 6.91
C TRP D 415 7.78 17.30 6.26
N ARG D 416 8.04 16.62 5.15
CA ARG D 416 7.12 15.62 4.66
C ARG D 416 7.40 14.37 5.49
N THR D 417 6.42 13.94 6.28
CA THR D 417 6.64 12.88 7.28
C THR D 417 7.46 11.70 6.77
N GLU D 418 7.15 11.21 5.57
CA GLU D 418 7.84 10.04 5.03
C GLU D 418 9.33 10.30 4.84
N GLU D 419 9.69 11.58 4.64
CA GLU D 419 11.09 11.96 4.48
C GLU D 419 11.78 12.08 5.82
N TYR D 420 11.16 12.80 6.75
CA TYR D 420 11.71 12.93 8.09
C TYR D 420 12.04 11.55 8.66
N LYS D 421 11.20 10.57 8.35
CA LYS D 421 11.40 9.22 8.84
C LYS D 421 12.74 8.64 8.36
N GLU D 422 12.97 8.67 7.05
CA GLU D 422 14.17 8.07 6.48
C GLU D 422 15.43 8.87 6.76
N ARG D 423 15.42 10.13 6.35
CA ARG D 423 16.61 10.98 6.39
C ARG D 423 17.04 11.31 7.81
N THR D 424 16.39 10.69 8.79
CA THR D 424 16.62 11.00 10.20
C THR D 424 17.55 10.01 10.89
N ARG D 425 17.43 8.74 10.55
CA ARG D 425 18.19 7.69 11.23
C ARG D 425 19.70 7.79 11.00
N VAL D 426 20.12 8.85 10.32
CA VAL D 426 21.53 9.19 10.18
C VAL D 426 22.08 9.72 11.51
N PHE D 427 21.17 10.17 12.37
CA PHE D 427 21.52 10.56 13.74
C PHE D 427 21.15 9.41 14.67
N ASN D 428 21.23 8.19 14.15
CA ASN D 428 20.98 6.96 14.90
C ASN D 428 19.49 6.67 15.10
N ALA E 6 29.50 -17.45 20.33
CA ALA E 6 28.12 -17.92 20.38
C ALA E 6 27.45 -17.60 21.72
N THR E 7 27.47 -16.32 22.08
CA THR E 7 26.94 -15.86 23.36
C THR E 7 25.67 -15.04 23.19
N ALA E 8 25.54 -14.42 22.02
CA ALA E 8 24.39 -13.56 21.72
C ALA E 8 23.09 -14.35 21.68
N THR E 9 23.15 -15.65 21.98
CA THR E 9 21.99 -16.52 21.89
C THR E 9 20.87 -16.06 22.82
N TYR E 10 21.20 -15.78 24.07
CA TYR E 10 20.19 -15.35 25.03
C TYR E 10 19.52 -14.06 24.58
N LEU E 11 20.33 -13.03 24.31
CA LEU E 11 19.80 -11.73 23.90
C LEU E 11 18.94 -11.85 22.63
N LYS E 12 19.33 -12.72 21.72
CA LYS E 12 18.56 -12.90 20.49
C LYS E 12 17.16 -13.36 20.83
N SER E 13 17.05 -14.27 21.79
CA SER E 13 15.76 -14.77 22.22
C SER E 13 14.93 -13.67 22.89
N ILE E 14 15.60 -12.84 23.68
CA ILE E 14 14.92 -11.72 24.34
C ILE E 14 14.33 -10.74 23.34
N MET E 15 15.11 -10.41 22.31
CA MET E 15 14.74 -9.40 21.33
C MET E 15 13.85 -9.93 20.20
N LEU E 16 14.12 -11.14 19.76
CA LEU E 16 13.34 -11.76 18.70
C LEU E 16 12.75 -13.07 19.19
N PRO E 17 11.73 -13.01 20.05
CA PRO E 17 11.12 -14.22 20.61
C PRO E 17 10.59 -15.17 19.53
N GLU E 18 10.20 -14.62 18.38
CA GLU E 18 9.69 -15.43 17.27
C GLU E 18 10.74 -16.48 16.90
N THR E 19 12.01 -16.10 17.06
CA THR E 19 13.15 -16.95 16.76
C THR E 19 13.06 -18.31 17.42
N GLY E 20 12.66 -18.29 18.68
CA GLY E 20 12.63 -19.51 19.49
C GLY E 20 13.39 -19.30 20.77
N PRO E 21 13.37 -20.32 21.65
CA PRO E 21 13.91 -20.30 23.01
C PRO E 21 15.42 -20.44 23.09
N ALA E 22 16.00 -19.85 24.13
CA ALA E 22 17.39 -20.07 24.48
C ALA E 22 17.47 -20.19 25.99
N SER E 23 18.16 -21.21 26.50
CA SER E 23 18.26 -21.39 27.94
C SER E 23 18.78 -20.10 28.58
N ILE E 24 18.30 -19.77 29.76
CA ILE E 24 18.75 -18.57 30.46
C ILE E 24 20.08 -18.82 31.16
N PRO E 25 21.11 -18.04 30.76
CA PRO E 25 22.51 -18.23 31.14
C PRO E 25 22.84 -17.71 32.53
N ASP E 26 21.99 -17.98 33.50
CA ASP E 26 22.26 -17.52 34.85
C ASP E 26 22.57 -18.66 35.83
N ASP E 27 22.39 -18.39 37.12
CA ASP E 27 22.84 -19.28 38.17
C ASP E 27 21.84 -20.38 38.51
N ILE E 28 20.66 -20.32 37.89
CA ILE E 28 19.60 -21.30 38.16
C ILE E 28 19.58 -22.39 37.08
N THR E 29 20.69 -23.10 36.98
CA THR E 29 20.83 -24.16 35.99
C THR E 29 20.28 -25.49 36.50
N GLU E 30 18.99 -25.71 36.24
CA GLU E 30 18.38 -27.01 36.51
C GLU E 30 18.22 -27.72 35.18
N ARG E 31 18.11 -29.05 35.21
CA ARG E 31 17.83 -29.81 34.00
C ARG E 31 16.45 -29.46 33.48
N HIS E 32 16.35 -29.07 32.21
CA HIS E 32 15.06 -28.60 31.68
C HIS E 32 14.78 -28.89 30.20
N ILE E 33 13.68 -28.31 29.73
CA ILE E 33 13.20 -28.43 28.36
C ILE E 33 13.03 -27.02 27.82
N LEU E 34 13.14 -26.85 26.51
CA LEU E 34 12.87 -25.55 25.89
C LEU E 34 11.66 -25.66 24.97
N LYS E 35 10.68 -24.79 25.15
CA LYS E 35 9.47 -24.88 24.35
C LYS E 35 8.94 -23.51 23.97
N GLN E 36 8.47 -23.38 22.73
CA GLN E 36 7.87 -22.14 22.28
C GLN E 36 6.36 -22.29 22.24
N GLU E 37 5.66 -21.20 22.56
CA GLU E 37 4.21 -21.22 22.63
C GLU E 37 3.61 -20.11 21.78
N THR E 38 2.64 -20.46 20.95
CA THR E 38 1.98 -19.48 20.10
C THR E 38 0.55 -19.22 20.55
N SER E 39 0.22 -17.94 20.70
CA SER E 39 -1.10 -17.53 21.13
C SER E 39 -1.74 -16.71 20.02
N SER E 40 -2.96 -17.06 19.63
CA SER E 40 -3.64 -16.36 18.56
C SER E 40 -4.99 -15.84 19.04
N TYR E 41 -5.23 -14.54 18.87
CA TYR E 41 -6.47 -13.93 19.35
C TYR E 41 -7.07 -12.93 18.38
N ASN E 42 -8.27 -13.22 17.91
CA ASN E 42 -9.02 -12.28 17.07
C ASN E 42 -10.17 -11.66 17.87
N LEU E 43 -9.95 -10.46 18.38
CA LEU E 43 -10.92 -9.81 19.27
C LEU E 43 -11.89 -8.93 18.49
N GLU E 44 -13.14 -8.90 18.94
CA GLU E 44 -14.14 -8.03 18.31
C GLU E 44 -14.30 -6.73 19.07
N VAL E 45 -14.40 -5.64 18.31
CA VAL E 45 -14.53 -4.31 18.90
C VAL E 45 -16.00 -3.97 19.11
N SER E 46 -16.33 -3.36 20.25
CA SER E 46 -17.70 -2.99 20.56
C SER E 46 -18.11 -1.73 19.80
N GLU E 47 -19.35 -1.28 20.00
CA GLU E 47 -19.85 -0.09 19.30
C GLU E 47 -18.97 1.11 19.57
N SER E 48 -18.42 1.19 20.77
CA SER E 48 -17.63 2.34 21.19
C SER E 48 -16.28 2.45 20.50
N GLY E 49 -15.85 1.37 19.86
CA GLY E 49 -14.56 1.35 19.18
C GLY E 49 -13.40 1.55 20.14
N SER E 50 -13.68 1.40 21.43
CA SER E 50 -12.66 1.55 22.46
C SER E 50 -12.44 0.25 23.22
N GLY E 51 -11.29 0.16 23.88
CA GLY E 51 -10.95 -1.00 24.68
C GLY E 51 -9.55 -0.89 25.27
N VAL E 52 -9.26 -1.75 26.25
CA VAL E 52 -7.95 -1.80 26.86
C VAL E 52 -7.38 -3.21 26.81
N LEU E 53 -6.11 -3.32 26.44
CA LEU E 53 -5.44 -4.61 26.40
C LEU E 53 -4.41 -4.65 27.52
N VAL E 54 -4.53 -5.65 28.39
CA VAL E 54 -3.64 -5.75 29.53
C VAL E 54 -2.71 -6.94 29.37
N CYS E 55 -1.42 -6.68 29.21
CA CYS E 55 -0.44 -7.76 29.07
C CYS E 55 0.32 -7.98 30.37
N PHE E 56 0.70 -9.22 30.62
CA PHE E 56 1.56 -9.56 31.75
C PHE E 56 2.84 -10.12 31.16
N PRO E 57 3.60 -9.29 30.44
CA PRO E 57 4.71 -9.75 29.61
C PRO E 57 5.67 -10.69 30.31
N GLY E 58 5.75 -10.66 31.64
CA GLY E 58 6.72 -11.47 32.36
C GLY E 58 6.19 -12.73 33.00
N ALA E 59 4.90 -13.00 32.78
CA ALA E 59 4.19 -14.09 33.46
C ALA E 59 4.63 -15.47 32.98
N PRO E 60 5.02 -16.34 33.94
CA PRO E 60 5.42 -17.72 33.68
C PRO E 60 4.22 -18.58 33.35
N GLY E 61 3.05 -18.19 33.86
CA GLY E 61 1.85 -18.96 33.64
C GLY E 61 1.47 -19.06 32.17
N SER E 62 0.26 -19.55 31.92
CA SER E 62 -0.28 -19.58 30.58
C SER E 62 -1.39 -18.54 30.43
N ARG E 63 -1.57 -17.72 31.45
CA ARG E 63 -2.42 -16.53 31.37
C ARG E 63 -1.54 -15.30 31.16
N ILE E 64 -1.49 -14.81 29.93
CA ILE E 64 -0.53 -13.77 29.58
C ILE E 64 -1.18 -12.41 29.32
N GLY E 65 -2.50 -12.34 29.37
CA GLY E 65 -3.18 -11.09 29.11
C GLY E 65 -4.62 -11.03 29.55
N ALA E 66 -5.30 -9.95 29.17
CA ALA E 66 -6.71 -9.78 29.51
C ALA E 66 -7.26 -8.66 28.64
N HIS E 67 -8.44 -8.86 28.07
CA HIS E 67 -9.04 -7.86 27.19
C HIS E 67 -10.26 -7.22 27.84
N TYR E 68 -10.29 -5.89 27.83
CA TYR E 68 -11.44 -5.16 28.34
C TYR E 68 -12.05 -4.31 27.21
N ARG E 69 -13.35 -4.04 27.30
CA ARG E 69 -14.03 -3.19 26.33
C ARG E 69 -14.69 -2.02 27.01
N TRP E 70 -14.80 -0.90 26.31
CA TRP E 70 -15.57 0.22 26.83
C TRP E 70 -17.02 0.07 26.37
N ASN E 71 -17.97 0.24 27.29
CA ASN E 71 -19.36 0.25 26.88
C ASN E 71 -19.63 1.49 26.04
N ALA E 72 -20.60 1.40 25.14
CA ALA E 72 -20.84 2.48 24.17
C ALA E 72 -20.83 3.88 24.80
N ASN E 73 -21.05 3.95 26.10
CA ASN E 73 -21.17 5.22 26.78
C ASN E 73 -19.85 5.74 27.37
N GLN E 74 -18.78 4.97 27.21
CA GLN E 74 -17.48 5.32 27.77
C GLN E 74 -17.59 5.52 29.28
N THR E 75 -18.54 4.81 29.90
CA THR E 75 -18.81 4.92 31.32
C THR E 75 -17.87 4.03 32.14
N GLY E 76 -17.74 2.79 31.72
CA GLY E 76 -16.89 1.82 32.39
C GLY E 76 -16.41 0.75 31.45
N LEU E 77 -15.73 -0.25 32.00
CA LEU E 77 -15.17 -1.32 31.20
C LEU E 77 -15.99 -2.60 31.34
N GLU E 78 -15.94 -3.45 30.32
CA GLU E 78 -16.61 -4.74 30.36
C GLU E 78 -15.59 -5.82 30.03
N PHE E 79 -15.31 -6.67 31.00
CA PHE E 79 -14.33 -7.74 30.81
C PHE E 79 -14.77 -8.68 29.69
N ASP E 80 -13.83 -8.99 28.79
CA ASP E 80 -14.12 -9.89 27.68
C ASP E 80 -13.63 -11.31 27.99
N GLN E 81 -12.32 -11.46 28.09
CA GLN E 81 -11.71 -12.78 28.27
C GLN E 81 -10.25 -12.68 28.68
N TRP E 82 -9.73 -13.78 29.21
CA TRP E 82 -8.30 -13.88 29.44
C TRP E 82 -7.60 -14.08 28.11
N LEU E 83 -6.35 -13.64 28.04
CA LEU E 83 -5.49 -14.00 26.93
C LEU E 83 -4.54 -15.10 27.38
N GLU E 84 -4.81 -16.32 26.93
CA GLU E 84 -4.03 -17.47 27.36
C GLU E 84 -3.21 -18.06 26.22
N THR E 85 -2.52 -19.15 26.51
CA THR E 85 -1.72 -19.82 25.51
C THR E 85 -2.56 -20.90 24.85
N SER E 86 -2.32 -21.12 23.56
CA SER E 86 -3.02 -22.17 22.84
C SER E 86 -3.01 -23.45 23.67
N GLN E 87 -1.88 -23.71 24.31
CA GLN E 87 -1.66 -24.94 25.03
C GLN E 87 -1.72 -24.67 26.53
N ASP E 88 -2.42 -25.53 27.27
CA ASP E 88 -2.44 -25.46 28.73
C ASP E 88 -1.19 -26.16 29.26
N LEU E 89 -0.22 -25.37 29.68
CA LEU E 89 1.09 -25.91 30.02
C LEU E 89 1.06 -26.84 31.23
N LYS E 90 0.14 -26.60 32.14
CA LYS E 90 0.11 -27.36 33.39
C LYS E 90 -0.32 -28.81 33.22
N LYS E 91 -0.69 -29.17 31.99
CA LYS E 91 -1.10 -30.54 31.69
C LYS E 91 0.10 -31.37 31.28
N ALA E 92 1.20 -30.69 30.96
CA ALA E 92 2.40 -31.37 30.47
C ALA E 92 3.64 -31.05 31.30
N PHE E 93 3.62 -29.94 32.04
CA PHE E 93 4.79 -29.54 32.80
C PHE E 93 4.44 -29.07 34.21
N ASN E 94 5.34 -29.30 35.16
CA ASN E 94 5.10 -28.92 36.54
C ASN E 94 5.80 -27.62 36.95
N TYR E 95 6.89 -27.30 36.26
CA TYR E 95 7.67 -26.11 36.61
C TYR E 95 8.08 -25.31 35.39
N GLY E 96 8.20 -23.98 35.54
CA GLY E 96 8.60 -23.13 34.43
C GLY E 96 9.12 -21.73 34.75
N ARG E 97 10.05 -21.23 33.93
CA ARG E 97 10.45 -19.84 33.96
C ARG E 97 10.16 -19.27 32.59
N LEU E 98 9.98 -17.97 32.49
CA LEU E 98 9.75 -17.35 31.19
C LEU E 98 11.04 -16.78 30.63
N ILE E 99 11.44 -17.26 29.46
CA ILE E 99 12.66 -16.78 28.81
C ILE E 99 12.45 -15.44 28.13
N SER E 100 11.45 -15.38 27.25
CA SER E 100 11.15 -14.16 26.50
C SER E 100 9.77 -14.22 25.86
N ARG E 101 9.16 -13.07 25.63
CA ARG E 101 7.81 -13.03 25.09
C ARG E 101 7.60 -11.79 24.23
N LYS E 102 6.60 -11.84 23.35
CA LYS E 102 6.32 -10.73 22.46
C LYS E 102 4.88 -10.77 21.96
N TYR E 103 4.16 -9.66 22.12
CA TYR E 103 2.83 -9.51 21.56
C TYR E 103 2.87 -8.67 20.29
N ASP E 104 2.14 -9.08 19.27
CA ASP E 104 2.02 -8.28 18.05
C ASP E 104 0.57 -7.89 17.90
N ILE E 105 0.29 -6.59 18.01
CA ILE E 105 -1.07 -6.09 17.99
C ILE E 105 -1.36 -5.16 16.82
N GLN E 106 -2.32 -5.55 15.98
CA GLN E 106 -2.77 -4.71 14.87
C GLN E 106 -4.17 -5.11 14.44
N SER E 107 -4.68 -4.44 13.41
CA SER E 107 -6.00 -4.79 12.86
C SER E 107 -5.86 -5.65 11.61
N SER E 108 -6.62 -6.72 11.56
CA SER E 108 -6.62 -7.59 10.39
C SER E 108 -7.84 -7.34 9.52
N THR E 109 -8.29 -6.08 9.50
CA THR E 109 -9.36 -5.65 8.61
C THR E 109 -8.82 -4.60 7.65
N ASN E 118 -9.18 2.67 10.14
CA ASN E 118 -9.55 3.75 11.05
C ASN E 118 -9.40 3.37 12.55
N GLY E 119 -8.43 3.99 13.23
CA GLY E 119 -8.22 3.74 14.66
C GLY E 119 -6.78 3.93 15.11
N THR E 120 -6.59 4.25 16.38
CA THR E 120 -5.25 4.46 16.94
C THR E 120 -4.96 3.63 18.20
N LEU E 121 -3.70 3.64 18.63
CA LEU E 121 -3.26 2.86 19.79
C LEU E 121 -2.33 3.64 20.73
N ASN E 122 -2.62 3.57 22.03
CA ASN E 122 -1.71 4.05 23.07
C ASN E 122 -1.17 2.88 23.88
N ALA E 123 0.13 2.89 24.15
CA ALA E 123 0.73 1.78 24.87
C ALA E 123 1.82 2.23 25.83
N ALA E 124 1.77 1.71 27.05
CA ALA E 124 2.75 2.05 28.07
C ALA E 124 3.00 0.88 29.04
N THR E 125 4.25 0.71 29.42
CA THR E 125 4.63 -0.33 30.36
C THR E 125 4.70 0.24 31.76
N PHE E 126 3.74 -0.14 32.60
CA PHE E 126 3.63 0.32 33.97
C PHE E 126 4.43 -0.62 34.86
N GLU E 127 5.23 -0.05 35.76
CA GLU E 127 6.13 -0.88 36.57
C GLU E 127 5.51 -1.27 37.91
N GLY E 128 4.23 -1.62 37.90
CA GLY E 128 3.52 -2.05 39.08
C GLY E 128 2.37 -2.99 38.70
N SER E 129 1.51 -3.30 39.66
CA SER E 129 0.41 -4.23 39.43
C SER E 129 -0.75 -3.53 38.73
N LEU E 130 -1.68 -4.32 38.20
CA LEU E 130 -2.86 -3.76 37.50
C LEU E 130 -3.72 -2.85 38.37
N SER E 131 -3.89 -3.21 39.64
CA SER E 131 -4.73 -2.44 40.54
C SER E 131 -4.06 -1.14 40.96
N GLU E 132 -2.75 -1.06 40.78
CA GLU E 132 -2.01 0.12 41.21
C GLU E 132 -2.08 1.24 40.19
N VAL E 133 -2.80 1.00 39.10
CA VAL E 133 -3.03 2.01 38.05
C VAL E 133 -4.14 2.98 38.46
N GLU E 134 -3.86 4.28 38.39
CA GLU E 134 -4.83 5.29 38.80
C GLU E 134 -6.01 5.37 37.84
N SER E 135 -5.72 5.49 36.55
CA SER E 135 -6.77 5.62 35.54
C SER E 135 -6.43 4.79 34.30
N LEU E 136 -7.47 4.33 33.60
CA LEU E 136 -7.29 3.57 32.36
C LEU E 136 -7.78 4.31 31.12
N THR E 137 -7.93 5.62 31.23
CA THR E 137 -8.25 6.46 30.07
C THR E 137 -7.24 6.18 28.97
N TYR E 138 -7.68 6.24 27.73
CA TYR E 138 -6.78 6.09 26.60
C TYR E 138 -5.62 7.06 26.73
N ASN E 139 -5.91 8.29 27.17
CA ASN E 139 -4.90 9.34 27.26
C ASN E 139 -4.04 9.26 28.51
N SER E 140 -4.58 8.64 29.56
CA SER E 140 -3.89 8.59 30.85
C SER E 140 -2.81 7.51 30.92
N LEU E 141 -2.76 6.65 29.91
CA LEU E 141 -1.71 5.63 29.84
C LEU E 141 -0.35 6.29 29.75
N MET E 142 -0.28 7.43 29.09
CA MET E 142 0.98 8.11 28.79
C MET E 142 1.71 8.62 30.03
N SER E 143 1.03 8.61 31.17
CA SER E 143 1.63 9.08 32.41
C SER E 143 1.77 7.94 33.42
N LEU E 144 1.84 6.71 32.91
CA LEU E 144 2.11 5.55 33.74
C LEU E 144 3.61 5.35 33.91
N THR E 145 4.39 5.97 33.03
CA THR E 145 5.84 5.88 33.08
C THR E 145 6.45 7.07 32.37
N THR E 146 7.67 7.44 32.75
CA THR E 146 8.36 8.56 32.09
C THR E 146 9.38 8.06 31.08
N ASN E 147 9.94 6.87 31.33
CA ASN E 147 10.89 6.28 30.41
C ASN E 147 10.38 6.36 28.98
N PRO E 148 11.03 7.17 28.13
CA PRO E 148 10.55 7.33 26.76
C PRO E 148 10.36 5.99 26.05
N GLN E 149 11.26 5.03 26.26
CA GLN E 149 11.17 3.75 25.56
C GLN E 149 10.27 2.73 26.25
N ASP E 150 9.36 3.21 27.09
CA ASP E 150 8.39 2.34 27.75
C ASP E 150 6.98 2.75 27.37
N LYS E 151 6.85 3.64 26.40
CA LYS E 151 5.55 4.05 25.91
C LYS E 151 5.56 4.44 24.42
N VAL E 152 4.38 4.42 23.83
CA VAL E 152 4.18 4.76 22.42
C VAL E 152 2.81 5.40 22.30
N ASN E 153 2.73 6.58 21.69
CA ASN E 153 1.46 7.30 21.58
C ASN E 153 0.93 7.46 20.15
N ASN E 154 -0.39 7.39 20.01
CA ASN E 154 -1.07 7.55 18.72
C ASN E 154 -0.41 6.82 17.58
N GLN E 155 -0.28 5.50 17.72
CA GLN E 155 0.18 4.67 16.62
C GLN E 155 -1.03 4.11 15.88
N LEU E 156 -1.03 4.22 14.55
CA LEU E 156 -2.15 3.75 13.75
C LEU E 156 -2.35 2.26 13.96
N VAL E 157 -3.59 1.84 14.16
CA VAL E 157 -3.89 0.43 14.38
C VAL E 157 -3.47 -0.41 13.19
N THR E 158 -3.45 0.23 12.01
CA THR E 158 -3.01 -0.46 10.79
C THR E 158 -1.54 -0.83 10.88
N LYS E 159 -0.71 0.10 11.32
CA LYS E 159 0.73 -0.10 11.42
C LYS E 159 1.11 -1.05 12.54
N GLY E 160 0.38 -0.96 13.65
CA GLY E 160 0.53 -1.91 14.74
C GLY E 160 1.50 -1.52 15.83
N VAL E 161 1.30 -2.10 17.01
CA VAL E 161 2.20 -1.91 18.15
C VAL E 161 2.76 -3.26 18.58
N THR E 162 4.05 -3.31 18.87
CA THR E 162 4.67 -4.54 19.35
C THR E 162 5.05 -4.43 20.83
N VAL E 163 4.70 -5.44 21.62
CA VAL E 163 5.02 -5.46 23.04
C VAL E 163 6.10 -6.49 23.31
N LEU E 164 7.28 -6.02 23.69
CA LEU E 164 8.41 -6.90 23.97
C LEU E 164 8.62 -6.98 25.47
N ASN E 165 8.93 -8.17 25.97
CA ASN E 165 9.26 -8.27 27.39
C ASN E 165 10.75 -8.15 27.60
N LEU E 166 11.15 -7.06 28.23
CA LEU E 166 12.53 -6.88 28.66
C LEU E 166 12.67 -7.43 30.09
N PRO E 167 13.60 -8.38 30.28
CA PRO E 167 13.76 -9.10 31.55
C PRO E 167 13.61 -8.14 32.71
N THR E 168 12.75 -8.49 33.65
CA THR E 168 12.64 -7.73 34.87
C THR E 168 13.41 -8.47 35.98
N GLY E 169 14.72 -8.60 35.77
CA GLY E 169 15.58 -9.31 36.70
C GLY E 169 15.89 -10.70 36.20
N PHE E 170 17.08 -11.19 36.52
CA PHE E 170 17.46 -12.57 36.19
C PHE E 170 17.47 -13.43 37.45
N ASP E 171 17.98 -14.65 37.34
CA ASP E 171 18.05 -15.55 38.49
C ASP E 171 16.69 -15.76 39.16
N LYS E 172 15.62 -15.69 38.38
CA LYS E 172 14.29 -15.94 38.93
C LYS E 172 14.01 -17.43 38.96
N PRO E 173 13.29 -17.89 39.98
CA PRO E 173 13.15 -19.32 40.28
C PRO E 173 12.09 -19.99 39.42
N TYR E 174 12.22 -21.30 39.24
CA TYR E 174 11.20 -22.07 38.57
C TYR E 174 9.96 -22.00 39.43
N VAL E 175 8.89 -21.44 38.88
CA VAL E 175 7.61 -21.40 39.55
C VAL E 175 6.91 -22.72 39.30
N ARG E 176 6.07 -23.17 40.23
CA ARG E 176 5.25 -24.35 40.00
C ARG E 176 3.99 -23.95 39.23
N LEU E 177 3.84 -24.48 38.02
CA LEU E 177 2.59 -24.32 37.28
C LEU E 177 1.58 -25.10 38.10
N GLU E 178 0.29 -24.91 37.90
CA GLU E 178 -0.65 -25.54 38.83
C GLU E 178 -1.25 -26.84 38.34
N ASP E 179 -0.45 -27.89 38.34
CA ASP E 179 -0.87 -29.18 37.81
C ASP E 179 -1.81 -29.92 38.74
N GLU E 180 -2.59 -30.84 38.19
CA GLU E 180 -3.49 -31.67 38.97
C GLU E 180 -2.78 -32.95 39.38
N THR E 181 -3.03 -33.42 40.59
CA THR E 181 -2.34 -34.60 41.11
C THR E 181 -3.12 -35.87 40.85
N PRO E 182 -2.41 -37.01 40.75
CA PRO E 182 -3.03 -38.33 40.70
C PRO E 182 -4.05 -38.49 41.82
N GLN E 183 -5.20 -39.09 41.51
CA GLN E 183 -6.25 -39.25 42.49
C GLN E 183 -6.52 -40.71 42.82
N GLY E 184 -7.35 -40.92 43.83
CA GLY E 184 -7.94 -42.22 44.08
C GLY E 184 -9.31 -42.22 43.45
N LEU E 185 -9.90 -43.39 43.26
CA LEU E 185 -11.19 -43.46 42.59
C LEU E 185 -12.36 -43.12 43.50
N GLN E 186 -12.19 -43.34 44.80
CA GLN E 186 -13.26 -43.11 45.77
C GLN E 186 -13.46 -41.62 46.05
N SER E 187 -12.97 -40.77 45.16
CA SER E 187 -13.07 -39.33 45.35
C SER E 187 -14.39 -38.79 44.85
N MET E 188 -14.82 -37.67 45.43
CA MET E 188 -15.99 -36.94 44.95
C MET E 188 -15.90 -36.75 43.45
N ASN E 189 -17.05 -36.61 42.80
CA ASN E 189 -17.05 -36.28 41.38
C ASN E 189 -16.84 -34.79 41.22
N GLY E 190 -15.73 -34.41 40.61
CA GLY E 190 -15.43 -33.01 40.38
C GLY E 190 -14.36 -32.47 41.32
N ALA E 191 -14.05 -33.24 42.34
CA ALA E 191 -13.02 -32.83 43.30
C ALA E 191 -11.66 -33.26 42.80
N LYS E 192 -10.68 -32.38 42.96
CA LYS E 192 -9.31 -32.65 42.57
C LYS E 192 -8.38 -31.86 43.46
N MET E 193 -7.13 -32.32 43.57
CA MET E 193 -6.14 -31.59 44.34
C MET E 193 -5.01 -31.19 43.42
N ARG E 194 -4.52 -29.96 43.53
CA ARG E 194 -3.40 -29.50 42.70
C ARG E 194 -2.25 -28.92 43.50
N CYS E 195 -1.05 -29.04 42.95
CA CYS E 195 0.15 -28.50 43.57
C CYS E 195 0.32 -27.07 43.09
N THR E 196 -0.11 -26.10 43.90
CA THR E 196 -0.29 -24.73 43.43
C THR E 196 0.91 -23.84 43.57
N ALA E 197 0.76 -22.62 43.06
CA ALA E 197 1.79 -21.59 43.18
C ALA E 197 1.99 -21.30 44.66
N ALA E 198 3.24 -21.37 45.11
CA ALA E 198 3.52 -21.25 46.53
C ALA E 198 4.63 -20.27 46.83
N ILE E 199 5.65 -20.27 45.98
CA ILE E 199 6.88 -19.52 46.19
C ILE E 199 6.71 -17.99 46.22
N ALA E 200 7.40 -17.33 47.14
CA ALA E 200 7.45 -15.87 47.18
C ALA E 200 6.09 -15.21 46.90
N PRO E 201 5.17 -15.31 47.86
CA PRO E 201 3.80 -14.82 47.72
C PRO E 201 3.70 -13.31 47.91
N ARG E 202 2.61 -12.72 47.40
CA ARG E 202 2.28 -11.32 47.69
C ARG E 202 1.18 -11.32 48.73
N ARG E 203 1.36 -10.55 49.79
CA ARG E 203 0.43 -10.60 50.91
C ARG E 203 -0.13 -9.24 51.25
N TYR E 204 -1.44 -9.09 51.10
CA TYR E 204 -2.15 -7.88 51.49
C TYR E 204 -2.80 -8.10 52.86
N GLU E 205 -2.92 -7.06 53.68
CA GLU E 205 -3.63 -7.18 54.94
C GLU E 205 -4.53 -5.98 55.19
N ILE E 206 -5.71 -6.26 55.75
CA ILE E 206 -6.71 -5.24 56.04
C ILE E 206 -6.72 -4.96 57.53
N ASP E 207 -6.38 -3.73 57.92
CA ASP E 207 -6.22 -3.41 59.33
C ASP E 207 -7.36 -2.54 59.86
N LEU E 208 -8.23 -3.16 60.65
CA LEU E 208 -9.34 -2.45 61.28
C LEU E 208 -8.94 -1.91 62.64
N PRO E 209 -9.29 -0.65 62.90
CA PRO E 209 -8.94 0.08 64.13
C PRO E 209 -9.56 -0.61 65.34
N SER E 210 -8.98 -0.45 66.51
CA SER E 210 -9.55 -1.04 67.71
C SER E 210 -10.70 -0.19 68.23
N GLN E 211 -11.65 0.12 67.34
CA GLN E 211 -12.85 0.87 67.72
C GLN E 211 -14.11 0.20 67.22
N ARG E 212 -15.22 0.93 67.25
CA ARG E 212 -16.52 0.30 67.01
C ARG E 212 -16.89 0.15 65.53
N LEU E 213 -17.53 -0.97 65.20
CA LEU E 213 -18.05 -1.19 63.85
C LEU E 213 -19.12 -0.16 63.54
N PRO E 214 -19.07 0.44 62.34
CA PRO E 214 -20.15 1.32 61.91
C PRO E 214 -21.49 0.58 61.99
N PRO E 215 -22.57 1.28 62.37
CA PRO E 215 -23.87 0.67 62.64
C PRO E 215 -24.64 0.33 61.37
N VAL E 216 -25.26 -0.83 61.34
CA VAL E 216 -26.07 -1.23 60.21
C VAL E 216 -27.31 -0.34 60.10
N PRO E 217 -27.64 0.10 58.88
CA PRO E 217 -28.88 0.86 58.64
C PRO E 217 -30.12 0.01 58.89
N ALA E 218 -30.00 -1.31 58.68
CA ALA E 218 -31.12 -2.21 58.87
C ALA E 218 -30.67 -3.67 58.96
N THR E 219 -31.60 -4.53 59.37
CA THR E 219 -31.31 -5.96 59.51
C THR E 219 -31.12 -6.62 58.16
N GLY E 220 -30.11 -7.47 58.06
CA GLY E 220 -29.86 -8.22 56.83
C GLY E 220 -29.29 -7.37 55.72
N THR E 221 -28.90 -6.15 56.05
CA THR E 221 -28.28 -5.24 55.09
C THR E 221 -26.76 -5.18 55.28
N LEU E 222 -26.01 -5.19 54.18
CA LEU E 222 -24.55 -5.18 54.22
C LEU E 222 -23.95 -3.80 54.40
N THR E 223 -23.19 -3.62 55.48
CA THR E 223 -22.50 -2.36 55.74
C THR E 223 -21.01 -2.53 55.54
N THR E 224 -20.42 -1.74 54.65
CA THR E 224 -19.01 -1.92 54.32
C THR E 224 -18.07 -1.38 55.40
N LEU E 225 -16.96 -2.09 55.64
CA LEU E 225 -15.98 -1.68 56.62
C LEU E 225 -14.70 -1.17 55.95
N TYR E 226 -14.29 -1.86 54.88
CA TYR E 226 -13.14 -1.44 54.07
C TYR E 226 -13.30 -1.79 52.60
N GLU E 227 -12.90 -0.85 51.74
CA GLU E 227 -12.79 -1.11 50.31
C GLU E 227 -11.49 -0.51 49.84
N GLY E 228 -10.78 -1.22 48.98
CA GLY E 228 -9.48 -0.75 48.51
C GLY E 228 -8.95 -1.58 47.36
N ASN E 229 -7.78 -1.22 46.87
CA ASN E 229 -7.16 -1.90 45.74
C ASN E 229 -6.20 -3.03 46.15
N ALA E 230 -6.25 -4.13 45.41
CA ALA E 230 -5.37 -5.27 45.66
C ALA E 230 -5.40 -6.21 44.47
N ASP E 231 -4.30 -6.90 44.23
CA ASP E 231 -4.17 -7.74 43.05
C ASP E 231 -4.08 -9.22 43.37
N ILE E 232 -5.11 -9.95 42.99
CA ILE E 232 -5.07 -11.41 43.04
C ILE E 232 -5.24 -11.95 41.63
N VAL E 233 -4.45 -12.96 41.30
CA VAL E 233 -4.49 -13.48 39.94
C VAL E 233 -4.45 -15.01 39.91
N ASN E 234 -4.03 -15.61 41.02
CA ASN E 234 -4.10 -17.06 41.19
C ASN E 234 -4.45 -17.46 42.61
N SER E 235 -4.27 -18.73 42.94
CA SER E 235 -4.73 -19.27 44.23
C SER E 235 -4.33 -18.40 45.42
N THR E 236 -5.28 -18.17 46.31
CA THR E 236 -5.07 -17.31 47.48
C THR E 236 -5.44 -18.00 48.79
N THR E 237 -4.79 -17.59 49.88
CA THR E 237 -5.12 -18.12 51.19
C THR E 237 -5.43 -16.98 52.13
N VAL E 238 -6.61 -17.02 52.75
CA VAL E 238 -7.02 -15.99 53.68
C VAL E 238 -6.87 -16.45 55.13
N THR E 239 -6.18 -15.64 55.93
CA THR E 239 -6.04 -15.89 57.36
C THR E 239 -6.36 -14.61 58.13
N GLY E 240 -7.20 -14.71 59.15
CA GLY E 240 -7.59 -13.53 59.91
C GLY E 240 -8.46 -13.83 61.10
N ASP E 241 -8.70 -12.81 61.91
CA ASP E 241 -9.55 -12.95 63.09
C ASP E 241 -10.23 -11.63 63.34
N ILE E 242 -11.36 -11.40 62.66
CA ILE E 242 -12.16 -10.21 62.93
C ILE E 242 -12.94 -10.43 64.21
N ASN E 243 -12.41 -9.92 65.32
CA ASN E 243 -13.00 -10.11 66.63
C ASN E 243 -13.60 -8.81 67.13
N PHE E 244 -14.48 -8.91 68.12
CA PHE E 244 -15.12 -7.74 68.69
C PHE E 244 -15.83 -8.11 70.00
N SER E 245 -16.29 -7.09 70.71
CA SER E 245 -17.10 -7.29 71.90
C SER E 245 -18.30 -6.36 71.87
N LEU E 246 -19.46 -6.86 72.28
CA LEU E 246 -20.66 -6.03 72.38
C LEU E 246 -20.72 -5.36 73.75
N ALA E 247 -21.38 -4.21 73.82
CA ALA E 247 -21.46 -3.46 75.07
C ALA E 247 -22.43 -4.09 76.06
N GLU E 248 -23.50 -4.68 75.54
CA GLU E 248 -24.51 -5.29 76.38
C GLU E 248 -24.75 -6.73 75.97
N GLN E 249 -25.18 -7.56 76.91
CA GLN E 249 -25.64 -8.90 76.60
C GLN E 249 -26.70 -8.80 75.51
N PRO E 250 -26.50 -9.52 74.40
CA PRO E 250 -27.45 -9.50 73.28
C PRO E 250 -28.86 -9.90 73.74
N ALA E 251 -29.85 -9.05 73.50
CA ALA E 251 -31.21 -9.37 73.88
C ALA E 251 -31.60 -10.70 73.28
N ASP E 252 -31.28 -10.88 72.00
CA ASP E 252 -31.48 -12.14 71.31
C ASP E 252 -30.16 -12.54 70.68
N GLU E 253 -29.89 -13.83 70.62
CA GLU E 253 -28.70 -14.32 69.94
C GLU E 253 -28.72 -13.87 68.49
N THR E 254 -27.79 -12.99 68.13
CA THR E 254 -27.73 -12.46 66.77
C THR E 254 -26.58 -13.04 65.95
N LYS E 255 -26.80 -13.12 64.63
CA LYS E 255 -25.84 -13.72 63.73
C LYS E 255 -25.08 -12.64 62.97
N PHE E 256 -23.79 -12.51 63.26
CA PHE E 256 -22.91 -11.60 62.52
C PHE E 256 -22.30 -12.29 61.31
N ASP E 257 -22.47 -11.70 60.14
CA ASP E 257 -21.91 -12.23 58.90
C ASP E 257 -20.85 -11.28 58.36
N PHE E 258 -19.69 -11.82 58.02
CA PHE E 258 -18.63 -11.00 57.42
C PHE E 258 -18.31 -11.48 56.00
N GLN E 259 -18.53 -10.60 55.03
CA GLN E 259 -18.31 -10.90 53.63
C GLN E 259 -17.04 -10.26 53.12
N LEU E 260 -16.16 -11.07 52.54
CA LEU E 260 -14.99 -10.56 51.86
C LEU E 260 -15.26 -10.67 50.36
N ASP E 261 -15.33 -9.53 49.67
CA ASP E 261 -15.64 -9.51 48.25
C ASP E 261 -14.43 -9.16 47.40
N PHE E 262 -14.23 -9.92 46.33
CA PHE E 262 -13.16 -9.65 45.39
C PHE E 262 -13.73 -9.25 44.03
N MET E 263 -13.60 -7.98 43.66
CA MET E 263 -14.13 -7.53 42.39
C MET E 263 -13.04 -7.19 41.39
N GLY E 264 -13.41 -7.11 40.12
CA GLY E 264 -12.50 -6.72 39.06
C GLY E 264 -12.52 -5.22 38.77
N LEU E 265 -11.98 -4.83 37.62
CA LEU E 265 -11.96 -3.43 37.20
C LEU E 265 -13.37 -2.87 37.03
N ASP E 266 -14.30 -3.78 36.79
CA ASP E 266 -15.63 -3.42 36.31
C ASP E 266 -16.78 -3.86 37.21
N ASN E 267 -17.88 -3.12 37.11
CA ASN E 267 -19.20 -3.57 37.55
C ASN E 267 -19.41 -4.09 38.99
N ASP E 268 -18.42 -3.93 39.86
CA ASP E 268 -18.62 -4.27 41.28
C ASP E 268 -19.16 -5.68 41.54
N VAL E 269 -19.28 -6.51 40.51
CA VAL E 269 -19.81 -7.85 40.69
C VAL E 269 -18.73 -8.82 41.13
N PRO E 270 -18.84 -9.32 42.37
CA PRO E 270 -17.83 -10.18 42.98
C PRO E 270 -17.34 -11.30 42.05
N VAL E 271 -16.03 -11.38 41.88
CA VAL E 271 -15.40 -12.47 41.14
C VAL E 271 -15.45 -13.70 42.01
N VAL E 272 -15.24 -13.46 43.30
CA VAL E 272 -15.27 -14.51 44.31
C VAL E 272 -15.67 -13.86 45.62
N THR E 273 -16.66 -14.44 46.29
CA THR E 273 -17.05 -13.96 47.62
C THR E 273 -16.77 -15.06 48.63
N VAL E 274 -16.43 -14.66 49.84
CA VAL E 274 -16.20 -15.62 50.90
C VAL E 274 -16.75 -15.07 52.22
N VAL E 275 -17.37 -15.94 53.01
CA VAL E 275 -18.08 -15.50 54.22
C VAL E 275 -17.69 -16.26 55.48
N SER E 276 -17.73 -15.56 56.61
CA SER E 276 -17.51 -16.17 57.90
C SER E 276 -18.47 -15.54 58.90
N SER E 277 -19.18 -16.37 59.68
CA SER E 277 -20.17 -15.86 60.63
C SER E 277 -20.07 -16.47 62.03
N VAL E 278 -20.39 -15.66 63.04
CA VAL E 278 -20.44 -16.13 64.41
C VAL E 278 -21.78 -15.79 65.05
N LEU E 279 -22.16 -16.55 66.07
CA LEU E 279 -23.33 -16.23 66.88
C LEU E 279 -22.92 -15.52 68.15
N ALA E 280 -23.50 -14.35 68.40
CA ALA E 280 -23.23 -13.62 69.62
C ALA E 280 -24.17 -14.08 70.74
N THR E 281 -23.64 -14.85 71.68
CA THR E 281 -24.44 -15.41 72.77
C THR E 281 -24.09 -14.69 74.06
N ASN E 282 -24.83 -14.99 75.13
CA ASN E 282 -24.44 -14.54 76.46
C ASN E 282 -23.05 -15.06 76.75
N ASP E 283 -22.78 -16.25 76.22
CA ASP E 283 -21.55 -16.98 76.54
C ASP E 283 -20.28 -16.27 76.08
N ASN E 284 -20.36 -15.55 74.95
CA ASN E 284 -19.16 -15.04 74.32
C ASN E 284 -19.17 -13.55 73.98
N TYR E 285 -20.24 -12.85 74.34
CA TYR E 285 -20.39 -11.46 73.90
C TYR E 285 -19.22 -10.56 74.31
N ARG E 286 -18.39 -11.02 75.25
CA ARG E 286 -17.23 -10.23 75.66
C ARG E 286 -16.09 -10.35 74.67
N GLY E 287 -16.11 -11.37 73.82
CA GLY E 287 -15.04 -11.61 72.88
C GLY E 287 -15.41 -12.50 71.73
N VAL E 288 -16.38 -12.06 70.93
CA VAL E 288 -16.79 -12.77 69.71
C VAL E 288 -15.68 -12.74 68.65
N SER E 289 -15.38 -13.88 68.05
CA SER E 289 -14.38 -13.87 66.99
C SER E 289 -14.86 -14.59 65.74
N ALA E 290 -14.95 -13.84 64.65
CA ALA E 290 -15.25 -14.41 63.34
C ALA E 290 -13.92 -14.66 62.62
N LYS E 291 -13.63 -15.92 62.35
CA LYS E 291 -12.33 -16.31 61.80
C LYS E 291 -12.34 -16.55 60.29
N MET E 292 -11.37 -15.95 59.61
CA MET E 292 -11.21 -16.16 58.18
C MET E 292 -10.14 -17.24 57.93
N THR E 293 -10.45 -18.22 57.09
CA THR E 293 -9.59 -19.39 56.93
C THR E 293 -9.68 -20.00 55.54
N GLN E 294 -10.35 -19.31 54.63
CA GLN E 294 -10.66 -19.89 53.34
C GLN E 294 -9.45 -19.97 52.42
N SER E 295 -9.46 -20.98 51.54
CA SER E 295 -8.46 -21.10 50.50
C SER E 295 -9.17 -21.04 49.15
N ILE E 296 -9.02 -19.92 48.46
CA ILE E 296 -9.65 -19.68 47.17
C ILE E 296 -8.82 -20.25 46.03
N PRO E 297 -9.29 -21.32 45.37
CA PRO E 297 -8.56 -21.92 44.26
C PRO E 297 -8.53 -20.99 43.05
N THR E 298 -7.72 -21.33 42.05
CA THR E 298 -7.52 -20.47 40.90
C THR E 298 -8.70 -20.48 39.93
N GLU E 299 -9.26 -21.66 39.70
CA GLU E 299 -10.36 -21.79 38.76
C GLU E 299 -11.51 -20.86 39.17
N ASN E 300 -11.42 -20.32 40.37
CA ASN E 300 -12.43 -19.38 40.88
C ASN E 300 -12.18 -17.94 40.43
N ILE E 301 -10.95 -17.63 40.04
CA ILE E 301 -10.59 -16.29 39.58
C ILE E 301 -10.92 -16.15 38.09
N THR E 302 -12.19 -15.90 37.80
CA THR E 302 -12.69 -15.90 36.44
C THR E 302 -12.32 -14.66 35.64
N LYS E 303 -11.80 -13.65 36.32
CA LYS E 303 -11.31 -12.43 35.69
C LYS E 303 -10.38 -11.70 36.66
N PRO E 304 -9.49 -10.83 36.14
CA PRO E 304 -8.53 -10.14 37.00
C PRO E 304 -9.20 -9.43 38.18
N ILE E 305 -8.70 -9.70 39.37
CA ILE E 305 -9.20 -9.07 40.58
C ILE E 305 -8.36 -7.85 40.90
N THR E 306 -8.99 -6.71 41.12
CA THR E 306 -8.24 -5.49 41.38
C THR E 306 -8.68 -4.76 42.64
N ARG E 307 -9.69 -5.29 43.34
CA ARG E 307 -10.09 -4.65 44.59
C ARG E 307 -10.84 -5.56 45.55
N VAL E 308 -10.72 -5.25 46.84
CA VAL E 308 -11.34 -6.02 47.90
C VAL E 308 -12.41 -5.19 48.60
N LYS E 309 -13.35 -5.86 49.24
CA LYS E 309 -14.42 -5.18 49.97
C LYS E 309 -14.85 -6.01 51.17
N LEU E 310 -14.52 -5.52 52.37
CA LEU E 310 -14.91 -6.21 53.59
C LEU E 310 -16.14 -5.54 54.20
N SER E 311 -17.24 -6.28 54.28
CA SER E 311 -18.47 -5.76 54.82
C SER E 311 -19.06 -6.74 55.83
N TYR E 312 -20.02 -6.27 56.63
CA TYR E 312 -20.71 -7.12 57.59
C TYR E 312 -22.19 -6.77 57.67
N LYS E 313 -22.99 -7.73 58.11
CA LYS E 313 -24.43 -7.55 58.25
C LYS E 313 -24.90 -8.33 59.47
N ILE E 314 -25.97 -7.88 60.12
CA ILE E 314 -26.48 -8.62 61.27
C ILE E 314 -27.86 -9.25 61.05
N ASN E 315 -28.52 -9.55 62.16
CA ASN E 315 -29.61 -10.50 62.17
C ASN E 315 -30.80 -10.09 63.01
N GLN E 316 -30.59 -9.12 63.90
CA GLN E 316 -31.62 -8.76 64.88
C GLN E 316 -31.75 -7.26 65.10
N GLN E 317 -32.98 -6.81 65.33
CA GLN E 317 -33.23 -5.42 65.69
C GLN E 317 -32.60 -5.12 67.02
N THR E 318 -32.63 -6.12 67.89
CA THR E 318 -32.14 -5.98 69.26
C THR E 318 -30.62 -5.97 69.30
N ALA E 319 -30.00 -5.61 68.18
CA ALA E 319 -28.54 -5.64 68.06
C ALA E 319 -27.99 -4.36 67.42
N ILE E 320 -28.85 -3.66 66.69
CA ILE E 320 -28.45 -2.48 65.93
C ILE E 320 -27.93 -1.36 66.82
N GLY E 321 -28.40 -1.29 68.06
CA GLY E 321 -27.96 -0.27 69.00
C GLY E 321 -26.89 -0.78 69.93
N ASN E 322 -26.50 -2.03 69.74
CA ASN E 322 -25.51 -2.67 70.58
C ASN E 322 -24.09 -2.43 70.06
N VAL E 323 -23.43 -1.40 70.57
CA VAL E 323 -22.11 -1.00 70.07
C VAL E 323 -21.03 -2.08 70.21
N ALA E 324 -20.52 -2.52 69.06
CA ALA E 324 -19.49 -3.55 69.02
C ALA E 324 -18.11 -2.94 68.82
N THR E 325 -17.25 -3.07 69.82
CA THR E 325 -15.88 -2.56 69.74
C THR E 325 -14.95 -3.66 69.23
N LEU E 326 -13.92 -3.27 68.47
CA LEU E 326 -13.15 -4.23 67.68
C LEU E 326 -11.87 -4.80 68.32
N GLY E 327 -11.14 -4.00 69.06
CA GLY E 327 -9.83 -4.44 69.54
C GLY E 327 -9.79 -5.63 70.50
N THR E 328 -10.94 -6.10 70.95
CA THR E 328 -11.03 -6.95 72.15
C THR E 328 -10.12 -8.18 72.22
N MET E 329 -10.08 -8.98 71.17
CA MET E 329 -9.41 -10.28 71.21
C MET E 329 -7.98 -10.27 70.66
N GLY E 330 -7.50 -9.10 70.26
CA GLY E 330 -6.28 -8.98 69.49
C GLY E 330 -6.63 -8.21 68.24
N PRO E 331 -5.62 -7.75 67.49
CA PRO E 331 -5.91 -6.84 66.38
C PRO E 331 -6.96 -7.40 65.46
N ALA E 332 -7.89 -6.56 65.01
CA ALA E 332 -8.92 -6.97 64.07
C ALA E 332 -8.36 -6.83 62.68
N SER E 333 -7.93 -7.93 62.09
CA SER E 333 -7.19 -7.87 60.83
C SER E 333 -7.40 -9.13 59.99
N VAL E 334 -7.62 -8.95 58.70
CA VAL E 334 -7.72 -10.07 57.78
C VAL E 334 -6.68 -9.93 56.69
N SER E 335 -5.86 -10.97 56.51
CA SER E 335 -4.81 -10.94 55.50
C SER E 335 -5.03 -12.03 54.46
N PHE E 336 -4.50 -11.82 53.25
CA PHE E 336 -4.52 -12.87 52.24
C PHE E 336 -3.21 -12.94 51.47
N SER E 337 -2.76 -14.15 51.17
CA SER E 337 -1.47 -14.36 50.53
C SER E 337 -1.64 -15.20 49.29
N SER E 338 -1.20 -14.67 48.15
CA SER E 338 -1.28 -15.37 46.88
C SER E 338 0.12 -15.85 46.47
N GLY E 339 0.22 -17.11 46.05
CA GLY E 339 1.49 -17.66 45.60
C GLY E 339 2.06 -16.92 44.41
N ASN E 340 3.39 -16.87 44.31
CA ASN E 340 4.11 -16.27 43.18
C ASN E 340 3.89 -14.77 43.00
N GLY E 341 3.02 -14.18 43.83
CA GLY E 341 2.66 -12.78 43.68
C GLY E 341 3.84 -11.84 43.55
N ASN E 342 4.88 -12.08 44.34
CA ASN E 342 6.04 -11.20 44.34
C ASN E 342 7.21 -11.68 43.50
N VAL E 343 6.98 -12.74 42.74
CA VAL E 343 7.92 -13.15 41.70
C VAL E 343 7.81 -12.13 40.57
N PRO E 344 8.95 -11.50 40.21
CA PRO E 344 8.91 -10.47 39.17
C PRO E 344 8.39 -11.01 37.85
N GLY E 345 7.38 -10.37 37.30
CA GLY E 345 6.79 -10.82 36.06
C GLY E 345 5.35 -11.29 36.23
N VAL E 346 5.03 -11.80 37.42
CA VAL E 346 3.72 -12.40 37.68
C VAL E 346 2.62 -11.37 37.83
N LEU E 347 2.88 -10.32 38.60
CA LEU E 347 1.90 -9.25 38.77
C LEU E 347 2.49 -7.93 38.33
N ARG E 348 3.81 -7.87 38.29
CA ARG E 348 4.55 -6.66 37.96
C ARG E 348 5.73 -7.06 37.08
N PRO E 349 5.96 -6.32 35.98
CA PRO E 349 5.19 -5.17 35.56
C PRO E 349 4.17 -5.58 34.52
N ILE E 350 3.28 -4.65 34.17
CA ILE E 350 2.28 -4.89 33.15
C ILE E 350 2.48 -3.94 31.98
N THR E 351 1.90 -4.28 30.84
CA THR E 351 1.90 -3.38 29.69
C THR E 351 0.47 -3.15 29.26
N LEU E 352 0.06 -1.88 29.25
CA LEU E 352 -1.28 -1.53 28.83
C LEU E 352 -1.27 -1.04 27.40
N VAL E 353 -2.19 -1.56 26.60
CA VAL E 353 -2.39 -1.09 25.22
C VAL E 353 -3.86 -0.72 25.04
N ALA E 354 -4.14 0.57 24.92
CA ALA E 354 -5.50 1.05 24.74
C ALA E 354 -5.76 1.33 23.27
N TYR E 355 -6.93 0.93 22.78
CA TYR E 355 -7.33 1.22 21.41
C TYR E 355 -8.61 2.03 21.41
N GLU E 356 -8.69 3.01 20.53
CA GLU E 356 -9.90 3.82 20.42
C GLU E 356 -10.18 4.27 18.98
N LYS E 357 -11.43 4.67 18.74
CA LYS E 357 -11.86 5.10 17.42
C LYS E 357 -11.60 4.02 16.38
N MET E 358 -11.93 2.78 16.73
CA MET E 358 -11.89 1.68 15.77
C MET E 358 -13.29 1.42 15.25
N THR E 359 -13.38 1.00 13.98
CA THR E 359 -14.66 0.67 13.38
C THR E 359 -15.31 -0.50 14.11
N PRO E 360 -16.52 -0.28 14.66
CA PRO E 360 -17.23 -1.34 15.39
C PRO E 360 -17.37 -2.61 14.58
N LEU E 361 -17.43 -3.75 15.25
CA LEU E 361 -17.57 -5.06 14.61
C LEU E 361 -16.34 -5.48 13.79
N SER E 362 -15.26 -4.71 13.91
CA SER E 362 -14.00 -5.06 13.26
C SER E 362 -13.17 -5.92 14.20
N ILE E 363 -12.07 -6.47 13.70
CA ILE E 363 -11.25 -7.36 14.50
C ILE E 363 -9.85 -6.81 14.80
N LEU E 364 -9.51 -6.76 16.09
CA LEU E 364 -8.18 -6.39 16.55
C LEU E 364 -7.38 -7.65 16.82
N THR E 365 -6.46 -7.97 15.91
CA THR E 365 -5.73 -9.24 15.99
C THR E 365 -4.48 -9.14 16.88
N VAL E 366 -4.38 -10.06 17.83
CA VAL E 366 -3.24 -10.15 18.73
C VAL E 366 -2.54 -11.50 18.56
N ALA E 367 -1.26 -11.46 18.19
CA ALA E 367 -0.47 -12.68 18.04
C ALA E 367 0.64 -12.70 19.08
N GLY E 368 0.71 -13.79 19.86
CA GLY E 368 1.67 -13.89 20.93
C GLY E 368 2.69 -14.99 20.73
N VAL E 369 3.88 -14.79 21.27
CA VAL E 369 4.92 -15.80 21.24
C VAL E 369 5.61 -15.82 22.59
N SER E 370 5.73 -17.00 23.19
CA SER E 370 6.35 -17.13 24.48
C SER E 370 7.39 -18.25 24.47
N ASN E 371 8.52 -18.04 25.12
CA ASN E 371 9.55 -19.06 25.21
C ASN E 371 9.78 -19.40 26.66
N TYR E 372 9.69 -20.68 27.01
CA TYR E 372 9.82 -21.10 28.40
C TYR E 372 11.02 -22.01 28.62
N GLU E 373 11.40 -22.14 29.89
CA GLU E 373 12.22 -23.26 30.34
C GLU E 373 11.27 -24.07 31.19
N LEU E 374 11.04 -25.33 30.81
CA LEU E 374 10.05 -26.15 31.49
C LEU E 374 10.60 -27.46 32.06
N ILE E 375 9.92 -28.01 33.04
CA ILE E 375 10.27 -29.31 33.58
C ILE E 375 9.12 -30.29 33.36
N PRO E 376 9.30 -31.26 32.46
CA PRO E 376 8.22 -32.15 32.06
C PRO E 376 7.58 -32.87 33.26
N ASN E 377 6.28 -33.12 33.20
CA ASN E 377 5.62 -33.90 34.24
C ASN E 377 5.97 -35.37 34.11
N PRO E 378 5.90 -36.13 35.22
CA PRO E 378 6.45 -37.48 35.29
C PRO E 378 6.05 -38.37 34.11
N GLU E 379 4.91 -38.10 33.49
CA GLU E 379 4.48 -38.86 32.31
C GLU E 379 5.33 -38.54 31.09
N LEU E 380 5.55 -37.24 30.84
CA LEU E 380 6.41 -36.82 29.75
C LEU E 380 7.88 -37.13 30.03
N LEU E 381 8.24 -37.32 31.29
CA LEU E 381 9.60 -37.63 31.65
C LEU E 381 10.04 -38.99 31.09
N LYS E 382 9.07 -39.88 30.89
CA LYS E 382 9.34 -41.22 30.38
C LYS E 382 10.02 -41.17 29.02
N ASN E 383 9.74 -40.11 28.27
CA ASN E 383 10.20 -40.05 26.88
C ASN E 383 11.00 -38.80 26.56
N MET E 384 10.91 -37.79 27.40
CA MET E 384 11.56 -36.52 27.09
C MET E 384 12.87 -36.35 27.85
N VAL E 385 13.93 -36.07 27.11
CA VAL E 385 15.25 -35.86 27.70
C VAL E 385 15.31 -34.49 28.36
N THR E 386 15.95 -34.41 29.53
CA THR E 386 16.19 -33.14 30.17
C THR E 386 17.68 -32.81 30.17
N ARG E 387 18.01 -31.54 29.94
CA ARG E 387 19.40 -31.13 29.80
C ARG E 387 19.72 -29.90 30.62
N TYR E 388 20.95 -29.82 31.10
CA TYR E 388 21.43 -28.57 31.66
C TYR E 388 21.56 -27.57 30.52
N GLY E 389 21.46 -26.28 30.81
CA GLY E 389 21.53 -25.28 29.77
C GLY E 389 22.85 -25.29 29.01
N LYS E 390 22.82 -24.84 27.77
CA LYS E 390 24.05 -24.67 26.99
C LYS E 390 25.03 -23.86 27.80
N TYR E 391 26.32 -24.11 27.61
CA TYR E 391 27.34 -23.35 28.33
C TYR E 391 27.50 -21.95 27.76
N ASP E 392 27.07 -20.94 28.51
CA ASP E 392 27.05 -19.58 28.01
C ASP E 392 27.59 -18.60 29.04
N PRO E 393 28.93 -18.52 29.16
CA PRO E 393 29.61 -17.68 30.17
C PRO E 393 29.36 -16.19 30.00
N GLU E 394 29.35 -15.71 28.76
CA GLU E 394 29.18 -14.28 28.54
C GLU E 394 27.75 -13.91 28.18
N GLY E 395 26.91 -14.92 28.00
CA GLY E 395 25.53 -14.70 27.60
C GLY E 395 24.80 -13.69 28.46
N LEU E 396 24.83 -13.87 29.78
CA LEU E 396 24.09 -13.01 30.68
C LEU E 396 24.67 -11.60 30.74
N ASN E 397 25.99 -11.49 30.77
CA ASN E 397 26.65 -10.18 30.78
C ASN E 397 26.25 -9.36 29.58
N TYR E 398 26.20 -10.01 28.42
CA TYR E 398 25.84 -9.32 27.19
C TYR E 398 24.47 -8.67 27.33
N ALA E 399 23.52 -9.44 27.86
CA ALA E 399 22.17 -8.92 28.10
C ALA E 399 22.16 -7.79 29.12
N LYS E 400 22.89 -7.98 30.22
CA LYS E 400 22.99 -6.96 31.26
C LYS E 400 23.49 -5.65 30.66
N MET E 401 24.39 -5.76 29.69
CA MET E 401 25.02 -4.58 29.09
C MET E 401 24.10 -3.85 28.11
N ILE E 402 23.34 -4.60 27.32
CA ILE E 402 22.45 -3.97 26.36
C ILE E 402 21.30 -3.29 27.10
N LEU E 403 20.75 -3.98 28.09
CA LEU E 403 19.72 -3.39 28.93
C LEU E 403 20.31 -2.21 29.70
N SER E 404 21.62 -2.24 29.90
CA SER E 404 22.33 -1.15 30.56
C SER E 404 22.21 0.13 29.75
N HIS E 405 22.65 0.07 28.50
CA HIS E 405 22.56 1.22 27.61
C HIS E 405 21.25 1.18 26.83
N ARG E 406 20.20 0.76 27.52
CA ARG E 406 18.90 0.61 26.91
C ARG E 406 18.32 1.91 26.38
N GLU E 407 18.75 3.02 26.99
CA GLU E 407 18.22 4.33 26.64
C GLU E 407 19.02 4.99 25.53
N GLU E 408 20.34 4.80 25.57
CA GLU E 408 21.21 5.30 24.51
C GLU E 408 20.79 4.66 23.19
N LEU E 409 20.88 3.34 23.12
CA LEU E 409 20.25 2.57 22.06
C LEU E 409 18.75 2.80 22.22
N ASP E 410 17.92 2.09 21.46
CA ASP E 410 16.48 2.28 21.65
C ASP E 410 15.80 0.95 21.85
N ILE E 411 16.19 0.26 22.91
CA ILE E 411 15.55 -0.99 23.25
C ILE E 411 14.26 -0.69 24.01
N ARG E 412 13.14 -1.25 23.53
CA ARG E 412 11.83 -0.89 24.04
C ARG E 412 11.02 -2.07 24.57
N THR E 413 10.11 -1.79 25.50
CA THR E 413 9.12 -2.77 25.89
C THR E 413 7.87 -2.56 25.04
N VAL E 414 7.75 -1.34 24.51
CA VAL E 414 6.63 -0.98 23.64
C VAL E 414 7.15 -0.34 22.35
N TRP E 415 6.88 -0.99 21.22
CA TRP E 415 7.40 -0.55 19.93
C TRP E 415 6.29 -0.13 18.98
N ARG E 416 6.64 0.72 18.02
CA ARG E 416 5.84 0.89 16.83
C ARG E 416 6.21 -0.29 15.94
N THR E 417 5.24 -1.18 15.66
CA THR E 417 5.53 -2.45 15.00
C THR E 417 6.47 -2.34 13.79
N GLU E 418 6.25 -1.35 12.93
CA GLU E 418 7.06 -1.20 11.74
C GLU E 418 8.53 -0.93 12.08
N GLU E 419 8.78 -0.35 13.25
CA GLU E 419 10.13 -0.09 13.71
C GLU E 419 10.77 -1.33 14.31
N TYR E 420 10.05 -2.00 15.20
CA TYR E 420 10.53 -3.24 15.78
C TYR E 420 10.96 -4.20 14.68
N LYS E 421 10.22 -4.21 13.58
CA LYS E 421 10.55 -5.09 12.46
C LYS E 421 11.95 -4.81 11.90
N GLU E 422 12.22 -3.57 11.54
CA GLU E 422 13.49 -3.21 10.92
C GLU E 422 14.67 -3.24 11.89
N ARG E 423 14.56 -2.45 12.97
CA ARG E 423 15.66 -2.25 13.90
C ARG E 423 16.01 -3.50 14.70
N THR E 424 15.38 -4.62 14.34
CA THR E 424 15.54 -5.86 15.08
C THR E 424 16.53 -6.83 14.44
N ARG E 425 16.54 -6.88 13.11
CA ARG E 425 17.36 -7.86 12.40
C ARG E 425 18.86 -7.63 12.57
N VAL E 426 19.20 -6.66 13.42
CA VAL E 426 20.59 -6.43 13.84
C VAL E 426 21.03 -7.52 14.81
N PHE E 427 20.06 -8.20 15.40
CA PHE E 427 20.31 -9.39 16.22
C PHE E 427 20.02 -10.64 15.38
N ASN E 428 20.22 -10.51 14.06
CA ASN E 428 20.07 -11.60 13.12
C ASN E 428 18.60 -11.87 12.75
CO CO F . 25.34 -42.00 0.68
CL CL G . 9.04 -52.93 -0.33
CO CO H . 31.71 30.81 -21.50
CL CL I . 17.18 41.55 -29.10
CO CO J . 25.54 -14.80 39.30
CL CL K . 9.08 -17.62 49.84
#